data_2DNO
#
_entry.id   2DNO
#
_entity_poly.entity_id   1
_entity_poly.type   'polypeptide(L)'
_entity_poly.pdbx_seq_one_letter_code
;GSSGSSGSRGEDRKLFVGMLGKQQTDEDVRKMFEPFGTIDECTVLRGPDGTSKGCAFVKFQTHAEAQAAINTLHSSRTLP
GASSSLVVKFADTEKESGPSSG
;
_entity_poly.pdbx_strand_id   A
#
# COMPACT_ATOMS: atom_id res chain seq x y z
N GLY A 1 -19.70 -11.86 -11.89
CA GLY A 1 -21.00 -11.22 -11.98
C GLY A 1 -21.29 -10.31 -10.81
N SER A 2 -20.70 -9.11 -10.84
CA SER A 2 -20.90 -8.14 -9.77
C SER A 2 -20.78 -8.81 -8.40
N SER A 3 -19.79 -9.69 -8.27
CA SER A 3 -19.58 -10.41 -7.02
C SER A 3 -18.31 -11.25 -7.09
N GLY A 4 -17.54 -11.24 -6.00
CA GLY A 4 -16.30 -12.00 -5.96
C GLY A 4 -15.11 -11.15 -5.57
N SER A 5 -14.75 -10.21 -6.44
CA SER A 5 -13.62 -9.32 -6.18
C SER A 5 -13.87 -8.46 -4.95
N SER A 6 -14.98 -7.73 -4.96
CA SER A 6 -15.34 -6.86 -3.85
C SER A 6 -15.62 -7.67 -2.59
N GLY A 7 -14.93 -7.33 -1.50
CA GLY A 7 -15.12 -8.04 -0.25
C GLY A 7 -13.80 -8.38 0.43
N SER A 8 -13.21 -7.38 1.08
CA SER A 8 -11.93 -7.57 1.76
C SER A 8 -12.04 -7.18 3.24
N ARG A 9 -11.27 -7.86 4.08
CA ARG A 9 -11.29 -7.59 5.52
C ARG A 9 -10.18 -6.62 5.89
N GLY A 10 -10.44 -5.80 6.92
CA GLY A 10 -9.46 -4.83 7.36
C GLY A 10 -9.84 -3.41 6.98
N GLU A 11 -10.76 -2.83 7.74
CA GLU A 11 -11.21 -1.46 7.48
C GLU A 11 -10.12 -0.46 7.83
N ASP A 12 -9.18 -0.28 6.90
CA ASP A 12 -8.08 0.65 7.11
C ASP A 12 -7.60 1.23 5.77
N ARG A 13 -7.85 2.52 5.57
CA ARG A 13 -7.45 3.19 4.34
C ARG A 13 -5.98 2.91 4.02
N LYS A 14 -5.10 3.23 4.95
CA LYS A 14 -3.67 3.01 4.77
C LYS A 14 -3.42 1.68 4.07
N LEU A 15 -2.39 1.65 3.22
CA LEU A 15 -2.04 0.45 2.48
C LEU A 15 -0.53 0.19 2.54
N PHE A 16 -0.14 -1.08 2.39
CA PHE A 16 1.26 -1.45 2.43
C PHE A 16 1.75 -1.86 1.04
N VAL A 17 2.62 -1.04 0.46
CA VAL A 17 3.17 -1.31 -0.86
C VAL A 17 4.56 -1.92 -0.77
N GLY A 18 4.86 -2.84 -1.68
CA GLY A 18 6.16 -3.49 -1.69
C GLY A 18 6.76 -3.56 -3.07
N MET A 19 7.87 -4.28 -3.19
CA MET A 19 8.56 -4.43 -4.47
C MET A 19 8.85 -3.06 -5.09
N LEU A 20 9.29 -2.13 -4.26
CA LEU A 20 9.60 -0.78 -4.73
C LEU A 20 11.08 -0.64 -5.07
N GLY A 21 11.40 0.20 -6.04
CA GLY A 21 12.77 0.41 -6.44
C GLY A 21 13.28 1.78 -6.06
N LYS A 22 14.60 1.90 -5.91
CA LYS A 22 15.23 3.17 -5.55
C LYS A 22 14.77 4.28 -6.48
N GLN A 23 14.46 3.92 -7.73
CA GLN A 23 14.01 4.89 -8.71
C GLN A 23 12.65 5.46 -8.34
N GLN A 24 11.72 4.58 -7.98
CA GLN A 24 10.38 5.00 -7.60
C GLN A 24 10.38 5.66 -6.23
N THR A 25 9.73 6.82 -6.14
CA THR A 25 9.66 7.56 -4.88
C THR A 25 8.25 8.09 -4.63
N ASP A 26 8.06 8.71 -3.47
CA ASP A 26 6.76 9.26 -3.11
C ASP A 26 6.07 9.88 -4.32
N GLU A 27 6.86 10.59 -5.14
CA GLU A 27 6.32 11.22 -6.34
C GLU A 27 5.70 10.19 -7.27
N ASP A 28 6.50 9.22 -7.70
CA ASP A 28 6.02 8.18 -8.60
C ASP A 28 4.84 7.43 -7.98
N VAL A 29 5.09 6.78 -6.85
CA VAL A 29 4.05 6.02 -6.16
C VAL A 29 2.78 6.86 -6.02
N ARG A 30 2.93 8.09 -5.54
CA ARG A 30 1.79 8.98 -5.36
C ARG A 30 1.01 9.15 -6.66
N LYS A 31 1.69 9.67 -7.67
CA LYS A 31 1.08 9.88 -8.98
C LYS A 31 0.71 8.56 -9.64
N MET A 32 1.31 7.48 -9.15
CA MET A 32 1.03 6.15 -9.69
C MET A 32 -0.14 5.50 -8.97
N PHE A 33 -0.40 5.95 -7.73
CA PHE A 33 -1.49 5.41 -6.95
C PHE A 33 -2.71 6.33 -6.98
N GLU A 34 -2.45 7.60 -7.29
CA GLU A 34 -3.52 8.60 -7.37
C GLU A 34 -4.58 8.19 -8.38
N PRO A 35 -4.13 7.68 -9.53
CA PRO A 35 -5.02 7.23 -10.61
C PRO A 35 -6.15 6.34 -10.10
N PHE A 36 -5.99 5.84 -8.87
CA PHE A 36 -6.99 4.98 -8.27
C PHE A 36 -7.55 5.60 -6.99
N GLY A 37 -7.60 6.93 -6.96
CA GLY A 37 -8.11 7.62 -5.79
C GLY A 37 -7.23 8.78 -5.37
N THR A 38 -7.78 9.67 -4.54
CA THR A 38 -7.03 10.83 -4.08
C THR A 38 -6.26 10.50 -2.81
N ILE A 39 -4.93 10.55 -2.90
CA ILE A 39 -4.07 10.26 -1.75
C ILE A 39 -3.96 11.47 -0.82
N ASP A 40 -3.97 11.22 0.47
CA ASP A 40 -3.86 12.29 1.46
C ASP A 40 -2.52 12.22 2.19
N GLU A 41 -2.12 11.02 2.58
CA GLU A 41 -0.86 10.82 3.28
C GLU A 41 -0.04 9.70 2.64
N CYS A 42 1.18 10.03 2.24
CA CYS A 42 2.06 9.05 1.61
C CYS A 42 3.47 9.13 2.20
N THR A 43 3.90 8.04 2.81
CA THR A 43 5.22 7.98 3.43
C THR A 43 6.01 6.77 2.93
N VAL A 44 7.25 7.00 2.52
CA VAL A 44 8.10 5.92 2.02
C VAL A 44 9.08 5.46 3.10
N LEU A 45 9.30 4.16 3.17
CA LEU A 45 10.22 3.59 4.15
C LEU A 45 11.63 3.48 3.58
N ARG A 46 12.52 4.32 4.08
CA ARG A 46 13.91 4.33 3.61
C ARG A 46 14.87 4.22 4.80
N GLY A 47 16.13 3.92 4.49
CA GLY A 47 17.14 3.79 5.54
C GLY A 47 17.91 5.08 5.76
N PRO A 48 19.20 4.94 6.12
CA PRO A 48 20.07 6.09 6.37
C PRO A 48 20.50 6.79 5.08
N ASP A 49 20.91 5.99 4.10
CA ASP A 49 21.36 6.52 2.81
C ASP A 49 20.16 6.79 1.90
N GLY A 50 19.08 7.30 2.48
CA GLY A 50 17.89 7.60 1.70
C GLY A 50 17.64 6.57 0.61
N THR A 51 17.88 5.31 0.93
CA THR A 51 17.68 4.23 -0.03
C THR A 51 16.33 3.55 0.17
N SER A 52 15.52 3.52 -0.89
CA SER A 52 14.20 2.91 -0.83
C SER A 52 14.29 1.45 -0.43
N LYS A 53 14.11 1.17 0.86
CA LYS A 53 14.18 -0.19 1.37
C LYS A 53 13.37 -1.14 0.49
N GLY A 54 12.27 -0.64 -0.07
CA GLY A 54 11.44 -1.46 -0.93
C GLY A 54 10.02 -1.57 -0.42
N CYS A 55 9.53 -0.51 0.21
CA CYS A 55 8.17 -0.49 0.75
C CYS A 55 7.73 0.93 1.07
N ALA A 56 6.43 1.19 0.93
CA ALA A 56 5.88 2.51 1.20
C ALA A 56 4.41 2.43 1.57
N PHE A 57 3.98 3.27 2.50
CA PHE A 57 2.59 3.30 2.94
C PHE A 57 1.81 4.39 2.22
N VAL A 58 0.58 4.06 1.81
CA VAL A 58 -0.27 5.02 1.12
C VAL A 58 -1.62 5.16 1.80
N LYS A 59 -2.08 6.39 1.96
CA LYS A 59 -3.36 6.66 2.60
C LYS A 59 -4.30 7.39 1.65
N PHE A 60 -5.21 6.66 1.04
CA PHE A 60 -6.18 7.23 0.11
C PHE A 60 -7.19 8.09 0.85
N GLN A 61 -7.98 8.84 0.09
CA GLN A 61 -9.01 9.71 0.68
C GLN A 61 -10.10 8.89 1.35
N THR A 62 -10.37 7.71 0.81
CA THR A 62 -11.40 6.83 1.36
C THR A 62 -11.06 5.37 1.09
N HIS A 63 -11.69 4.47 1.85
CA HIS A 63 -11.46 3.04 1.69
C HIS A 63 -11.76 2.59 0.27
N ALA A 64 -13.00 2.78 -0.16
CA ALA A 64 -13.42 2.39 -1.50
C ALA A 64 -12.31 2.65 -2.51
N GLU A 65 -11.66 3.80 -2.41
CA GLU A 65 -10.57 4.17 -3.31
C GLU A 65 -9.35 3.29 -3.07
N ALA A 66 -9.07 3.01 -1.79
CA ALA A 66 -7.93 2.19 -1.42
C ALA A 66 -7.98 0.83 -2.12
N GLN A 67 -9.09 0.12 -1.94
CA GLN A 67 -9.28 -1.19 -2.55
C GLN A 67 -9.09 -1.11 -4.07
N ALA A 68 -9.67 -0.09 -4.68
CA ALA A 68 -9.58 0.09 -6.12
C ALA A 68 -8.15 -0.18 -6.61
N ALA A 69 -7.20 0.57 -6.08
CA ALA A 69 -5.80 0.41 -6.46
C ALA A 69 -5.37 -1.05 -6.37
N ILE A 70 -5.34 -1.57 -5.15
CA ILE A 70 -4.95 -2.95 -4.92
C ILE A 70 -5.56 -3.88 -5.96
N ASN A 71 -6.88 -3.87 -6.05
CA ASN A 71 -7.60 -4.70 -7.01
C ASN A 71 -6.80 -4.86 -8.30
N THR A 72 -6.16 -3.77 -8.73
CA THR A 72 -5.36 -3.79 -9.95
C THR A 72 -3.87 -3.71 -9.63
N LEU A 73 -3.43 -2.53 -9.19
CA LEU A 73 -2.03 -2.32 -8.85
C LEU A 73 -1.42 -3.58 -8.25
N HIS A 74 -2.20 -4.27 -7.43
CA HIS A 74 -1.74 -5.50 -6.79
C HIS A 74 -1.18 -6.47 -7.82
N SER A 75 0.12 -6.75 -7.73
CA SER A 75 0.78 -7.66 -8.66
C SER A 75 0.40 -7.33 -10.10
N SER A 76 0.41 -6.04 -10.43
CA SER A 76 0.07 -5.59 -11.77
C SER A 76 1.32 -5.50 -12.64
N ARG A 77 2.12 -4.46 -12.40
CA ARG A 77 3.35 -4.25 -13.18
C ARG A 77 4.56 -4.74 -12.40
N THR A 78 5.71 -4.77 -13.07
CA THR A 78 6.95 -5.22 -12.44
C THR A 78 8.03 -4.14 -12.50
N LEU A 79 7.99 -3.22 -11.55
CA LEU A 79 8.95 -2.13 -11.49
C LEU A 79 10.35 -2.62 -11.87
N PRO A 80 11.15 -1.74 -12.47
CA PRO A 80 12.52 -2.06 -12.89
C PRO A 80 13.29 -2.79 -11.80
N GLY A 81 13.98 -3.86 -12.19
CA GLY A 81 14.76 -4.64 -11.24
C GLY A 81 13.98 -4.96 -9.98
N ALA A 82 12.86 -5.66 -10.15
CA ALA A 82 12.01 -6.04 -9.02
C ALA A 82 11.58 -7.50 -9.13
N SER A 83 12.08 -8.33 -8.22
CA SER A 83 11.74 -9.74 -8.21
C SER A 83 10.32 -9.98 -8.73
N SER A 84 9.35 -9.67 -7.89
CA SER A 84 7.94 -9.84 -8.25
C SER A 84 7.33 -8.52 -8.68
N SER A 85 6.03 -8.55 -8.97
CA SER A 85 5.32 -7.35 -9.41
C SER A 85 4.99 -6.45 -8.21
N LEU A 86 4.45 -5.27 -8.49
CA LEU A 86 4.09 -4.32 -7.45
C LEU A 86 3.16 -4.98 -6.42
N VAL A 87 3.73 -5.36 -5.28
CA VAL A 87 2.95 -5.99 -4.22
C VAL A 87 2.17 -4.95 -3.41
N VAL A 88 0.87 -4.87 -3.69
CA VAL A 88 0.01 -3.92 -2.99
C VAL A 88 -1.05 -4.64 -2.16
N LYS A 89 -1.05 -4.37 -0.87
CA LYS A 89 -2.01 -4.99 0.04
C LYS A 89 -2.24 -4.12 1.27
N PHE A 90 -3.48 -4.10 1.75
CA PHE A 90 -3.84 -3.30 2.92
C PHE A 90 -2.73 -3.36 3.97
N ALA A 91 -2.59 -2.29 4.73
CA ALA A 91 -1.57 -2.20 5.77
C ALA A 91 -2.17 -2.52 7.14
N ASP A 92 -1.29 -2.77 8.12
CA ASP A 92 -1.74 -3.09 9.47
C ASP A 92 -1.03 -2.19 10.49
N THR A 93 -1.82 -1.58 11.38
CA THR A 93 -1.28 -0.70 12.40
C THR A 93 -1.41 -1.32 13.79
N GLU A 94 -0.32 -1.30 14.54
CA GLU A 94 -0.31 -1.86 15.89
C GLU A 94 -1.65 -1.62 16.58
N LYS A 95 -2.20 -2.67 17.18
CA LYS A 95 -3.48 -2.58 17.88
C LYS A 95 -3.34 -3.01 19.34
N GLU A 96 -4.45 -3.02 20.06
CA GLU A 96 -4.44 -3.42 21.46
C GLU A 96 -5.54 -4.44 21.74
N SER A 97 -5.21 -5.72 21.55
CA SER A 97 -6.16 -6.79 21.78
C SER A 97 -5.81 -7.59 23.03
N GLY A 98 -6.81 -7.93 23.83
CA GLY A 98 -6.58 -8.68 25.04
C GLY A 98 -7.75 -8.62 26.00
N PRO A 99 -7.63 -9.33 27.14
CA PRO A 99 -8.68 -9.36 28.16
C PRO A 99 -9.22 -7.98 28.48
N SER A 100 -10.52 -7.90 28.75
CA SER A 100 -11.16 -6.63 29.07
C SER A 100 -10.98 -6.28 30.54
N SER A 101 -11.26 -7.24 31.41
CA SER A 101 -11.12 -7.03 32.85
C SER A 101 -10.08 -7.98 33.44
N GLY A 102 -8.86 -7.48 33.60
CA GLY A 102 -7.80 -8.29 34.15
C GLY A 102 -6.42 -7.88 33.65
N GLY A 1 -28.29 -19.22 8.35
CA GLY A 1 -27.64 -18.05 7.80
C GLY A 1 -26.13 -18.12 7.92
N SER A 2 -25.49 -16.96 8.02
CA SER A 2 -24.03 -16.90 8.14
C SER A 2 -23.61 -15.69 8.97
N SER A 3 -22.51 -15.85 9.69
CA SER A 3 -21.99 -14.77 10.53
C SER A 3 -20.50 -14.56 10.29
N GLY A 4 -20.06 -13.30 10.41
CA GLY A 4 -18.66 -12.98 10.19
C GLY A 4 -18.39 -11.49 10.27
N SER A 5 -17.86 -11.05 11.40
CA SER A 5 -17.56 -9.63 11.60
C SER A 5 -16.36 -9.21 10.76
N SER A 6 -15.32 -10.04 10.79
CA SER A 6 -14.10 -9.76 10.04
C SER A 6 -13.66 -8.31 10.23
N GLY A 7 -13.70 -7.85 11.47
CA GLY A 7 -13.32 -6.48 11.78
C GLY A 7 -13.03 -6.27 13.26
N SER A 8 -12.13 -5.35 13.56
CA SER A 8 -11.77 -5.05 14.94
C SER A 8 -12.29 -3.68 15.35
N ARG A 9 -12.00 -2.67 14.54
CA ARG A 9 -12.44 -1.30 14.82
C ARG A 9 -13.36 -0.79 13.71
N GLY A 10 -12.85 -0.79 12.48
CA GLY A 10 -13.64 -0.32 11.36
C GLY A 10 -13.02 -0.66 10.03
N GLU A 11 -12.66 0.35 9.26
CA GLU A 11 -12.04 0.16 7.95
C GLU A 11 -10.83 1.07 7.76
N ASP A 12 -9.64 0.48 7.82
CA ASP A 12 -8.40 1.24 7.66
C ASP A 12 -8.37 1.95 6.31
N ARG A 13 -7.32 2.74 6.08
CA ARG A 13 -7.17 3.47 4.83
C ARG A 13 -5.77 3.27 4.25
N LYS A 14 -4.76 3.45 5.09
CA LYS A 14 -3.37 3.30 4.67
C LYS A 14 -3.14 1.91 4.07
N LEU A 15 -2.31 1.86 3.04
CA LEU A 15 -1.99 0.60 2.38
C LEU A 15 -0.49 0.31 2.42
N PHE A 16 -0.13 -0.96 2.33
CA PHE A 16 1.27 -1.36 2.36
C PHE A 16 1.73 -1.81 0.97
N VAL A 17 2.64 -1.04 0.38
CA VAL A 17 3.16 -1.35 -0.95
C VAL A 17 4.58 -1.92 -0.86
N GLY A 18 4.86 -2.92 -1.68
CA GLY A 18 6.17 -3.53 -1.68
C GLY A 18 6.75 -3.68 -3.08
N MET A 19 7.87 -4.39 -3.18
CA MET A 19 8.51 -4.60 -4.47
C MET A 19 8.84 -3.27 -5.14
N LEU A 20 9.17 -2.27 -4.34
CA LEU A 20 9.50 -0.95 -4.86
C LEU A 20 10.99 -0.84 -5.17
N GLY A 21 11.35 0.14 -5.98
CA GLY A 21 12.74 0.33 -6.33
C GLY A 21 13.25 1.72 -5.96
N LYS A 22 14.56 1.85 -5.84
CA LYS A 22 15.18 3.12 -5.47
C LYS A 22 14.70 4.23 -6.41
N GLN A 23 14.74 3.97 -7.71
CA GLN A 23 14.29 4.95 -8.70
C GLN A 23 12.93 5.53 -8.32
N GLN A 24 11.97 4.66 -8.06
CA GLN A 24 10.63 5.09 -7.69
C GLN A 24 10.64 5.83 -6.36
N THR A 25 10.03 7.01 -6.35
CA THR A 25 9.97 7.82 -5.13
C THR A 25 8.53 8.20 -4.79
N ASP A 26 8.34 8.77 -3.61
CA ASP A 26 7.01 9.18 -3.16
C ASP A 26 6.19 9.70 -4.33
N GLU A 27 6.79 10.59 -5.13
CA GLU A 27 6.10 11.16 -6.27
C GLU A 27 5.54 10.07 -7.18
N ASP A 28 6.40 9.15 -7.59
CA ASP A 28 5.99 8.05 -8.46
C ASP A 28 4.80 7.31 -7.87
N VAL A 29 5.04 6.57 -6.79
CA VAL A 29 3.98 5.82 -6.13
C VAL A 29 2.69 6.63 -6.05
N ARG A 30 2.76 7.79 -5.41
CA ARG A 30 1.60 8.65 -5.25
C ARG A 30 0.90 8.87 -6.59
N LYS A 31 1.60 9.48 -7.54
CA LYS A 31 1.05 9.74 -8.87
C LYS A 31 0.62 8.44 -9.54
N MET A 32 1.21 7.33 -9.09
CA MET A 32 0.89 6.02 -9.64
C MET A 32 -0.30 5.40 -8.92
N PHE A 33 -0.57 5.89 -7.72
CA PHE A 33 -1.68 5.38 -6.91
C PHE A 33 -2.86 6.33 -6.94
N GLU A 34 -2.61 7.55 -7.41
CA GLU A 34 -3.66 8.58 -7.49
C GLU A 34 -4.75 8.16 -8.48
N PRO A 35 -4.32 7.60 -9.62
CA PRO A 35 -5.25 7.14 -10.66
C PRO A 35 -6.38 6.29 -10.11
N PHE A 36 -6.22 5.83 -8.87
CA PHE A 36 -7.22 5.00 -8.23
C PHE A 36 -7.75 5.68 -6.96
N GLY A 37 -7.77 7.00 -6.97
CA GLY A 37 -8.24 7.75 -5.82
C GLY A 37 -7.29 8.85 -5.40
N THR A 38 -7.73 9.68 -4.45
CA THR A 38 -6.90 10.78 -3.97
C THR A 38 -6.14 10.39 -2.71
N ILE A 39 -4.83 10.55 -2.74
CA ILE A 39 -3.98 10.21 -1.59
C ILE A 39 -3.89 11.38 -0.62
N ASP A 40 -4.02 11.07 0.67
CA ASP A 40 -3.94 12.10 1.71
C ASP A 40 -2.53 12.20 2.28
N GLU A 41 -1.91 11.04 2.50
CA GLU A 41 -0.56 10.99 3.05
C GLU A 41 0.23 9.81 2.46
N CYS A 42 1.43 10.10 1.98
CA CYS A 42 2.27 9.07 1.39
C CYS A 42 3.70 9.18 1.92
N THR A 43 4.18 8.10 2.55
CA THR A 43 5.52 8.08 3.10
C THR A 43 6.22 6.78 2.77
N VAL A 44 7.48 6.88 2.33
CA VAL A 44 8.26 5.70 1.98
C VAL A 44 9.22 5.32 3.11
N LEU A 45 9.35 4.02 3.35
CA LEU A 45 10.24 3.53 4.40
C LEU A 45 11.67 3.39 3.88
N ARG A 46 12.64 3.76 4.72
CA ARG A 46 14.04 3.68 4.34
C ARG A 46 14.90 3.35 5.56
N GLY A 47 16.16 2.97 5.31
CA GLY A 47 17.06 2.64 6.38
C GLY A 47 17.84 3.84 6.88
N PRO A 48 18.72 3.61 7.87
CA PRO A 48 19.55 4.66 8.46
C PRO A 48 20.19 5.56 7.41
N ASP A 49 20.85 4.94 6.44
CA ASP A 49 21.50 5.68 5.36
C ASP A 49 20.48 6.45 4.53
N GLY A 50 19.34 5.81 4.27
CA GLY A 50 18.30 6.44 3.48
C GLY A 50 18.05 5.73 2.18
N THR A 51 18.09 4.40 2.21
CA THR A 51 17.87 3.60 1.00
C THR A 51 16.46 3.01 0.99
N SER A 52 15.79 3.11 -0.15
CA SER A 52 14.44 2.60 -0.30
C SER A 52 14.40 1.10 0.01
N LYS A 53 14.20 0.77 1.28
CA LYS A 53 14.14 -0.62 1.70
C LYS A 53 13.32 -1.46 0.71
N GLY A 54 12.35 -0.82 0.06
CA GLY A 54 11.52 -1.51 -0.91
C GLY A 54 10.07 -1.60 -0.45
N CYS A 55 9.59 -0.55 0.19
CA CYS A 55 8.21 -0.52 0.67
C CYS A 55 7.82 0.89 1.10
N ALA A 56 6.52 1.17 1.04
CA ALA A 56 6.01 2.48 1.42
C ALA A 56 4.54 2.42 1.79
N PHE A 57 4.08 3.39 2.57
CA PHE A 57 2.68 3.44 3.00
C PHE A 57 1.92 4.52 2.24
N VAL A 58 0.82 4.13 1.60
CA VAL A 58 0.01 5.07 0.84
C VAL A 58 -1.40 5.16 1.40
N LYS A 59 -1.81 6.37 1.78
CA LYS A 59 -3.14 6.59 2.34
C LYS A 59 -4.07 7.20 1.31
N PHE A 60 -5.25 6.60 1.15
CA PHE A 60 -6.24 7.09 0.19
C PHE A 60 -7.29 7.95 0.88
N GLN A 61 -8.02 8.73 0.09
CA GLN A 61 -9.06 9.59 0.63
C GLN A 61 -10.16 8.78 1.30
N THR A 62 -10.57 7.69 0.64
CA THR A 62 -11.62 6.83 1.18
C THR A 62 -11.29 5.36 0.94
N HIS A 63 -11.57 4.53 1.94
CA HIS A 63 -11.32 3.10 1.85
C HIS A 63 -11.66 2.57 0.45
N ALA A 64 -12.92 2.74 0.07
CA ALA A 64 -13.39 2.28 -1.24
C ALA A 64 -12.31 2.47 -2.29
N GLU A 65 -11.74 3.67 -2.35
CA GLU A 65 -10.69 3.97 -3.32
C GLU A 65 -9.52 3.01 -3.18
N ALA A 66 -9.00 2.90 -1.97
CA ALA A 66 -7.87 2.01 -1.69
C ALA A 66 -8.07 0.66 -2.37
N GLN A 67 -9.20 0.01 -2.06
CA GLN A 67 -9.50 -1.30 -2.63
C GLN A 67 -9.36 -1.27 -4.15
N ALA A 68 -9.91 -0.23 -4.77
CA ALA A 68 -9.86 -0.08 -6.22
C ALA A 68 -8.43 -0.20 -6.73
N ALA A 69 -7.50 0.43 -6.02
CA ALA A 69 -6.10 0.40 -6.40
C ALA A 69 -5.55 -1.02 -6.34
N ILE A 70 -5.62 -1.63 -5.16
CA ILE A 70 -5.13 -2.99 -4.98
C ILE A 70 -5.67 -3.93 -6.06
N ASN A 71 -6.99 -4.00 -6.16
CA ASN A 71 -7.64 -4.86 -7.15
C ASN A 71 -6.86 -4.86 -8.46
N THR A 72 -6.34 -3.69 -8.83
CA THR A 72 -5.57 -3.55 -10.06
C THR A 72 -4.07 -3.52 -9.78
N LEU A 73 -3.61 -2.41 -9.19
CA LEU A 73 -2.20 -2.25 -8.87
C LEU A 73 -1.60 -3.56 -8.37
N HIS A 74 -2.24 -4.16 -7.37
CA HIS A 74 -1.78 -5.41 -6.80
C HIS A 74 -1.17 -6.30 -7.87
N SER A 75 0.09 -6.67 -7.68
CA SER A 75 0.79 -7.53 -8.64
C SER A 75 0.43 -7.14 -10.06
N SER A 76 0.53 -5.85 -10.38
CA SER A 76 0.21 -5.36 -11.72
C SER A 76 1.46 -5.26 -12.58
N ARG A 77 2.27 -4.25 -12.30
CA ARG A 77 3.51 -4.05 -13.05
C ARG A 77 4.71 -4.60 -12.29
N THR A 78 5.89 -4.49 -12.90
CA THR A 78 7.12 -4.98 -12.28
C THR A 78 8.23 -3.95 -12.37
N LEU A 79 8.16 -2.94 -11.51
CA LEU A 79 9.17 -1.87 -11.49
C LEU A 79 10.55 -2.44 -11.79
N PRO A 80 11.36 -1.65 -12.52
CA PRO A 80 12.73 -2.05 -12.89
C PRO A 80 13.51 -2.62 -11.70
N GLY A 81 14.02 -3.83 -11.86
CA GLY A 81 14.78 -4.47 -10.81
C GLY A 81 13.92 -4.85 -9.62
N ALA A 82 12.86 -5.61 -9.89
CA ALA A 82 11.95 -6.04 -8.83
C ALA A 82 11.51 -7.49 -9.03
N SER A 83 11.96 -8.37 -8.16
CA SER A 83 11.64 -9.79 -8.24
C SER A 83 10.23 -9.98 -8.83
N SER A 84 9.21 -9.72 -8.02
CA SER A 84 7.83 -9.87 -8.46
C SER A 84 7.23 -8.51 -8.83
N SER A 85 5.95 -8.51 -9.15
CA SER A 85 5.25 -7.28 -9.52
C SER A 85 4.87 -6.48 -8.28
N LEU A 86 4.60 -5.19 -8.48
CA LEU A 86 4.22 -4.31 -7.38
C LEU A 86 3.25 -5.01 -6.44
N VAL A 87 3.71 -5.29 -5.22
CA VAL A 87 2.88 -5.94 -4.23
C VAL A 87 2.09 -4.93 -3.40
N VAL A 88 0.83 -4.73 -3.79
CA VAL A 88 -0.04 -3.78 -3.09
C VAL A 88 -1.03 -4.51 -2.19
N LYS A 89 -1.07 -4.11 -0.92
CA LYS A 89 -1.96 -4.71 0.06
C LYS A 89 -2.38 -3.70 1.11
N PHE A 90 -3.22 -4.15 2.04
CA PHE A 90 -3.70 -3.28 3.11
C PHE A 90 -2.69 -3.21 4.26
N ALA A 91 -2.78 -2.15 5.05
CA ALA A 91 -1.87 -1.96 6.18
C ALA A 91 -2.55 -2.31 7.49
N ASP A 92 -1.77 -2.37 8.57
CA ASP A 92 -2.31 -2.69 9.89
C ASP A 92 -2.84 -4.12 9.92
N THR A 93 -2.20 -5.00 9.17
CA THR A 93 -2.61 -6.41 9.11
C THR A 93 -1.76 -7.26 10.05
N GLU A 94 -2.43 -8.01 10.92
CA GLU A 94 -1.74 -8.88 11.87
C GLU A 94 -2.38 -10.26 11.90
N LYS A 95 -1.54 -11.28 12.04
CA LYS A 95 -2.01 -12.66 12.09
C LYS A 95 -1.98 -13.20 13.51
N GLU A 96 -2.39 -12.37 14.46
CA GLU A 96 -2.40 -12.77 15.87
C GLU A 96 -3.54 -13.74 16.15
N SER A 97 -3.22 -14.85 16.81
CA SER A 97 -4.22 -15.86 17.14
C SER A 97 -3.65 -16.87 18.13
N GLY A 98 -4.35 -17.03 19.25
CA GLY A 98 -3.90 -17.97 20.27
C GLY A 98 -4.71 -19.25 20.26
N PRO A 99 -4.05 -20.37 20.58
CA PRO A 99 -4.69 -21.69 20.62
C PRO A 99 -5.53 -21.89 21.89
N SER A 100 -6.82 -22.07 21.70
CA SER A 100 -7.74 -22.26 22.83
C SER A 100 -8.05 -23.75 23.02
N SER A 101 -7.19 -24.44 23.75
CA SER A 101 -7.38 -25.87 24.01
C SER A 101 -8.72 -26.13 24.69
N GLY A 102 -9.54 -26.96 24.07
CA GLY A 102 -10.84 -27.27 24.63
C GLY A 102 -11.97 -27.10 23.62
N GLY A 1 -29.48 -10.61 -9.88
CA GLY A 1 -28.48 -9.75 -10.47
C GLY A 1 -27.08 -10.15 -10.10
N SER A 2 -26.14 -9.22 -10.22
CA SER A 2 -24.74 -9.49 -9.92
C SER A 2 -24.05 -8.24 -9.39
N SER A 3 -23.02 -8.43 -8.57
CA SER A 3 -22.28 -7.31 -8.00
C SER A 3 -20.78 -7.56 -8.08
N GLY A 4 -20.36 -8.75 -7.66
CA GLY A 4 -18.95 -9.09 -7.69
C GLY A 4 -18.47 -9.72 -6.39
N SER A 5 -17.69 -8.98 -5.63
CA SER A 5 -17.16 -9.47 -4.37
C SER A 5 -17.27 -8.41 -3.28
N SER A 6 -17.13 -8.83 -2.03
CA SER A 6 -17.22 -7.91 -0.89
C SER A 6 -15.83 -7.47 -0.45
N GLY A 7 -14.81 -7.85 -1.22
CA GLY A 7 -13.45 -7.48 -0.89
C GLY A 7 -12.95 -8.17 0.36
N SER A 8 -12.37 -7.40 1.28
CA SER A 8 -11.84 -7.95 2.52
C SER A 8 -12.50 -7.28 3.73
N ARG A 9 -12.06 -7.67 4.92
CA ARG A 9 -12.60 -7.11 6.15
C ARG A 9 -11.62 -6.13 6.78
N GLY A 10 -10.93 -5.36 5.94
CA GLY A 10 -9.96 -4.39 6.42
C GLY A 10 -10.43 -2.97 6.23
N GLU A 11 -10.87 -2.33 7.31
CA GLU A 11 -11.35 -0.96 7.25
C GLU A 11 -10.20 0.03 7.44
N ASP A 12 -9.06 -0.25 6.79
CA ASP A 12 -7.90 0.61 6.89
C ASP A 12 -7.65 1.34 5.58
N ARG A 13 -7.63 2.67 5.64
CA ARG A 13 -7.40 3.49 4.45
C ARG A 13 -5.98 3.28 3.92
N LYS A 14 -5.01 3.28 4.82
CA LYS A 14 -3.62 3.10 4.44
C LYS A 14 -3.42 1.77 3.70
N LEU A 15 -2.36 1.70 2.91
CA LEU A 15 -2.07 0.50 2.14
C LEU A 15 -0.56 0.23 2.10
N PHE A 16 -0.17 -1.00 2.40
CA PHE A 16 1.23 -1.38 2.41
C PHE A 16 1.69 -1.81 1.01
N VAL A 17 2.69 -1.13 0.48
CA VAL A 17 3.21 -1.43 -0.84
C VAL A 17 4.65 -1.94 -0.76
N GLY A 18 4.94 -2.98 -1.53
CA GLY A 18 6.27 -3.55 -1.54
C GLY A 18 6.82 -3.77 -2.94
N MET A 19 8.03 -4.29 -3.02
CA MET A 19 8.67 -4.54 -4.32
C MET A 19 8.85 -3.26 -5.11
N LEU A 20 9.36 -2.23 -4.43
CA LEU A 20 9.59 -0.93 -5.06
C LEU A 20 11.07 -0.75 -5.41
N GLY A 21 11.35 0.19 -6.31
CA GLY A 21 12.71 0.45 -6.71
C GLY A 21 13.17 1.86 -6.36
N LYS A 22 14.47 2.06 -6.33
CA LYS A 22 15.04 3.37 -6.01
C LYS A 22 14.34 4.47 -6.81
N GLN A 23 14.20 4.25 -8.11
CA GLN A 23 13.55 5.23 -8.98
C GLN A 23 12.20 5.63 -8.43
N GLN A 24 11.34 4.65 -8.17
CA GLN A 24 10.01 4.90 -7.64
C GLN A 24 10.08 5.44 -6.22
N THR A 25 9.70 6.70 -6.05
CA THR A 25 9.72 7.34 -4.73
C THR A 25 8.33 7.82 -4.33
N ASP A 26 8.22 8.35 -3.12
CA ASP A 26 6.96 8.86 -2.61
C ASP A 26 6.17 9.56 -3.72
N GLU A 27 6.88 10.36 -4.51
CA GLU A 27 6.24 11.10 -5.60
C GLU A 27 5.62 10.14 -6.61
N ASP A 28 6.43 9.21 -7.10
CA ASP A 28 5.97 8.24 -8.08
C ASP A 28 4.77 7.47 -7.56
N VAL A 29 5.01 6.58 -6.60
CA VAL A 29 3.95 5.77 -6.01
C VAL A 29 2.68 6.59 -5.81
N ARG A 30 2.85 7.84 -5.36
CA ARG A 30 1.72 8.72 -5.14
C ARG A 30 0.96 8.98 -6.44
N LYS A 31 1.63 9.59 -7.40
CA LYS A 31 1.01 9.89 -8.69
C LYS A 31 0.59 8.61 -9.40
N MET A 32 1.19 7.49 -9.00
CA MET A 32 0.87 6.20 -9.60
C MET A 32 -0.35 5.58 -8.93
N PHE A 33 -0.62 5.99 -7.69
CA PHE A 33 -1.76 5.48 -6.94
C PHE A 33 -2.95 6.43 -7.03
N GLU A 34 -2.69 7.66 -7.47
CA GLU A 34 -3.73 8.66 -7.60
C GLU A 34 -4.81 8.20 -8.57
N PRO A 35 -4.38 7.61 -9.69
CA PRO A 35 -5.30 7.11 -10.72
C PRO A 35 -6.43 6.28 -10.15
N PHE A 36 -6.27 5.87 -8.89
CA PHE A 36 -7.28 5.05 -8.22
C PHE A 36 -7.82 5.77 -6.98
N GLY A 37 -7.84 7.11 -7.04
CA GLY A 37 -8.34 7.89 -5.92
C GLY A 37 -7.37 8.98 -5.51
N THR A 38 -7.78 9.80 -4.55
CA THR A 38 -6.94 10.89 -4.07
C THR A 38 -6.10 10.45 -2.86
N ILE A 39 -4.81 10.74 -2.91
CA ILE A 39 -3.90 10.38 -1.83
C ILE A 39 -3.75 11.53 -0.84
N ASP A 40 -3.90 11.22 0.44
CA ASP A 40 -3.78 12.22 1.50
C ASP A 40 -2.42 12.13 2.18
N GLU A 41 -2.00 10.91 2.50
CA GLU A 41 -0.71 10.69 3.16
C GLU A 41 0.11 9.65 2.41
N CYS A 42 1.35 9.99 2.10
CA CYS A 42 2.24 9.09 1.39
C CYS A 42 3.68 9.18 1.92
N THR A 43 4.26 8.03 2.24
CA THR A 43 5.61 7.99 2.78
C THR A 43 6.35 6.74 2.29
N VAL A 44 7.68 6.79 2.34
CA VAL A 44 8.50 5.67 1.91
C VAL A 44 9.36 5.15 3.05
N LEU A 45 9.36 3.83 3.24
CA LEU A 45 10.14 3.20 4.30
C LEU A 45 11.59 3.01 3.86
N ARG A 46 12.51 3.16 4.81
CA ARG A 46 13.93 3.00 4.51
C ARG A 46 14.63 2.26 5.65
N GLY A 47 15.86 1.83 5.39
CA GLY A 47 16.62 1.10 6.40
C GLY A 47 17.53 2.01 7.20
N PRO A 48 18.21 1.44 8.20
CA PRO A 48 19.13 2.19 9.07
C PRO A 48 20.05 3.11 8.28
N ASP A 49 20.37 2.71 7.05
CA ASP A 49 21.25 3.51 6.19
C ASP A 49 20.48 4.68 5.58
N GLY A 50 19.29 4.39 5.05
CA GLY A 50 18.49 5.42 4.44
C GLY A 50 17.98 5.04 3.06
N THR A 51 18.64 4.05 2.46
CA THR A 51 18.26 3.58 1.13
C THR A 51 16.87 2.94 1.15
N SER A 52 16.07 3.27 0.15
CA SER A 52 14.71 2.73 0.05
C SER A 52 14.75 1.20 -0.03
N LYS A 53 14.26 0.56 1.04
CA LYS A 53 14.23 -0.90 1.10
C LYS A 53 13.41 -1.47 -0.05
N GLY A 54 12.36 -0.76 -0.43
CA GLY A 54 11.51 -1.22 -1.52
C GLY A 54 10.05 -1.28 -1.13
N CYS A 55 9.68 -0.51 -0.11
CA CYS A 55 8.29 -0.48 0.36
C CYS A 55 7.88 0.93 0.75
N ALA A 56 6.57 1.18 0.72
CA ALA A 56 6.05 2.50 1.07
C ALA A 56 4.60 2.39 1.56
N PHE A 57 4.14 3.44 2.23
CA PHE A 57 2.78 3.47 2.76
C PHE A 57 1.94 4.53 2.06
N VAL A 58 0.82 4.11 1.49
CA VAL A 58 -0.07 5.02 0.78
C VAL A 58 -1.42 5.11 1.48
N LYS A 59 -1.95 6.34 1.59
CA LYS A 59 -3.23 6.57 2.23
C LYS A 59 -4.21 7.25 1.28
N PHE A 60 -5.33 6.60 1.02
CA PHE A 60 -6.34 7.14 0.12
C PHE A 60 -7.38 7.95 0.90
N GLN A 61 -8.02 8.90 0.21
CA GLN A 61 -9.03 9.74 0.83
C GLN A 61 -10.09 8.89 1.51
N THR A 62 -10.51 7.81 0.85
CA THR A 62 -11.53 6.92 1.39
C THR A 62 -11.14 5.46 1.19
N HIS A 63 -11.80 4.57 1.92
CA HIS A 63 -11.53 3.14 1.82
C HIS A 63 -11.80 2.64 0.40
N ALA A 64 -13.02 2.86 -0.08
CA ALA A 64 -13.40 2.42 -1.42
C ALA A 64 -12.24 2.56 -2.39
N GLU A 65 -11.83 3.80 -2.66
CA GLU A 65 -10.74 4.07 -3.59
C GLU A 65 -9.53 3.20 -3.25
N ALA A 66 -9.31 2.97 -1.95
CA ALA A 66 -8.19 2.16 -1.49
C ALA A 66 -8.25 0.75 -2.10
N GLN A 67 -9.38 0.09 -1.93
CA GLN A 67 -9.56 -1.25 -2.46
C GLN A 67 -9.32 -1.28 -3.97
N ALA A 68 -9.83 -0.28 -4.67
CA ALA A 68 -9.67 -0.19 -6.11
C ALA A 68 -8.23 -0.45 -6.51
N ALA A 69 -7.34 0.43 -6.07
CA ALA A 69 -5.91 0.30 -6.39
C ALA A 69 -5.47 -1.15 -6.32
N ILE A 70 -5.47 -1.71 -5.11
CA ILE A 70 -5.07 -3.10 -4.90
C ILE A 70 -5.60 -3.99 -6.01
N ASN A 71 -6.92 -4.01 -6.17
CA ASN A 71 -7.56 -4.83 -7.20
C ASN A 71 -6.69 -4.90 -8.45
N THR A 72 -6.15 -3.76 -8.86
CA THR A 72 -5.30 -3.70 -10.04
C THR A 72 -3.82 -3.61 -9.66
N LEU A 73 -3.41 -2.47 -9.12
CA LEU A 73 -2.03 -2.26 -8.71
C LEU A 73 -1.42 -3.56 -8.16
N HIS A 74 -2.11 -4.16 -7.20
CA HIS A 74 -1.64 -5.41 -6.60
C HIS A 74 -0.95 -6.28 -7.64
N SER A 75 0.33 -6.54 -7.43
CA SER A 75 1.10 -7.37 -8.36
C SER A 75 0.71 -7.07 -9.81
N SER A 76 0.75 -5.79 -10.17
CA SER A 76 0.40 -5.38 -11.53
C SER A 76 1.63 -5.34 -12.42
N ARG A 77 2.46 -4.33 -12.23
CA ARG A 77 3.68 -4.17 -13.01
C ARG A 77 4.90 -4.68 -12.24
N THR A 78 6.05 -4.68 -12.91
CA THR A 78 7.28 -5.14 -12.29
C THR A 78 8.41 -4.13 -12.47
N LEU A 79 8.37 -3.05 -11.67
CA LEU A 79 9.38 -2.01 -11.74
C LEU A 79 10.75 -2.61 -11.99
N PRO A 80 11.57 -1.90 -12.79
CA PRO A 80 12.93 -2.33 -13.13
C PRO A 80 13.71 -2.79 -11.91
N GLY A 81 14.10 -4.06 -11.90
CA GLY A 81 14.86 -4.59 -10.78
C GLY A 81 13.97 -4.93 -9.60
N ALA A 82 12.92 -5.69 -9.84
CA ALA A 82 11.99 -6.08 -8.79
C ALA A 82 11.55 -7.53 -8.95
N SER A 83 12.00 -8.38 -8.05
CA SER A 83 11.65 -9.80 -8.10
C SER A 83 10.24 -10.00 -8.68
N SER A 84 9.23 -9.70 -7.87
CA SER A 84 7.85 -9.85 -8.30
C SER A 84 7.26 -8.50 -8.70
N SER A 85 5.97 -8.49 -9.02
CA SER A 85 5.29 -7.27 -9.43
C SER A 85 5.07 -6.35 -8.24
N LEU A 86 4.43 -5.21 -8.49
CA LEU A 86 4.15 -4.24 -7.44
C LEU A 86 3.15 -4.80 -6.43
N VAL A 87 3.67 -5.32 -5.31
CA VAL A 87 2.81 -5.89 -4.28
C VAL A 87 2.07 -4.79 -3.51
N VAL A 88 0.76 -4.73 -3.71
CA VAL A 88 -0.06 -3.73 -3.04
C VAL A 88 -1.17 -4.39 -2.22
N LYS A 89 -1.31 -3.97 -0.97
CA LYS A 89 -2.32 -4.51 -0.08
C LYS A 89 -2.61 -3.56 1.07
N PHE A 90 -3.52 -3.95 1.95
CA PHE A 90 -3.90 -3.13 3.10
C PHE A 90 -2.80 -3.16 4.16
N ALA A 91 -2.72 -2.08 4.93
CA ALA A 91 -1.72 -1.99 5.99
C ALA A 91 -2.20 -2.64 7.27
N ASP A 92 -1.29 -2.91 8.19
CA ASP A 92 -1.63 -3.52 9.46
C ASP A 92 -1.11 -2.69 10.63
N THR A 93 -1.96 -1.81 11.14
CA THR A 93 -1.59 -0.95 12.26
C THR A 93 -2.77 -0.71 13.19
N GLU A 94 -2.68 -1.24 14.40
CA GLU A 94 -3.75 -1.08 15.39
C GLU A 94 -3.66 0.28 16.08
N LYS A 95 -4.73 1.06 15.98
CA LYS A 95 -4.77 2.38 16.59
C LYS A 95 -5.14 2.29 18.07
N GLU A 96 -6.34 1.78 18.33
CA GLU A 96 -6.82 1.63 19.71
C GLU A 96 -6.28 0.34 20.33
N SER A 97 -6.10 0.37 21.65
CA SER A 97 -5.58 -0.78 22.38
C SER A 97 -6.72 -1.58 23.00
N GLY A 98 -7.58 -0.90 23.76
CA GLY A 98 -8.69 -1.57 24.40
C GLY A 98 -8.81 -1.21 25.87
N PRO A 99 -9.23 0.03 26.14
CA PRO A 99 -9.40 0.53 27.52
C PRO A 99 -10.67 0.00 28.18
N SER A 100 -11.69 -0.24 27.36
CA SER A 100 -12.96 -0.74 27.87
C SER A 100 -13.26 -2.14 27.31
N SER A 101 -14.33 -2.74 27.78
CA SER A 101 -14.73 -4.07 27.34
C SER A 101 -15.70 -3.99 26.17
N GLY A 102 -15.77 -5.08 25.39
CA GLY A 102 -16.67 -5.11 24.25
C GLY A 102 -16.29 -4.09 23.19
N GLY A 1 -29.57 -12.66 -13.70
CA GLY A 1 -30.12 -11.56 -12.93
C GLY A 1 -29.04 -10.71 -12.29
N SER A 2 -29.10 -10.57 -10.97
CA SER A 2 -28.12 -9.78 -10.24
C SER A 2 -27.96 -10.29 -8.80
N SER A 3 -26.73 -10.62 -8.44
CA SER A 3 -26.44 -11.13 -7.10
C SER A 3 -25.10 -10.61 -6.60
N GLY A 4 -24.87 -10.72 -5.30
CA GLY A 4 -23.62 -10.25 -4.71
C GLY A 4 -23.84 -9.42 -3.47
N SER A 5 -22.80 -9.29 -2.66
CA SER A 5 -22.89 -8.52 -1.42
C SER A 5 -21.65 -7.64 -1.24
N SER A 6 -21.66 -6.83 -0.19
CA SER A 6 -20.54 -5.94 0.10
C SER A 6 -20.11 -6.05 1.56
N GLY A 7 -19.03 -6.78 1.80
CA GLY A 7 -18.53 -6.96 3.14
C GLY A 7 -17.31 -6.11 3.44
N SER A 8 -17.38 -5.29 4.48
CA SER A 8 -16.28 -4.42 4.85
C SER A 8 -15.60 -4.91 6.13
N ARG A 9 -14.43 -5.54 5.98
CA ARG A 9 -13.68 -6.06 7.11
C ARG A 9 -12.34 -5.36 7.26
N GLY A 10 -12.26 -4.42 8.19
CA GLY A 10 -11.03 -3.69 8.40
C GLY A 10 -11.20 -2.19 8.18
N GLU A 11 -11.49 -1.81 6.95
CA GLU A 11 -11.68 -0.40 6.62
C GLU A 11 -10.40 0.39 6.86
N ASP A 12 -9.26 -0.18 6.46
CA ASP A 12 -7.98 0.46 6.64
C ASP A 12 -7.59 1.25 5.39
N ARG A 13 -7.48 2.57 5.54
CA ARG A 13 -7.11 3.44 4.43
C ARG A 13 -5.69 3.15 3.96
N LYS A 14 -4.72 3.33 4.84
CA LYS A 14 -3.33 3.09 4.52
C LYS A 14 -3.16 1.76 3.81
N LEU A 15 -2.25 1.71 2.83
CA LEU A 15 -1.99 0.49 2.08
C LEU A 15 -0.50 0.18 2.03
N PHE A 16 -0.13 -1.03 2.41
CA PHE A 16 1.27 -1.45 2.41
C PHE A 16 1.72 -1.82 1.00
N VAL A 17 2.76 -1.14 0.52
CA VAL A 17 3.30 -1.41 -0.81
C VAL A 17 4.70 -1.98 -0.74
N GLY A 18 5.01 -2.90 -1.64
CA GLY A 18 6.33 -3.52 -1.66
C GLY A 18 6.87 -3.68 -3.07
N MET A 19 8.04 -4.30 -3.18
CA MET A 19 8.67 -4.51 -4.48
C MET A 19 8.98 -3.18 -5.16
N LEU A 20 9.32 -2.18 -4.35
CA LEU A 20 9.64 -0.86 -4.87
C LEU A 20 11.14 -0.73 -5.17
N GLY A 21 11.48 0.10 -6.15
CA GLY A 21 12.87 0.29 -6.50
C GLY A 21 13.33 1.72 -6.28
N LYS A 22 14.60 1.87 -5.91
CA LYS A 22 15.17 3.19 -5.66
C LYS A 22 14.67 4.20 -6.67
N GLN A 23 14.58 3.77 -7.93
CA GLN A 23 14.11 4.65 -9.00
C GLN A 23 12.79 5.30 -8.63
N GLN A 24 11.83 4.49 -8.19
CA GLN A 24 10.52 4.99 -7.80
C GLN A 24 10.58 5.73 -6.47
N THR A 25 9.95 6.89 -6.41
CA THR A 25 9.94 7.69 -5.19
C THR A 25 8.52 8.02 -4.76
N ASP A 26 8.39 8.76 -3.67
CA ASP A 26 7.08 9.15 -3.15
C ASP A 26 6.25 9.82 -4.24
N GLU A 27 6.87 10.70 -5.00
CA GLU A 27 6.18 11.41 -6.07
C GLU A 27 5.62 10.43 -7.10
N ASP A 28 6.35 9.35 -7.35
CA ASP A 28 5.92 8.35 -8.30
C ASP A 28 4.74 7.55 -7.76
N VAL A 29 4.97 6.80 -6.69
CA VAL A 29 3.92 6.00 -6.08
C VAL A 29 2.64 6.81 -5.88
N ARG A 30 2.79 8.03 -5.36
CA ARG A 30 1.65 8.90 -5.12
C ARG A 30 0.88 9.15 -6.42
N LYS A 31 1.53 9.80 -7.37
CA LYS A 31 0.91 10.10 -8.66
C LYS A 31 0.53 8.82 -9.39
N MET A 32 1.15 7.71 -9.00
CA MET A 32 0.87 6.43 -9.62
C MET A 32 -0.33 5.76 -8.97
N PHE A 33 -0.63 6.16 -7.74
CA PHE A 33 -1.76 5.60 -7.01
C PHE A 33 -2.96 6.53 -7.07
N GLU A 34 -2.73 7.78 -7.46
CA GLU A 34 -3.79 8.78 -7.56
C GLU A 34 -4.86 8.31 -8.54
N PRO A 35 -4.42 7.75 -9.67
CA PRO A 35 -5.34 7.26 -10.71
C PRO A 35 -6.46 6.40 -10.14
N PHE A 36 -6.29 5.96 -8.90
CA PHE A 36 -7.28 5.12 -8.24
C PHE A 36 -7.82 5.81 -6.99
N GLY A 37 -7.87 7.14 -7.02
CA GLY A 37 -8.37 7.89 -5.89
C GLY A 37 -7.42 8.99 -5.47
N THR A 38 -7.84 9.79 -4.49
CA THR A 38 -7.03 10.89 -4.00
C THR A 38 -6.22 10.48 -2.76
N ILE A 39 -4.90 10.52 -2.89
CA ILE A 39 -4.02 10.15 -1.78
C ILE A 39 -3.93 11.27 -0.75
N ASP A 40 -4.23 10.94 0.50
CA ASP A 40 -4.18 11.92 1.58
C ASP A 40 -2.77 12.00 2.18
N GLU A 41 -2.20 10.84 2.49
CA GLU A 41 -0.86 10.78 3.07
C GLU A 41 -0.03 9.69 2.40
N CYS A 42 1.16 10.07 1.94
CA CYS A 42 2.05 9.12 1.28
C CYS A 42 3.43 9.13 1.93
N THR A 43 3.76 8.04 2.62
CA THR A 43 5.05 7.93 3.29
C THR A 43 5.83 6.73 2.77
N VAL A 44 7.14 6.90 2.64
CA VAL A 44 8.02 5.84 2.15
C VAL A 44 9.05 5.45 3.20
N LEU A 45 9.26 4.15 3.35
CA LEU A 45 10.22 3.64 4.32
C LEU A 45 11.62 3.57 3.73
N ARG A 46 12.53 4.37 4.28
CA ARG A 46 13.91 4.41 3.80
C ARG A 46 14.89 4.31 4.97
N GLY A 47 16.17 4.12 4.63
CA GLY A 47 17.19 4.02 5.66
C GLY A 47 18.43 4.81 5.33
N PRO A 48 19.59 4.35 5.82
CA PRO A 48 20.88 5.02 5.59
C PRO A 48 21.06 5.42 4.13
N ASP A 49 21.56 6.64 3.92
CA ASP A 49 21.79 7.15 2.57
C ASP A 49 20.48 7.23 1.80
N GLY A 50 19.38 7.49 2.52
CA GLY A 50 18.08 7.59 1.88
C GLY A 50 17.85 6.48 0.87
N THR A 51 18.21 5.26 1.24
CA THR A 51 18.04 4.12 0.36
C THR A 51 16.65 3.50 0.52
N SER A 52 15.87 3.53 -0.56
CA SER A 52 14.52 2.98 -0.54
C SER A 52 14.54 1.48 -0.22
N LYS A 53 14.24 1.14 1.03
CA LYS A 53 14.22 -0.24 1.46
C LYS A 53 13.41 -1.10 0.50
N GLY A 54 12.43 -0.49 -0.15
CA GLY A 54 11.60 -1.21 -1.10
C GLY A 54 10.18 -1.39 -0.61
N CYS A 55 9.69 -0.39 0.13
CA CYS A 55 8.33 -0.43 0.67
C CYS A 55 7.86 0.96 1.07
N ALA A 56 6.56 1.18 1.03
CA ALA A 56 5.98 2.47 1.40
C ALA A 56 4.48 2.34 1.68
N PHE A 57 3.97 3.24 2.51
CA PHE A 57 2.56 3.23 2.87
C PHE A 57 1.81 4.35 2.15
N VAL A 58 0.66 4.01 1.57
CA VAL A 58 -0.15 4.98 0.85
C VAL A 58 -1.55 5.06 1.43
N LYS A 59 -2.00 6.28 1.72
CA LYS A 59 -3.33 6.49 2.28
C LYS A 59 -4.22 7.24 1.28
N PHE A 60 -5.39 6.65 1.00
CA PHE A 60 -6.33 7.25 0.07
C PHE A 60 -7.36 8.11 0.81
N GLN A 61 -8.09 8.92 0.06
CA GLN A 61 -9.11 9.79 0.65
C GLN A 61 -10.19 8.97 1.33
N THR A 62 -10.54 7.84 0.74
CA THR A 62 -11.57 6.97 1.29
C THR A 62 -11.21 5.49 1.09
N HIS A 63 -11.47 4.68 2.12
CA HIS A 63 -11.17 3.26 2.06
C HIS A 63 -11.49 2.70 0.67
N ALA A 64 -12.71 2.93 0.21
CA ALA A 64 -13.13 2.45 -1.10
C ALA A 64 -12.03 2.62 -2.14
N GLU A 65 -11.73 3.87 -2.46
CA GLU A 65 -10.68 4.18 -3.44
C GLU A 65 -9.52 3.19 -3.32
N ALA A 66 -9.02 3.01 -2.11
CA ALA A 66 -7.92 2.10 -1.86
C ALA A 66 -8.17 0.75 -2.52
N GLN A 67 -9.24 0.08 -2.10
CA GLN A 67 -9.58 -1.23 -2.64
C GLN A 67 -9.46 -1.23 -4.16
N ALA A 68 -9.90 -0.14 -4.79
CA ALA A 68 -9.84 -0.02 -6.25
C ALA A 68 -8.41 -0.21 -6.75
N ALA A 69 -7.49 0.61 -6.24
CA ALA A 69 -6.10 0.52 -6.65
C ALA A 69 -5.52 -0.86 -6.36
N ILE A 70 -5.65 -1.31 -5.12
CA ILE A 70 -5.15 -2.62 -4.72
C ILE A 70 -5.56 -3.69 -5.72
N ASN A 71 -6.87 -3.84 -5.92
CA ASN A 71 -7.39 -4.83 -6.84
C ASN A 71 -6.55 -4.87 -8.12
N THR A 72 -6.06 -3.71 -8.54
CA THR A 72 -5.25 -3.61 -9.75
C THR A 72 -3.77 -3.50 -9.41
N LEU A 73 -3.37 -2.33 -8.92
CA LEU A 73 -1.98 -2.10 -8.55
C LEU A 73 -1.34 -3.36 -7.98
N HIS A 74 -2.13 -4.11 -7.22
CA HIS A 74 -1.64 -5.36 -6.61
C HIS A 74 -1.11 -6.30 -7.68
N SER A 75 0.18 -6.64 -7.58
CA SER A 75 0.81 -7.53 -8.53
C SER A 75 0.42 -7.17 -9.96
N SER A 76 0.52 -5.89 -10.28
CA SER A 76 0.17 -5.40 -11.61
C SER A 76 1.42 -5.28 -12.49
N ARG A 77 2.26 -4.31 -12.18
CA ARG A 77 3.49 -4.08 -12.94
C ARG A 77 4.70 -4.68 -12.22
N THR A 78 5.86 -4.64 -12.86
CA THR A 78 7.08 -5.17 -12.28
C THR A 78 8.23 -4.18 -12.42
N LEU A 79 8.22 -3.14 -11.59
CA LEU A 79 9.26 -2.13 -11.62
C LEU A 79 10.63 -2.76 -11.89
N PRO A 80 11.46 -2.06 -12.68
CA PRO A 80 12.81 -2.54 -13.03
C PRO A 80 13.58 -3.01 -11.80
N GLY A 81 14.14 -4.21 -11.89
CA GLY A 81 14.91 -4.75 -10.78
C GLY A 81 14.03 -5.14 -9.61
N ALA A 82 12.90 -5.78 -9.89
CA ALA A 82 11.98 -6.21 -8.85
C ALA A 82 11.55 -7.65 -9.06
N SER A 83 12.01 -8.54 -8.19
CA SER A 83 11.67 -9.96 -8.29
C SER A 83 10.27 -10.15 -8.86
N SER A 84 9.26 -9.88 -8.05
CA SER A 84 7.87 -10.02 -8.48
C SER A 84 7.27 -8.67 -8.85
N SER A 85 5.98 -8.66 -9.15
CA SER A 85 5.29 -7.43 -9.52
C SER A 85 4.92 -6.62 -8.29
N LEU A 86 4.82 -5.31 -8.46
CA LEU A 86 4.47 -4.41 -7.36
C LEU A 86 3.49 -5.08 -6.41
N VAL A 87 3.93 -5.32 -5.17
CA VAL A 87 3.08 -5.94 -4.17
C VAL A 87 2.29 -4.91 -3.38
N VAL A 88 0.99 -4.81 -3.68
CA VAL A 88 0.13 -3.86 -3.00
C VAL A 88 -0.99 -4.57 -2.24
N LYS A 89 -1.07 -4.30 -0.94
CA LYS A 89 -2.09 -4.92 -0.10
C LYS A 89 -2.35 -4.07 1.13
N PHE A 90 -3.46 -4.36 1.82
CA PHE A 90 -3.83 -3.62 3.02
C PHE A 90 -2.79 -3.79 4.12
N ALA A 91 -2.50 -2.70 4.83
CA ALA A 91 -1.53 -2.73 5.90
C ALA A 91 -2.20 -2.90 7.26
N ASP A 92 -1.73 -3.88 8.03
CA ASP A 92 -2.29 -4.15 9.35
C ASP A 92 -1.56 -3.36 10.43
N THR A 93 -2.26 -2.44 11.07
CA THR A 93 -1.68 -1.62 12.12
C THR A 93 -1.18 -2.48 13.29
N GLU A 94 -0.27 -1.92 14.08
CA GLU A 94 0.27 -2.64 15.23
C GLU A 94 -0.41 -2.20 16.52
N LYS A 95 -0.81 -3.17 17.33
CA LYS A 95 -1.47 -2.89 18.60
C LYS A 95 -0.48 -2.97 19.76
N GLU A 96 0.25 -4.07 19.82
CA GLU A 96 1.24 -4.28 20.88
C GLU A 96 2.42 -5.10 20.37
N SER A 97 3.43 -5.25 21.23
CA SER A 97 4.63 -6.01 20.86
C SER A 97 4.27 -7.22 20.01
N GLY A 98 5.19 -7.61 19.13
CA GLY A 98 4.94 -8.75 18.27
C GLY A 98 5.08 -10.07 19.00
N PRO A 99 6.29 -10.65 18.96
CA PRO A 99 6.58 -11.93 19.61
C PRO A 99 6.76 -11.78 21.12
N SER A 100 5.66 -11.97 21.86
CA SER A 100 5.70 -11.86 23.31
C SER A 100 6.61 -12.91 23.92
N SER A 101 7.91 -12.63 23.95
CA SER A 101 8.89 -13.55 24.50
C SER A 101 8.42 -14.10 25.85
N GLY A 102 8.15 -13.19 26.79
CA GLY A 102 7.69 -13.60 28.10
C GLY A 102 8.68 -13.24 29.20
N GLY A 1 -11.61 -15.90 8.10
CA GLY A 1 -11.63 -15.21 6.82
C GLY A 1 -12.88 -14.38 6.63
N SER A 2 -13.71 -14.75 5.66
CA SER A 2 -14.94 -14.03 5.38
C SER A 2 -16.06 -14.99 4.97
N SER A 3 -17.25 -14.44 4.77
CA SER A 3 -18.40 -15.25 4.36
C SER A 3 -19.10 -14.66 3.16
N GLY A 4 -19.54 -13.40 3.29
CA GLY A 4 -20.21 -12.73 2.20
C GLY A 4 -19.75 -11.30 2.02
N SER A 5 -18.44 -11.11 1.97
CA SER A 5 -17.87 -9.77 1.81
C SER A 5 -16.87 -9.74 0.66
N SER A 6 -17.07 -8.81 -0.27
CA SER A 6 -16.18 -8.68 -1.42
C SER A 6 -14.75 -8.40 -0.99
N GLY A 7 -14.56 -7.29 -0.27
CA GLY A 7 -13.24 -6.93 0.21
C GLY A 7 -12.99 -7.39 1.63
N SER A 8 -12.10 -6.67 2.33
CA SER A 8 -11.77 -7.01 3.71
C SER A 8 -12.82 -6.45 4.67
N ARG A 9 -12.70 -6.82 5.94
CA ARG A 9 -13.64 -6.37 6.96
C ARG A 9 -13.29 -4.95 7.41
N GLY A 10 -14.26 -4.27 8.02
CA GLY A 10 -14.05 -2.92 8.48
C GLY A 10 -13.67 -1.97 7.37
N GLU A 11 -12.75 -1.05 7.64
CA GLU A 11 -12.31 -0.08 6.65
C GLU A 11 -10.91 0.43 6.98
N ASP A 12 -9.95 0.12 6.12
CA ASP A 12 -8.57 0.56 6.31
C ASP A 12 -8.10 1.40 5.13
N ARG A 13 -7.78 2.66 5.40
CA ARG A 13 -7.31 3.56 4.36
C ARG A 13 -5.85 3.28 4.01
N LYS A 14 -4.97 3.45 5.00
CA LYS A 14 -3.55 3.21 4.80
C LYS A 14 -3.31 1.88 4.09
N LEU A 15 -2.37 1.88 3.15
CA LEU A 15 -2.03 0.67 2.40
C LEU A 15 -0.54 0.38 2.47
N PHE A 16 -0.18 -0.87 2.22
CA PHE A 16 1.22 -1.28 2.24
C PHE A 16 1.69 -1.72 0.85
N VAL A 17 2.81 -1.16 0.41
CA VAL A 17 3.36 -1.49 -0.90
C VAL A 17 4.77 -2.07 -0.77
N GLY A 18 5.12 -2.96 -1.69
CA GLY A 18 6.43 -3.58 -1.66
C GLY A 18 7.04 -3.71 -3.04
N MET A 19 8.05 -4.57 -3.16
CA MET A 19 8.72 -4.79 -4.44
C MET A 19 9.01 -3.46 -5.14
N LEU A 20 9.27 -2.43 -4.33
CA LEU A 20 9.58 -1.10 -4.86
C LEU A 20 11.06 -0.97 -5.16
N GLY A 21 11.40 0.03 -5.97
CA GLY A 21 12.79 0.27 -6.32
C GLY A 21 13.27 1.65 -5.93
N LYS A 22 14.58 1.79 -5.74
CA LYS A 22 15.16 3.08 -5.36
C LYS A 22 14.69 4.18 -6.30
N GLN A 23 14.74 3.90 -7.60
CA GLN A 23 14.33 4.88 -8.61
C GLN A 23 12.98 5.50 -8.24
N GLN A 24 11.98 4.65 -8.03
CA GLN A 24 10.64 5.13 -7.67
C GLN A 24 10.65 5.74 -6.27
N THR A 25 9.88 6.82 -6.11
CA THR A 25 9.79 7.51 -4.83
C THR A 25 8.35 7.87 -4.50
N ASP A 26 8.15 8.43 -3.32
CA ASP A 26 6.81 8.84 -2.88
C ASP A 26 6.05 9.52 -4.01
N GLU A 27 6.76 10.35 -4.78
CA GLU A 27 6.14 11.06 -5.89
C GLU A 27 5.51 10.08 -6.88
N ASP A 28 6.33 9.23 -7.48
CA ASP A 28 5.85 8.25 -8.44
C ASP A 28 4.71 7.42 -7.84
N VAL A 29 4.97 6.82 -6.68
CA VAL A 29 3.97 6.00 -6.01
C VAL A 29 2.65 6.74 -5.87
N ARG A 30 2.71 7.94 -5.30
CA ARG A 30 1.51 8.76 -5.11
C ARG A 30 0.79 8.98 -6.44
N LYS A 31 1.45 9.66 -7.36
CA LYS A 31 0.88 9.94 -8.66
C LYS A 31 0.51 8.64 -9.39
N MET A 32 1.15 7.55 -8.98
CA MET A 32 0.88 6.25 -9.59
C MET A 32 -0.32 5.57 -8.93
N PHE A 33 -0.63 5.99 -7.72
CA PHE A 33 -1.76 5.43 -6.98
C PHE A 33 -2.94 6.39 -6.98
N GLU A 34 -2.72 7.59 -7.49
CA GLU A 34 -3.77 8.61 -7.55
C GLU A 34 -4.87 8.19 -8.52
N PRO A 35 -4.46 7.66 -9.69
CA PRO A 35 -5.39 7.22 -10.73
C PRO A 35 -6.51 6.35 -10.17
N PHE A 36 -6.33 5.87 -8.94
CA PHE A 36 -7.33 5.03 -8.30
C PHE A 36 -7.84 5.67 -7.02
N GLY A 37 -7.87 7.00 -7.00
CA GLY A 37 -8.33 7.72 -5.83
C GLY A 37 -7.39 8.84 -5.43
N THR A 38 -7.84 9.67 -4.48
CA THR A 38 -7.03 10.79 -4.01
C THR A 38 -6.18 10.38 -2.81
N ILE A 39 -4.86 10.55 -2.93
CA ILE A 39 -3.95 10.19 -1.86
C ILE A 39 -3.75 11.36 -0.89
N ASP A 40 -4.03 11.12 0.38
CA ASP A 40 -3.88 12.15 1.40
C ASP A 40 -2.52 12.06 2.08
N GLU A 41 -2.14 10.84 2.45
CA GLU A 41 -0.85 10.62 3.10
C GLU A 41 -0.03 9.57 2.36
N CYS A 42 1.18 9.94 1.99
CA CYS A 42 2.07 9.03 1.26
C CYS A 42 3.51 9.19 1.73
N THR A 43 4.09 8.09 2.22
CA THR A 43 5.46 8.09 2.70
C THR A 43 6.18 6.79 2.37
N VAL A 44 7.47 6.88 2.08
CA VAL A 44 8.27 5.72 1.75
C VAL A 44 9.14 5.28 2.92
N LEU A 45 9.43 3.99 2.99
CA LEU A 45 10.25 3.45 4.07
C LEU A 45 11.68 3.17 3.58
N ARG A 46 12.66 3.66 4.32
CA ARG A 46 14.06 3.47 3.97
C ARG A 46 14.88 3.07 5.19
N GLY A 47 16.18 2.96 5.01
CA GLY A 47 17.06 2.58 6.10
C GLY A 47 17.61 3.78 6.84
N PRO A 48 18.84 3.63 7.37
CA PRO A 48 19.51 4.71 8.12
C PRO A 48 20.08 5.78 7.19
N ASP A 49 20.82 5.34 6.17
CA ASP A 49 21.43 6.27 5.22
C ASP A 49 20.36 6.88 4.31
N GLY A 50 19.48 6.04 3.80
CA GLY A 50 18.43 6.51 2.91
C GLY A 50 18.19 5.58 1.74
N THR A 51 18.36 4.29 1.97
CA THR A 51 18.17 3.30 0.91
C THR A 51 16.73 2.81 0.88
N SER A 52 16.17 2.73 -0.32
CA SER A 52 14.79 2.27 -0.49
C SER A 52 14.66 0.79 -0.14
N LYS A 53 14.32 0.51 1.10
CA LYS A 53 14.16 -0.86 1.57
C LYS A 53 13.36 -1.68 0.55
N GLY A 54 12.34 -1.06 -0.03
CA GLY A 54 11.52 -1.76 -1.00
C GLY A 54 10.06 -1.82 -0.59
N CYS A 55 9.60 -0.81 0.14
CA CYS A 55 8.22 -0.77 0.60
C CYS A 55 7.84 0.65 1.02
N ALA A 56 6.55 0.98 0.90
CA ALA A 56 6.06 2.29 1.27
C ALA A 56 4.58 2.24 1.65
N PHE A 57 4.12 3.27 2.35
CA PHE A 57 2.73 3.34 2.78
C PHE A 57 1.96 4.36 1.95
N VAL A 58 0.75 3.98 1.54
CA VAL A 58 -0.11 4.86 0.74
C VAL A 58 -1.49 4.99 1.35
N LYS A 59 -1.92 6.23 1.56
CA LYS A 59 -3.23 6.50 2.15
C LYS A 59 -4.15 7.16 1.12
N PHE A 60 -5.41 6.71 1.09
CA PHE A 60 -6.39 7.26 0.15
C PHE A 60 -7.40 8.13 0.89
N GLN A 61 -8.22 8.84 0.12
CA GLN A 61 -9.22 9.72 0.69
C GLN A 61 -10.35 8.91 1.34
N THR A 62 -10.75 7.84 0.68
CA THR A 62 -11.81 6.98 1.17
C THR A 62 -11.45 5.50 1.03
N HIS A 63 -11.75 4.72 2.06
CA HIS A 63 -11.45 3.29 2.04
C HIS A 63 -11.68 2.71 0.64
N ALA A 64 -12.91 2.85 0.14
CA ALA A 64 -13.25 2.35 -1.18
C ALA A 64 -12.15 2.63 -2.19
N GLU A 65 -11.95 3.90 -2.49
CA GLU A 65 -10.92 4.31 -3.44
C GLU A 65 -9.67 3.45 -3.30
N ALA A 66 -9.29 3.17 -2.05
CA ALA A 66 -8.11 2.36 -1.77
C ALA A 66 -8.22 0.99 -2.44
N GLN A 67 -9.23 0.23 -2.03
CA GLN A 67 -9.44 -1.11 -2.59
C GLN A 67 -9.22 -1.12 -4.09
N ALA A 68 -9.93 -0.25 -4.80
CA ALA A 68 -9.81 -0.15 -6.26
C ALA A 68 -8.36 -0.37 -6.69
N ALA A 69 -7.48 0.52 -6.26
CA ALA A 69 -6.07 0.42 -6.60
C ALA A 69 -5.55 -1.00 -6.39
N ILE A 70 -5.48 -1.41 -5.14
CA ILE A 70 -4.99 -2.75 -4.80
C ILE A 70 -5.49 -3.79 -5.81
N ASN A 71 -6.81 -3.90 -5.92
CA ASN A 71 -7.42 -4.85 -6.85
C ASN A 71 -6.59 -4.95 -8.13
N THR A 72 -6.07 -3.82 -8.59
CA THR A 72 -5.26 -3.78 -9.81
C THR A 72 -3.79 -3.62 -9.48
N LEU A 73 -3.42 -2.41 -9.04
CA LEU A 73 -2.03 -2.11 -8.70
C LEU A 73 -1.35 -3.34 -8.09
N HIS A 74 -2.11 -4.11 -7.33
CA HIS A 74 -1.58 -5.31 -6.68
C HIS A 74 -0.92 -6.23 -7.71
N SER A 75 0.41 -6.34 -7.63
CA SER A 75 1.16 -7.18 -8.56
C SER A 75 0.83 -6.82 -10.01
N SER A 76 0.48 -5.56 -10.23
CA SER A 76 0.14 -5.10 -11.57
C SER A 76 1.37 -5.05 -12.47
N ARG A 77 2.23 -4.06 -12.24
CA ARG A 77 3.45 -3.91 -13.03
C ARG A 77 4.65 -4.46 -12.28
N THR A 78 5.79 -4.53 -12.97
CA THR A 78 7.01 -5.04 -12.37
C THR A 78 8.14 -4.02 -12.48
N LEU A 79 8.15 -3.04 -11.59
CA LEU A 79 9.17 -2.01 -11.58
C LEU A 79 10.53 -2.58 -11.97
N PRO A 80 11.32 -1.79 -12.71
CA PRO A 80 12.66 -2.21 -13.16
C PRO A 80 13.48 -2.82 -12.02
N GLY A 81 14.03 -4.00 -12.27
CA GLY A 81 14.83 -4.68 -11.27
C GLY A 81 14.04 -5.00 -10.01
N ALA A 82 12.95 -5.73 -10.18
CA ALA A 82 12.11 -6.12 -9.06
C ALA A 82 11.63 -7.56 -9.20
N SER A 83 12.14 -8.44 -8.35
CA SER A 83 11.76 -9.84 -8.37
C SER A 83 10.31 -10.01 -8.84
N SER A 84 9.37 -9.70 -7.95
CA SER A 84 7.95 -9.82 -8.27
C SER A 84 7.37 -8.47 -8.66
N SER A 85 6.07 -8.45 -8.95
CA SER A 85 5.40 -7.22 -9.35
C SER A 85 5.17 -6.32 -8.14
N LEU A 86 4.61 -5.14 -8.39
CA LEU A 86 4.34 -4.18 -7.33
C LEU A 86 3.35 -4.75 -6.32
N VAL A 87 3.88 -5.43 -5.30
CA VAL A 87 3.04 -6.03 -4.26
C VAL A 87 2.34 -4.96 -3.45
N VAL A 88 1.00 -5.02 -3.42
CA VAL A 88 0.21 -4.06 -2.68
C VAL A 88 -0.88 -4.75 -1.87
N LYS A 89 -1.06 -4.32 -0.63
CA LYS A 89 -2.07 -4.90 0.25
C LYS A 89 -2.31 -4.02 1.47
N PHE A 90 -3.56 -3.97 1.93
CA PHE A 90 -3.91 -3.16 3.09
C PHE A 90 -2.83 -3.25 4.16
N ALA A 91 -2.79 -2.25 5.04
CA ALA A 91 -1.81 -2.21 6.11
C ALA A 91 -2.50 -2.11 7.47
N ASP A 92 -2.75 -3.26 8.08
CA ASP A 92 -3.41 -3.30 9.40
C ASP A 92 -2.36 -3.42 10.52
N THR A 93 -2.53 -2.60 11.55
CA THR A 93 -1.61 -2.61 12.68
C THR A 93 -2.34 -2.91 13.98
N GLU A 94 -3.46 -2.23 14.18
CA GLU A 94 -4.26 -2.43 15.39
C GLU A 94 -5.75 -2.28 15.10
N LYS A 95 -6.52 -3.33 15.37
CA LYS A 95 -7.95 -3.32 15.13
C LYS A 95 -8.60 -2.10 15.78
N GLU A 96 -9.37 -1.34 15.00
CA GLU A 96 -10.04 -0.16 15.50
C GLU A 96 -11.38 -0.52 16.13
N SER A 97 -11.53 -0.24 17.42
CA SER A 97 -12.76 -0.54 18.13
C SER A 97 -13.21 0.66 18.97
N GLY A 98 -14.38 1.19 18.66
CA GLY A 98 -14.90 2.33 19.40
C GLY A 98 -14.73 2.18 20.89
N PRO A 99 -14.47 3.31 21.57
CA PRO A 99 -14.27 3.32 23.03
C PRO A 99 -15.36 2.53 23.76
N SER A 100 -14.98 1.92 24.88
CA SER A 100 -15.92 1.14 25.68
C SER A 100 -16.51 1.98 26.81
N SER A 101 -17.70 1.58 27.28
CA SER A 101 -18.36 2.29 28.36
C SER A 101 -18.00 1.70 29.71
N GLY A 102 -18.06 0.36 29.80
CA GLY A 102 -17.73 -0.30 31.04
C GLY A 102 -17.19 -1.71 30.83
N GLY A 1 -33.09 14.19 -4.88
CA GLY A 1 -32.35 12.94 -4.75
C GLY A 1 -31.72 12.79 -3.39
N SER A 2 -31.19 11.59 -3.12
CA SER A 2 -30.56 11.31 -1.83
C SER A 2 -29.08 11.68 -1.87
N SER A 3 -28.56 12.10 -0.71
CA SER A 3 -27.15 12.49 -0.61
C SER A 3 -26.24 11.33 -0.97
N GLY A 4 -26.34 10.23 -0.22
CA GLY A 4 -25.52 9.07 -0.47
C GLY A 4 -25.72 7.99 0.56
N SER A 5 -25.84 6.74 0.10
CA SER A 5 -26.04 5.60 0.99
C SER A 5 -24.82 5.39 1.88
N SER A 6 -23.64 5.46 1.26
CA SER A 6 -22.39 5.27 1.99
C SER A 6 -21.65 6.59 2.16
N GLY A 7 -21.46 6.99 3.42
CA GLY A 7 -20.78 8.24 3.71
C GLY A 7 -19.29 8.15 3.45
N SER A 8 -18.49 8.49 4.46
CA SER A 8 -17.04 8.44 4.34
C SER A 8 -16.44 7.46 5.34
N ARG A 9 -16.51 6.18 5.01
CA ARG A 9 -15.97 5.13 5.88
C ARG A 9 -14.49 4.90 5.59
N GLY A 10 -13.74 4.56 6.63
CA GLY A 10 -12.32 4.31 6.48
C GLY A 10 -11.80 3.30 7.49
N GLU A 11 -11.37 2.15 6.98
CA GLU A 11 -10.85 1.09 7.84
C GLU A 11 -9.40 0.75 7.47
N ASP A 12 -8.46 1.41 8.13
CA ASP A 12 -7.04 1.19 7.87
C ASP A 12 -6.69 1.55 6.44
N ARG A 13 -7.27 2.64 5.95
CA ARG A 13 -7.01 3.10 4.59
C ARG A 13 -5.56 2.84 4.19
N LYS A 14 -4.64 3.15 5.09
CA LYS A 14 -3.23 2.94 4.83
C LYS A 14 -2.98 1.62 4.10
N LEU A 15 -2.12 1.66 3.10
CA LEU A 15 -1.81 0.46 2.32
C LEU A 15 -0.30 0.20 2.31
N PHE A 16 0.07 -1.08 2.32
CA PHE A 16 1.47 -1.46 2.32
C PHE A 16 1.91 -1.89 0.92
N VAL A 17 2.83 -1.13 0.33
CA VAL A 17 3.34 -1.43 -1.00
C VAL A 17 4.73 -2.03 -0.94
N GLY A 18 4.95 -3.09 -1.72
CA GLY A 18 6.24 -3.73 -1.74
C GLY A 18 6.82 -3.86 -3.14
N MET A 19 8.04 -4.35 -3.24
CA MET A 19 8.69 -4.52 -4.53
C MET A 19 8.88 -3.18 -5.23
N LEU A 20 9.38 -2.21 -4.48
CA LEU A 20 9.61 -0.87 -5.03
C LEU A 20 11.08 -0.66 -5.35
N GLY A 21 11.35 0.30 -6.24
CA GLY A 21 12.72 0.58 -6.63
C GLY A 21 13.12 2.03 -6.35
N LYS A 22 14.41 2.26 -6.21
CA LYS A 22 14.92 3.61 -5.94
C LYS A 22 14.25 4.63 -6.85
N GLN A 23 14.08 4.28 -8.12
CA GLN A 23 13.44 5.17 -9.08
C GLN A 23 12.11 5.69 -8.55
N GLN A 24 11.23 4.76 -8.17
CA GLN A 24 9.92 5.12 -7.65
C GLN A 24 10.04 5.67 -6.22
N THR A 25 9.56 6.90 -6.04
CA THR A 25 9.61 7.55 -4.73
C THR A 25 8.23 8.05 -4.31
N ASP A 26 8.14 8.57 -3.09
CA ASP A 26 6.88 9.09 -2.57
C ASP A 26 6.09 9.80 -3.67
N GLU A 27 6.81 10.36 -4.63
CA GLU A 27 6.18 11.08 -5.74
C GLU A 27 5.52 10.11 -6.70
N ASP A 28 6.32 9.23 -7.29
CA ASP A 28 5.81 8.23 -8.24
C ASP A 28 4.68 7.42 -7.61
N VAL A 29 4.93 6.89 -6.42
CA VAL A 29 3.94 6.09 -5.72
C VAL A 29 2.64 6.86 -5.55
N ARG A 30 2.75 8.15 -5.25
CA ARG A 30 1.58 8.99 -5.05
C ARG A 30 0.86 9.23 -6.37
N LYS A 31 1.59 9.73 -7.36
CA LYS A 31 1.03 10.02 -8.67
C LYS A 31 0.61 8.72 -9.37
N MET A 32 1.18 7.60 -8.92
CA MET A 32 0.86 6.30 -9.50
C MET A 32 -0.35 5.68 -8.81
N PHE A 33 -0.65 6.15 -7.60
CA PHE A 33 -1.79 5.64 -6.85
C PHE A 33 -2.97 6.61 -6.91
N GLU A 34 -2.69 7.83 -7.35
CA GLU A 34 -3.72 8.86 -7.45
C GLU A 34 -4.78 8.45 -8.47
N PRO A 35 -4.34 7.89 -9.61
CA PRO A 35 -5.23 7.45 -10.68
C PRO A 35 -6.39 6.61 -10.16
N PHE A 36 -6.26 6.13 -8.91
CA PHE A 36 -7.30 5.31 -8.30
C PHE A 36 -7.86 5.99 -7.04
N GLY A 37 -7.86 7.32 -7.05
CA GLY A 37 -8.37 8.06 -5.91
C GLY A 37 -7.40 9.13 -5.44
N THR A 38 -7.82 9.90 -4.44
CA THR A 38 -6.98 10.97 -3.90
C THR A 38 -6.17 10.47 -2.71
N ILE A 39 -4.86 10.71 -2.75
CA ILE A 39 -3.98 10.30 -1.67
C ILE A 39 -3.75 11.43 -0.68
N ASP A 40 -4.16 11.20 0.57
CA ASP A 40 -4.00 12.21 1.62
C ASP A 40 -2.60 12.16 2.21
N GLU A 41 -2.16 10.97 2.56
CA GLU A 41 -0.83 10.78 3.14
C GLU A 41 -0.04 9.72 2.38
N CYS A 42 1.27 9.89 2.33
CA CYS A 42 2.14 8.94 1.63
C CYS A 42 3.59 9.11 2.05
N THR A 43 4.28 8.00 2.25
CA THR A 43 5.68 8.02 2.67
C THR A 43 6.39 6.74 2.27
N VAL A 44 7.70 6.84 2.07
CA VAL A 44 8.51 5.68 1.68
C VAL A 44 9.51 5.32 2.77
N LEU A 45 9.53 4.05 3.16
CA LEU A 45 10.44 3.57 4.19
C LEU A 45 11.85 3.43 3.65
N ARG A 46 12.80 4.14 4.26
CA ARG A 46 14.20 4.08 3.84
C ARG A 46 15.12 3.84 5.03
N GLY A 47 16.40 3.64 4.73
CA GLY A 47 17.37 3.40 5.79
C GLY A 47 18.30 4.58 6.01
N PRO A 48 19.50 4.31 6.53
CA PRO A 48 20.51 5.34 6.79
C PRO A 48 21.21 5.81 5.53
N ASP A 49 20.76 5.31 4.38
CA ASP A 49 21.33 5.67 3.10
C ASP A 49 20.28 6.25 2.16
N GLY A 50 19.25 6.85 2.75
CA GLY A 50 18.19 7.44 1.95
C GLY A 50 17.82 6.59 0.75
N THR A 51 17.95 5.28 0.90
CA THR A 51 17.64 4.35 -0.18
C THR A 51 16.31 3.63 0.07
N SER A 52 15.40 3.73 -0.89
CA SER A 52 14.09 3.09 -0.76
C SER A 52 14.24 1.58 -0.59
N LYS A 53 14.27 1.15 0.66
CA LYS A 53 14.40 -0.27 0.98
C LYS A 53 13.60 -1.12 0.01
N GLY A 54 12.47 -0.58 -0.45
CA GLY A 54 11.63 -1.30 -1.39
C GLY A 54 10.19 -1.42 -0.91
N CYS A 55 9.82 -0.56 0.02
CA CYS A 55 8.46 -0.56 0.57
C CYS A 55 8.02 0.85 0.95
N ALA A 56 6.76 1.17 0.68
CA ALA A 56 6.22 2.48 0.99
C ALA A 56 4.75 2.39 1.39
N PHE A 57 4.31 3.31 2.24
CA PHE A 57 2.93 3.33 2.70
C PHE A 57 2.12 4.39 1.96
N VAL A 58 0.91 4.02 1.56
CA VAL A 58 0.03 4.94 0.83
C VAL A 58 -1.32 5.05 1.51
N LYS A 59 -1.78 6.29 1.72
CA LYS A 59 -3.07 6.53 2.35
C LYS A 59 -4.03 7.20 1.38
N PHE A 60 -5.14 6.53 1.10
CA PHE A 60 -6.15 7.06 0.19
C PHE A 60 -7.17 7.90 0.94
N GLN A 61 -7.92 8.72 0.21
CA GLN A 61 -8.92 9.59 0.80
C GLN A 61 -10.07 8.77 1.38
N THR A 62 -10.41 7.66 0.71
CA THR A 62 -11.49 6.79 1.17
C THR A 62 -11.15 5.33 0.92
N HIS A 63 -11.64 4.45 1.79
CA HIS A 63 -11.39 3.03 1.66
C HIS A 63 -11.72 2.54 0.26
N ALA A 64 -12.92 2.88 -0.21
CA ALA A 64 -13.36 2.49 -1.55
C ALA A 64 -12.23 2.62 -2.56
N GLU A 65 -11.67 3.82 -2.67
CA GLU A 65 -10.58 4.07 -3.60
C GLU A 65 -9.44 3.08 -3.39
N ALA A 66 -9.01 2.95 -2.14
CA ALA A 66 -7.92 2.05 -1.80
C ALA A 66 -8.12 0.68 -2.45
N GLN A 67 -9.31 0.10 -2.25
CA GLN A 67 -9.62 -1.20 -2.82
C GLN A 67 -9.43 -1.20 -4.33
N ALA A 68 -9.85 -0.12 -4.97
CA ALA A 68 -9.72 0.01 -6.42
C ALA A 68 -8.29 -0.26 -6.87
N ALA A 69 -7.36 0.51 -6.34
CA ALA A 69 -5.94 0.35 -6.68
C ALA A 69 -5.51 -1.10 -6.54
N ILE A 70 -5.55 -1.61 -5.30
CA ILE A 70 -5.15 -2.98 -5.03
C ILE A 70 -5.70 -3.93 -6.09
N ASN A 71 -7.02 -3.99 -6.21
CA ASN A 71 -7.66 -4.85 -7.19
C ASN A 71 -6.83 -4.94 -8.46
N THR A 72 -6.34 -3.80 -8.93
CA THR A 72 -5.54 -3.75 -10.13
C THR A 72 -4.05 -3.65 -9.81
N LEU A 73 -3.63 -2.49 -9.31
CA LEU A 73 -2.23 -2.27 -8.96
C LEU A 73 -1.61 -3.55 -8.39
N HIS A 74 -2.25 -4.10 -7.36
CA HIS A 74 -1.77 -5.32 -6.72
C HIS A 74 -1.14 -6.26 -7.75
N SER A 75 0.09 -6.67 -7.49
CA SER A 75 0.81 -7.56 -8.39
C SER A 75 0.44 -7.28 -9.84
N SER A 76 0.58 -6.02 -10.25
CA SER A 76 0.26 -5.61 -11.61
C SER A 76 1.52 -5.59 -12.48
N ARG A 77 2.35 -4.57 -12.28
CA ARG A 77 3.58 -4.43 -13.04
C ARG A 77 4.78 -4.94 -12.24
N THR A 78 5.96 -4.87 -12.85
CA THR A 78 7.19 -5.32 -12.18
C THR A 78 8.31 -4.31 -12.38
N LEU A 79 8.29 -3.25 -11.58
CA LEU A 79 9.30 -2.20 -11.66
C LEU A 79 10.68 -2.81 -11.88
N PRO A 80 11.50 -2.14 -12.70
CA PRO A 80 12.86 -2.59 -13.02
C PRO A 80 13.65 -2.99 -11.77
N GLY A 81 14.18 -4.20 -11.78
CA GLY A 81 14.94 -4.69 -10.64
C GLY A 81 14.06 -5.05 -9.46
N ALA A 82 12.95 -5.73 -9.73
CA ALA A 82 12.03 -6.13 -8.69
C ALA A 82 11.60 -7.59 -8.85
N SER A 83 12.07 -8.45 -7.96
CA SER A 83 11.75 -9.87 -8.02
C SER A 83 10.35 -10.08 -8.58
N SER A 84 9.34 -9.80 -7.77
CA SER A 84 7.95 -9.97 -8.18
C SER A 84 7.34 -8.62 -8.59
N SER A 85 6.04 -8.64 -8.89
CA SER A 85 5.34 -7.43 -9.29
C SER A 85 4.91 -6.62 -8.07
N LEU A 86 4.64 -5.34 -8.28
CA LEU A 86 4.21 -4.46 -7.20
C LEU A 86 3.25 -5.17 -6.26
N VAL A 87 3.62 -5.24 -4.99
CA VAL A 87 2.79 -5.89 -3.98
C VAL A 87 2.00 -4.87 -3.16
N VAL A 88 0.75 -4.65 -3.55
CA VAL A 88 -0.11 -3.69 -2.86
C VAL A 88 -1.17 -4.42 -2.04
N LYS A 89 -1.18 -4.15 -0.73
CA LYS A 89 -2.13 -4.77 0.17
C LYS A 89 -2.48 -3.83 1.32
N PHE A 90 -3.51 -4.20 2.09
CA PHE A 90 -3.93 -3.39 3.23
C PHE A 90 -2.87 -3.40 4.33
N ALA A 91 -2.68 -2.24 4.95
CA ALA A 91 -1.70 -2.11 6.03
C ALA A 91 -2.33 -2.40 7.38
N ASP A 92 -1.92 -3.48 8.02
CA ASP A 92 -2.44 -3.87 9.32
C ASP A 92 -1.34 -3.84 10.38
N THR A 93 -1.73 -3.51 11.61
CA THR A 93 -0.78 -3.44 12.71
C THR A 93 -0.83 -4.70 13.57
N GLU A 94 0.33 -5.30 13.81
CA GLU A 94 0.41 -6.51 14.63
C GLU A 94 0.62 -6.17 16.10
N LYS A 95 -0.36 -6.52 16.93
CA LYS A 95 -0.28 -6.26 18.35
C LYS A 95 0.29 -7.46 19.10
N GLU A 96 -0.10 -8.65 18.68
CA GLU A 96 0.37 -9.88 19.31
C GLU A 96 0.96 -10.83 18.27
N SER A 97 1.82 -11.74 18.71
CA SER A 97 2.44 -12.71 17.82
C SER A 97 1.69 -14.05 17.86
N GLY A 98 1.51 -14.57 19.07
CA GLY A 98 0.81 -15.84 19.22
C GLY A 98 1.02 -16.44 20.60
N PRO A 99 0.09 -17.32 21.01
CA PRO A 99 0.14 -17.98 22.31
C PRO A 99 1.15 -19.12 22.33
N SER A 100 1.40 -19.72 21.17
CA SER A 100 2.34 -20.82 21.06
C SER A 100 2.99 -20.85 19.68
N SER A 101 4.29 -21.15 19.65
CA SER A 101 5.02 -21.21 18.38
C SER A 101 5.12 -22.65 17.88
N GLY A 102 4.03 -23.39 17.99
CA GLY A 102 4.01 -24.77 17.55
C GLY A 102 2.84 -25.54 18.10
N GLY A 1 -14.18 -17.46 18.96
CA GLY A 1 -13.30 -17.68 20.09
C GLY A 1 -14.04 -18.11 21.33
N SER A 2 -13.51 -19.14 22.02
CA SER A 2 -14.14 -19.64 23.22
C SER A 2 -13.96 -18.66 24.38
N SER A 3 -12.75 -18.15 24.54
CA SER A 3 -12.45 -17.21 25.60
C SER A 3 -12.10 -15.83 25.04
N GLY A 4 -12.75 -14.81 25.57
CA GLY A 4 -12.50 -13.45 25.11
C GLY A 4 -12.73 -13.30 23.61
N SER A 5 -13.99 -13.47 23.21
CA SER A 5 -14.35 -13.35 21.79
C SER A 5 -14.07 -11.95 21.27
N SER A 6 -13.20 -11.86 20.26
CA SER A 6 -12.84 -10.57 19.68
C SER A 6 -13.74 -10.24 18.50
N GLY A 7 -14.67 -9.32 18.72
CA GLY A 7 -15.59 -8.93 17.65
C GLY A 7 -15.30 -7.53 17.13
N SER A 8 -14.77 -7.47 15.91
CA SER A 8 -14.44 -6.20 15.29
C SER A 8 -14.47 -6.31 13.77
N ARG A 9 -14.48 -5.17 13.09
CA ARG A 9 -14.52 -5.14 11.64
C ARG A 9 -13.10 -5.03 11.06
N GLY A 10 -12.41 -3.95 11.40
CA GLY A 10 -11.06 -3.74 10.92
C GLY A 10 -11.03 -3.09 9.54
N GLU A 11 -11.17 -1.77 9.52
CA GLU A 11 -11.15 -1.03 8.26
C GLU A 11 -10.07 0.05 8.28
N ASP A 12 -9.08 -0.10 7.41
CA ASP A 12 -7.98 0.85 7.32
C ASP A 12 -7.78 1.32 5.88
N ARG A 13 -7.39 2.58 5.72
CA ARG A 13 -7.17 3.15 4.39
C ARG A 13 -5.72 2.94 3.95
N LYS A 14 -4.78 3.30 4.83
CA LYS A 14 -3.37 3.16 4.53
C LYS A 14 -3.05 1.77 3.98
N LEU A 15 -2.41 1.73 2.83
CA LEU A 15 -2.05 0.46 2.20
C LEU A 15 -0.55 0.21 2.28
N PHE A 16 -0.17 -1.06 2.38
CA PHE A 16 1.24 -1.43 2.46
C PHE A 16 1.76 -1.90 1.11
N VAL A 17 2.58 -1.07 0.48
CA VAL A 17 3.15 -1.40 -0.82
C VAL A 17 4.54 -2.02 -0.68
N GLY A 18 4.85 -2.95 -1.58
CA GLY A 18 6.15 -3.60 -1.54
C GLY A 18 6.77 -3.75 -2.91
N MET A 19 7.87 -4.50 -2.98
CA MET A 19 8.57 -4.72 -4.24
C MET A 19 8.85 -3.39 -4.94
N LEU A 20 9.22 -2.38 -4.15
CA LEU A 20 9.53 -1.07 -4.70
C LEU A 20 11.03 -0.91 -4.95
N GLY A 21 11.39 0.03 -5.81
CA GLY A 21 12.79 0.26 -6.12
C GLY A 21 13.21 1.69 -5.83
N LYS A 22 14.50 1.87 -5.55
CA LYS A 22 15.04 3.19 -5.25
C LYS A 22 14.61 4.20 -6.31
N GLN A 23 14.66 3.79 -7.57
CA GLN A 23 14.28 4.65 -8.68
C GLN A 23 13.00 5.43 -8.35
N GLN A 24 11.98 4.70 -7.92
CA GLN A 24 10.70 5.30 -7.57
C GLN A 24 10.83 6.20 -6.33
N THR A 25 9.99 7.22 -6.26
CA THR A 25 10.02 8.15 -5.13
C THR A 25 8.62 8.44 -4.62
N ASP A 26 8.52 8.88 -3.37
CA ASP A 26 7.23 9.19 -2.77
C ASP A 26 6.31 9.88 -3.77
N GLU A 27 6.91 10.63 -4.70
CA GLU A 27 6.15 11.35 -5.71
C GLU A 27 5.50 10.37 -6.70
N ASP A 28 6.30 9.45 -7.23
CA ASP A 28 5.81 8.47 -8.18
C ASP A 28 4.59 7.72 -7.61
N VAL A 29 4.84 6.89 -6.61
CA VAL A 29 3.77 6.11 -5.98
C VAL A 29 2.50 6.94 -5.86
N ARG A 30 2.63 8.16 -5.35
CA ARG A 30 1.50 9.05 -5.19
C ARG A 30 0.73 9.21 -6.50
N LYS A 31 1.38 9.77 -7.50
CA LYS A 31 0.77 9.98 -8.81
C LYS A 31 0.44 8.64 -9.46
N MET A 32 1.07 7.58 -8.98
CA MET A 32 0.84 6.25 -9.52
C MET A 32 -0.37 5.58 -8.86
N PHE A 33 -0.69 6.03 -7.65
CA PHE A 33 -1.82 5.49 -6.91
C PHE A 33 -3.02 6.44 -6.98
N GLU A 34 -2.77 7.67 -7.40
CA GLU A 34 -3.83 8.67 -7.51
C GLU A 34 -4.90 8.23 -8.49
N PRO A 35 -4.47 7.66 -9.64
CA PRO A 35 -5.37 7.18 -10.68
C PRO A 35 -6.51 6.33 -10.11
N PHE A 36 -6.34 5.88 -8.88
CA PHE A 36 -7.35 5.05 -8.22
C PHE A 36 -7.89 5.74 -6.97
N GLY A 37 -7.92 7.07 -7.00
CA GLY A 37 -8.42 7.82 -5.86
C GLY A 37 -7.48 8.94 -5.45
N THR A 38 -7.92 9.76 -4.51
CA THR A 38 -7.11 10.88 -4.03
C THR A 38 -6.30 10.49 -2.81
N ILE A 39 -4.99 10.65 -2.89
CA ILE A 39 -4.10 10.31 -1.78
C ILE A 39 -3.87 11.51 -0.87
N ASP A 40 -4.16 11.34 0.42
CA ASP A 40 -3.99 12.41 1.39
C ASP A 40 -2.58 12.40 1.97
N GLU A 41 -2.03 11.19 2.15
CA GLU A 41 -0.70 11.05 2.70
C GLU A 41 0.08 9.97 1.94
N CYS A 42 1.39 10.19 1.81
CA CYS A 42 2.25 9.24 1.10
C CYS A 42 3.68 9.31 1.62
N THR A 43 4.25 8.15 1.93
CA THR A 43 5.62 8.08 2.44
C THR A 43 6.26 6.74 2.12
N VAL A 44 7.56 6.76 1.85
CA VAL A 44 8.29 5.53 1.54
C VAL A 44 9.21 5.13 2.68
N LEU A 45 9.34 3.83 2.89
CA LEU A 45 10.20 3.30 3.96
C LEU A 45 11.59 3.00 3.44
N ARG A 46 12.60 3.59 4.07
CA ARG A 46 13.99 3.38 3.68
C ARG A 46 14.86 3.06 4.88
N GLY A 47 16.11 2.71 4.62
CA GLY A 47 17.04 2.39 5.70
C GLY A 47 17.73 3.62 6.26
N PRO A 48 18.35 3.46 7.45
CA PRO A 48 19.06 4.55 8.11
C PRO A 48 19.98 5.31 7.15
N ASP A 49 20.44 4.63 6.12
CA ASP A 49 21.33 5.24 5.13
C ASP A 49 20.52 5.97 4.07
N GLY A 50 19.50 5.30 3.53
CA GLY A 50 18.67 5.91 2.51
C GLY A 50 18.23 4.92 1.45
N THR A 51 18.97 3.82 1.33
CA THR A 51 18.65 2.80 0.35
C THR A 51 17.22 2.29 0.52
N SER A 52 16.36 2.60 -0.44
CA SER A 52 14.97 2.19 -0.38
C SER A 52 14.86 0.69 -0.10
N LYS A 53 14.27 0.35 1.03
CA LYS A 53 14.10 -1.05 1.42
C LYS A 53 13.21 -1.79 0.42
N GLY A 54 12.20 -1.09 -0.09
CA GLY A 54 11.29 -1.69 -1.04
C GLY A 54 9.86 -1.75 -0.54
N CYS A 55 9.42 -0.67 0.10
CA CYS A 55 8.07 -0.60 0.63
C CYS A 55 7.68 0.85 0.94
N ALA A 56 6.39 1.15 0.86
CA ALA A 56 5.89 2.49 1.14
C ALA A 56 4.42 2.45 1.53
N PHE A 57 4.01 3.45 2.31
CA PHE A 57 2.62 3.54 2.76
C PHE A 57 1.84 4.56 1.96
N VAL A 58 0.73 4.13 1.38
CA VAL A 58 -0.11 5.01 0.58
C VAL A 58 -1.49 5.21 1.22
N LYS A 59 -1.73 6.41 1.74
CA LYS A 59 -2.99 6.72 2.38
C LYS A 59 -3.98 7.31 1.37
N PHE A 60 -5.13 6.66 1.24
CA PHE A 60 -6.17 7.12 0.32
C PHE A 60 -7.19 7.99 1.03
N GLN A 61 -8.04 8.67 0.25
CA GLN A 61 -9.06 9.53 0.80
C GLN A 61 -10.13 8.72 1.53
N THR A 62 -10.40 7.52 1.02
CA THR A 62 -11.40 6.65 1.62
C THR A 62 -11.05 5.18 1.40
N HIS A 63 -11.66 4.31 2.19
CA HIS A 63 -11.41 2.87 2.09
C HIS A 63 -11.68 2.39 0.67
N ALA A 64 -12.79 2.82 0.10
CA ALA A 64 -13.16 2.42 -1.26
C ALA A 64 -11.98 2.56 -2.22
N GLU A 65 -11.61 3.79 -2.52
CA GLU A 65 -10.50 4.05 -3.43
C GLU A 65 -9.32 3.12 -3.13
N ALA A 66 -8.93 3.06 -1.86
CA ALA A 66 -7.84 2.20 -1.44
C ALA A 66 -7.98 0.79 -2.01
N GLN A 67 -9.19 0.25 -1.92
CA GLN A 67 -9.46 -1.10 -2.44
C GLN A 67 -9.29 -1.14 -3.95
N ALA A 68 -9.74 -0.10 -4.63
CA ALA A 68 -9.64 -0.03 -6.08
C ALA A 68 -8.23 -0.35 -6.55
N ALA A 69 -7.29 0.55 -6.25
CA ALA A 69 -5.89 0.37 -6.64
C ALA A 69 -5.49 -1.11 -6.54
N ILE A 70 -5.52 -1.64 -5.32
CA ILE A 70 -5.16 -3.03 -5.09
C ILE A 70 -5.70 -3.93 -6.20
N ASN A 71 -7.02 -3.99 -6.31
CA ASN A 71 -7.66 -4.82 -7.33
C ASN A 71 -6.85 -4.81 -8.62
N THR A 72 -6.40 -3.64 -9.02
CA THR A 72 -5.61 -3.49 -10.24
C THR A 72 -4.11 -3.48 -9.93
N LEU A 73 -3.63 -2.37 -9.39
CA LEU A 73 -2.23 -2.22 -9.04
C LEU A 73 -1.65 -3.55 -8.56
N HIS A 74 -2.23 -4.09 -7.49
CA HIS A 74 -1.78 -5.36 -6.93
C HIS A 74 -1.36 -6.32 -8.04
N SER A 75 -0.09 -6.70 -8.05
CA SER A 75 0.44 -7.62 -9.05
C SER A 75 0.08 -7.14 -10.45
N SER A 76 0.26 -5.85 -10.70
CA SER A 76 -0.05 -5.27 -12.01
C SER A 76 1.20 -5.20 -12.88
N ARG A 77 2.08 -4.24 -12.57
CA ARG A 77 3.31 -4.05 -13.33
C ARG A 77 4.49 -4.68 -12.59
N THR A 78 5.66 -4.62 -13.22
CA THR A 78 6.87 -5.18 -12.62
C THR A 78 8.04 -4.19 -12.71
N LEU A 79 8.12 -3.30 -11.73
CA LEU A 79 9.18 -2.30 -11.70
C LEU A 79 10.53 -2.94 -11.96
N PRO A 80 11.47 -2.15 -12.50
CA PRO A 80 12.83 -2.63 -12.81
C PRO A 80 13.67 -2.85 -11.56
N GLY A 81 14.22 -4.05 -11.43
CA GLY A 81 15.03 -4.37 -10.29
C GLY A 81 14.23 -4.95 -9.15
N ALA A 82 13.03 -5.44 -9.47
CA ALA A 82 12.15 -6.03 -8.45
C ALA A 82 11.78 -7.45 -8.82
N SER A 83 12.27 -8.41 -8.05
CA SER A 83 11.99 -9.82 -8.30
C SER A 83 10.60 -10.00 -8.90
N SER A 84 9.58 -9.89 -8.05
CA SER A 84 8.19 -10.03 -8.50
C SER A 84 7.57 -8.67 -8.81
N SER A 85 6.28 -8.69 -9.13
CA SER A 85 5.57 -7.45 -9.44
C SER A 85 5.33 -6.62 -8.18
N LEU A 86 4.61 -5.52 -8.34
CA LEU A 86 4.31 -4.63 -7.22
C LEU A 86 3.31 -5.28 -6.27
N VAL A 87 3.68 -5.36 -5.00
CA VAL A 87 2.82 -5.95 -3.98
C VAL A 87 2.05 -4.88 -3.21
N VAL A 88 0.74 -4.85 -3.41
CA VAL A 88 -0.11 -3.87 -2.73
C VAL A 88 -1.15 -4.56 -1.87
N LYS A 89 -0.98 -4.45 -0.55
CA LYS A 89 -1.91 -5.07 0.39
C LYS A 89 -2.16 -4.15 1.59
N PHE A 90 -3.39 -4.12 2.07
CA PHE A 90 -3.75 -3.29 3.20
C PHE A 90 -2.72 -3.40 4.31
N ALA A 91 -2.29 -2.26 4.84
CA ALA A 91 -1.30 -2.23 5.90
C ALA A 91 -1.90 -2.67 7.23
N ASP A 92 -1.05 -2.92 8.22
CA ASP A 92 -1.50 -3.34 9.54
C ASP A 92 -1.44 -2.19 10.53
N THR A 93 -2.48 -2.06 11.34
CA THR A 93 -2.55 -1.00 12.34
C THR A 93 -2.98 -1.54 13.70
N GLU A 94 -4.08 -2.28 13.71
CA GLU A 94 -4.60 -2.86 14.94
C GLU A 94 -3.53 -3.68 15.65
N LYS A 95 -2.83 -3.06 16.59
CA LYS A 95 -1.78 -3.73 17.35
C LYS A 95 -2.28 -4.16 18.71
N GLU A 96 -1.71 -5.24 19.24
CA GLU A 96 -2.10 -5.76 20.55
C GLU A 96 -1.21 -6.93 20.96
N SER A 97 -0.77 -6.92 22.21
CA SER A 97 0.09 -7.97 22.73
C SER A 97 -0.36 -9.34 22.24
N GLY A 98 0.57 -10.28 22.18
CA GLY A 98 0.26 -11.62 21.72
C GLY A 98 -0.03 -11.67 20.24
N PRO A 99 0.98 -12.03 19.44
CA PRO A 99 0.86 -12.12 17.99
C PRO A 99 0.09 -13.37 17.55
N SER A 100 -1.21 -13.23 17.40
CA SER A 100 -2.07 -14.34 16.98
C SER A 100 -3.13 -13.87 15.98
N SER A 101 -2.99 -14.33 14.74
CA SER A 101 -3.93 -13.96 13.69
C SER A 101 -4.77 -15.17 13.26
N GLY A 102 -6.09 -15.01 13.27
CA GLY A 102 -6.97 -16.09 12.88
C GLY A 102 -8.07 -15.62 11.94
N GLY A 1 -5.54 -12.53 -9.22
CA GLY A 1 -5.30 -13.61 -8.29
C GLY A 1 -5.21 -13.13 -6.85
N SER A 2 -5.69 -13.96 -5.92
CA SER A 2 -5.65 -13.60 -4.51
C SER A 2 -5.79 -14.85 -3.63
N SER A 3 -5.66 -14.67 -2.33
CA SER A 3 -5.76 -15.78 -1.39
C SER A 3 -7.14 -15.83 -0.75
N GLY A 4 -7.98 -16.74 -1.22
CA GLY A 4 -9.32 -16.88 -0.68
C GLY A 4 -9.94 -15.53 -0.35
N SER A 5 -10.78 -15.51 0.68
CA SER A 5 -11.46 -14.28 1.08
C SER A 5 -10.52 -13.39 1.89
N SER A 6 -10.26 -12.19 1.36
CA SER A 6 -9.37 -11.24 2.02
C SER A 6 -10.11 -10.48 3.13
N GLY A 7 -11.37 -10.12 2.84
CA GLY A 7 -12.16 -9.39 3.82
C GLY A 7 -12.64 -8.06 3.29
N SER A 8 -13.74 -7.56 3.86
CA SER A 8 -14.31 -6.29 3.43
C SER A 8 -14.34 -5.29 4.59
N ARG A 9 -14.79 -5.76 5.75
CA ARG A 9 -14.87 -4.91 6.94
C ARG A 9 -13.51 -4.30 7.26
N GLY A 10 -13.50 -3.00 7.53
CA GLY A 10 -12.27 -2.32 7.86
C GLY A 10 -12.39 -0.81 7.74
N GLU A 11 -11.89 -0.09 8.74
CA GLU A 11 -11.95 1.36 8.75
C GLU A 11 -10.59 1.96 8.39
N ASP A 12 -9.55 1.13 8.44
CA ASP A 12 -8.20 1.58 8.12
C ASP A 12 -8.11 2.03 6.67
N ARG A 13 -7.42 3.14 6.44
CA ARG A 13 -7.26 3.68 5.10
C ARG A 13 -5.78 3.74 4.71
N LYS A 14 -5.06 2.66 5.00
CA LYS A 14 -3.63 2.58 4.68
C LYS A 14 -3.32 1.31 3.91
N LEU A 15 -2.48 1.44 2.89
CA LEU A 15 -2.09 0.30 2.07
C LEU A 15 -0.58 0.07 2.11
N PHE A 16 -0.18 -1.17 2.32
CA PHE A 16 1.23 -1.52 2.38
C PHE A 16 1.78 -1.85 0.99
N VAL A 17 2.62 -0.98 0.47
CA VAL A 17 3.21 -1.17 -0.85
C VAL A 17 4.61 -1.77 -0.74
N GLY A 18 4.93 -2.69 -1.65
CA GLY A 18 6.23 -3.32 -1.65
C GLY A 18 6.80 -3.49 -3.04
N MET A 19 8.01 -4.04 -3.12
CA MET A 19 8.67 -4.27 -4.40
C MET A 19 8.88 -2.94 -5.13
N LEU A 20 9.45 -1.97 -4.43
CA LEU A 20 9.72 -0.66 -5.01
C LEU A 20 11.20 -0.50 -5.33
N GLY A 21 11.49 0.24 -6.40
CA GLY A 21 12.87 0.47 -6.79
C GLY A 21 13.42 1.78 -6.25
N LYS A 22 14.73 1.80 -6.00
CA LYS A 22 15.38 3.00 -5.46
C LYS A 22 15.19 4.17 -6.42
N GLN A 23 14.87 3.87 -7.67
CA GLN A 23 14.67 4.91 -8.67
C GLN A 23 13.35 5.65 -8.44
N GLN A 24 12.31 4.90 -8.14
CA GLN A 24 10.99 5.47 -7.90
C GLN A 24 10.98 6.26 -6.59
N THR A 25 10.10 7.26 -6.51
CA THR A 25 9.98 8.09 -5.32
C THR A 25 8.53 8.33 -4.96
N ASP A 26 8.30 8.99 -3.83
CA ASP A 26 6.96 9.29 -3.37
C ASP A 26 6.10 9.83 -4.51
N GLU A 27 6.60 10.86 -5.18
CA GLU A 27 5.89 11.47 -6.30
C GLU A 27 5.35 10.41 -7.24
N ASP A 28 6.22 9.52 -7.69
CA ASP A 28 5.82 8.44 -8.60
C ASP A 28 4.69 7.61 -8.00
N VAL A 29 5.02 6.86 -6.95
CA VAL A 29 4.03 6.02 -6.28
C VAL A 29 2.70 6.75 -6.11
N ARG A 30 2.75 7.87 -5.40
CA ARG A 30 1.55 8.66 -5.16
C ARG A 30 0.82 8.97 -6.47
N LYS A 31 1.54 9.56 -7.42
CA LYS A 31 0.96 9.90 -8.72
C LYS A 31 0.50 8.64 -9.44
N MET A 32 1.08 7.50 -9.08
CA MET A 32 0.71 6.23 -9.70
C MET A 32 -0.49 5.61 -9.00
N PHE A 33 -0.74 6.03 -7.77
CA PHE A 33 -1.86 5.52 -6.99
C PHE A 33 -3.04 6.48 -7.03
N GLU A 34 -2.76 7.73 -7.38
CA GLU A 34 -3.81 8.76 -7.45
C GLU A 34 -4.90 8.34 -8.43
N PRO A 35 -4.49 7.78 -9.58
CA PRO A 35 -5.43 7.34 -10.62
C PRO A 35 -6.56 6.49 -10.04
N PHE A 36 -6.38 6.02 -8.81
CA PHE A 36 -7.39 5.20 -8.15
C PHE A 36 -7.91 5.88 -6.89
N GLY A 37 -7.93 7.21 -6.90
CA GLY A 37 -8.41 7.96 -5.76
C GLY A 37 -7.41 9.02 -5.30
N THR A 38 -7.80 9.79 -4.30
CA THR A 38 -6.93 10.85 -3.78
C THR A 38 -6.11 10.34 -2.60
N ILE A 39 -4.84 10.75 -2.56
CA ILE A 39 -3.93 10.33 -1.49
C ILE A 39 -3.80 11.43 -0.44
N ASP A 40 -4.16 11.10 0.79
CA ASP A 40 -4.07 12.06 1.89
C ASP A 40 -2.68 12.01 2.53
N GLU A 41 -2.13 10.81 2.67
CA GLU A 41 -0.81 10.64 3.27
C GLU A 41 0.02 9.63 2.48
N CYS A 42 1.30 9.92 2.34
CA CYS A 42 2.21 9.05 1.60
C CYS A 42 3.64 9.20 2.11
N THR A 43 4.19 8.11 2.62
CA THR A 43 5.56 8.11 3.14
C THR A 43 6.33 6.89 2.68
N VAL A 44 7.62 7.06 2.43
CA VAL A 44 8.47 5.97 1.98
C VAL A 44 9.49 5.58 3.06
N LEU A 45 9.66 4.28 3.26
CA LEU A 45 10.59 3.78 4.25
C LEU A 45 11.96 3.51 3.63
N ARG A 46 13.01 4.02 4.26
CA ARG A 46 14.37 3.83 3.76
C ARG A 46 15.34 3.64 4.92
N GLY A 47 16.62 3.48 4.59
CA GLY A 47 17.63 3.28 5.60
C GLY A 47 18.92 4.04 5.32
N PRO A 48 20.05 3.49 5.76
CA PRO A 48 21.36 4.09 5.55
C PRO A 48 21.55 4.58 4.12
N ASP A 49 22.31 5.68 3.96
CA ASP A 49 22.56 6.24 2.64
C ASP A 49 21.26 6.43 1.87
N GLY A 50 20.19 6.73 2.59
CA GLY A 50 18.90 6.92 1.95
C GLY A 50 18.54 5.79 1.01
N THR A 51 18.94 4.57 1.37
CA THR A 51 18.66 3.40 0.55
C THR A 51 17.21 2.96 0.68
N SER A 52 16.46 3.07 -0.42
CA SER A 52 15.06 2.69 -0.42
C SER A 52 14.88 1.21 -0.11
N LYS A 53 14.36 0.91 1.08
CA LYS A 53 14.15 -0.46 1.50
C LYS A 53 13.27 -1.20 0.49
N GLY A 54 12.44 -0.46 -0.23
CA GLY A 54 11.56 -1.06 -1.22
C GLY A 54 10.15 -1.23 -0.70
N CYS A 55 9.73 -0.33 0.18
CA CYS A 55 8.39 -0.39 0.75
C CYS A 55 7.92 1.00 1.18
N ALA A 56 6.65 1.30 0.90
CA ALA A 56 6.09 2.60 1.27
C ALA A 56 4.63 2.45 1.69
N PHE A 57 4.19 3.35 2.56
CA PHE A 57 2.81 3.33 3.04
C PHE A 57 1.98 4.42 2.38
N VAL A 58 0.96 4.01 1.61
CA VAL A 58 0.09 4.95 0.92
C VAL A 58 -1.27 5.01 1.58
N LYS A 59 -1.80 6.23 1.73
CA LYS A 59 -3.11 6.43 2.34
C LYS A 59 -4.08 7.09 1.36
N PHE A 60 -5.27 6.53 1.24
CA PHE A 60 -6.28 7.05 0.34
C PHE A 60 -7.33 7.85 1.11
N GLN A 61 -8.03 8.74 0.40
CA GLN A 61 -9.05 9.56 1.02
C GLN A 61 -10.17 8.70 1.61
N THR A 62 -10.54 7.65 0.89
CA THR A 62 -11.59 6.74 1.34
C THR A 62 -11.23 5.29 1.06
N HIS A 63 -11.65 4.41 1.95
CA HIS A 63 -11.36 2.98 1.80
C HIS A 63 -11.74 2.49 0.40
N ALA A 64 -12.94 2.87 -0.05
CA ALA A 64 -13.41 2.48 -1.37
C ALA A 64 -12.30 2.55 -2.40
N GLU A 65 -11.64 3.72 -2.47
CA GLU A 65 -10.56 3.91 -3.43
C GLU A 65 -9.44 2.90 -3.20
N ALA A 66 -9.01 2.77 -1.96
CA ALA A 66 -7.95 1.84 -1.60
C ALA A 66 -8.17 0.48 -2.26
N GLN A 67 -9.41 -0.01 -2.18
CA GLN A 67 -9.75 -1.30 -2.76
C GLN A 67 -9.52 -1.29 -4.27
N ALA A 68 -10.09 -0.30 -4.94
CA ALA A 68 -9.96 -0.17 -6.39
C ALA A 68 -8.50 -0.37 -6.82
N ALA A 69 -7.62 0.45 -6.27
CA ALA A 69 -6.19 0.36 -6.59
C ALA A 69 -5.70 -1.08 -6.54
N ILE A 70 -5.72 -1.66 -5.35
CA ILE A 70 -5.28 -3.04 -5.17
C ILE A 70 -5.83 -3.94 -6.27
N ASN A 71 -7.15 -3.93 -6.44
CA ASN A 71 -7.79 -4.76 -7.46
C ASN A 71 -6.92 -4.85 -8.71
N THR A 72 -6.28 -3.74 -9.07
CA THR A 72 -5.42 -3.70 -10.25
C THR A 72 -3.96 -3.56 -9.85
N LEU A 73 -3.60 -2.40 -9.30
CA LEU A 73 -2.23 -2.14 -8.88
C LEU A 73 -1.60 -3.41 -8.30
N HIS A 74 -2.31 -4.07 -7.40
CA HIS A 74 -1.81 -5.29 -6.78
C HIS A 74 -1.41 -6.32 -7.84
N SER A 75 -0.10 -6.53 -7.97
CA SER A 75 0.42 -7.48 -8.95
C SER A 75 0.10 -7.02 -10.37
N SER A 76 0.36 -5.75 -10.65
CA SER A 76 0.11 -5.19 -11.97
C SER A 76 1.38 -5.12 -12.79
N ARG A 77 2.25 -4.17 -12.46
CA ARG A 77 3.51 -3.99 -13.16
C ARG A 77 4.66 -4.62 -12.39
N THR A 78 5.76 -4.90 -13.09
CA THR A 78 6.93 -5.50 -12.45
C THR A 78 8.16 -4.60 -12.61
N LEU A 79 8.20 -3.53 -11.84
CA LEU A 79 9.32 -2.59 -11.88
C LEU A 79 10.63 -3.33 -12.15
N PRO A 80 11.59 -2.62 -12.76
CA PRO A 80 12.91 -3.17 -13.08
C PRO A 80 13.77 -3.38 -11.84
N GLY A 81 14.18 -4.63 -11.60
CA GLY A 81 15.00 -4.94 -10.46
C GLY A 81 14.18 -5.30 -9.24
N ALA A 82 13.04 -5.94 -9.47
CA ALA A 82 12.15 -6.34 -8.37
C ALA A 82 11.61 -7.75 -8.59
N SER A 83 12.00 -8.67 -7.71
CA SER A 83 11.56 -10.06 -7.81
C SER A 83 10.15 -10.13 -8.41
N SER A 84 9.15 -9.82 -7.59
CA SER A 84 7.77 -9.85 -8.04
C SER A 84 7.27 -8.46 -8.39
N SER A 85 5.99 -8.36 -8.76
CA SER A 85 5.40 -7.09 -9.13
C SER A 85 5.10 -6.25 -7.89
N LEU A 86 4.65 -5.01 -8.11
CA LEU A 86 4.33 -4.11 -7.02
C LEU A 86 3.34 -4.75 -6.05
N VAL A 87 3.83 -5.12 -4.87
CA VAL A 87 2.99 -5.74 -3.86
C VAL A 87 2.16 -4.69 -3.12
N VAL A 88 0.89 -4.57 -3.50
CA VAL A 88 0.00 -3.61 -2.86
C VAL A 88 -1.14 -4.31 -2.13
N LYS A 89 -1.08 -4.28 -0.81
CA LYS A 89 -2.11 -4.92 0.02
C LYS A 89 -2.36 -4.13 1.30
N PHE A 90 -3.60 -4.09 1.74
CA PHE A 90 -3.98 -3.36 2.94
C PHE A 90 -2.90 -3.51 4.02
N ALA A 91 -2.70 -2.45 4.79
CA ALA A 91 -1.71 -2.46 5.86
C ALA A 91 -2.20 -3.28 7.05
N ASP A 92 -1.43 -4.32 7.39
CA ASP A 92 -1.78 -5.19 8.51
C ASP A 92 -1.09 -4.73 9.79
N THR A 93 -1.85 -4.67 10.88
CA THR A 93 -1.31 -4.25 12.16
C THR A 93 -1.94 -5.04 13.31
N GLU A 94 -1.12 -5.36 14.30
CA GLU A 94 -1.59 -6.12 15.47
C GLU A 94 -0.99 -5.58 16.74
N LYS A 95 -1.75 -5.69 17.84
CA LYS A 95 -1.29 -5.20 19.13
C LYS A 95 -0.36 -6.22 19.80
N GLU A 96 0.70 -5.73 20.44
CA GLU A 96 1.66 -6.60 21.11
C GLU A 96 0.97 -7.42 22.19
N SER A 97 1.09 -8.75 22.09
CA SER A 97 0.48 -9.66 23.05
C SER A 97 1.50 -10.10 24.10
N GLY A 98 1.02 -10.82 25.11
CA GLY A 98 1.90 -11.28 26.16
C GLY A 98 1.21 -11.38 27.50
N PRO A 99 0.58 -12.55 27.77
CA PRO A 99 -0.14 -12.79 29.02
C PRO A 99 0.80 -13.08 30.19
N SER A 100 0.96 -12.10 31.07
CA SER A 100 1.84 -12.25 32.23
C SER A 100 1.13 -11.82 33.51
N SER A 101 1.38 -12.56 34.59
CA SER A 101 0.76 -12.27 35.88
C SER A 101 1.73 -11.53 36.80
N GLY A 102 2.95 -12.06 36.91
CA GLY A 102 3.94 -11.43 37.76
C GLY A 102 5.36 -11.63 37.23
N GLY A 1 -18.71 -22.73 -12.09
CA GLY A 1 -17.41 -22.65 -11.44
C GLY A 1 -17.50 -22.16 -10.01
N SER A 2 -17.76 -23.08 -9.09
CA SER A 2 -17.87 -22.73 -7.67
C SER A 2 -16.70 -21.85 -7.23
N SER A 3 -17.03 -20.72 -6.63
CA SER A 3 -16.01 -19.78 -6.16
C SER A 3 -16.32 -19.31 -4.74
N GLY A 4 -15.39 -18.54 -4.17
CA GLY A 4 -15.57 -18.04 -2.82
C GLY A 4 -16.39 -16.76 -2.79
N SER A 5 -16.76 -16.32 -1.59
CA SER A 5 -17.54 -15.11 -1.42
C SER A 5 -16.78 -14.07 -0.61
N SER A 6 -16.35 -14.46 0.59
CA SER A 6 -15.61 -13.56 1.47
C SER A 6 -14.21 -13.31 0.93
N GLY A 7 -13.78 -12.06 1.01
CA GLY A 7 -12.46 -11.70 0.52
C GLY A 7 -11.56 -11.16 1.62
N SER A 8 -10.80 -10.11 1.29
CA SER A 8 -9.90 -9.50 2.26
C SER A 8 -10.54 -8.28 2.91
N ARG A 9 -10.63 -8.30 4.24
CA ARG A 9 -11.23 -7.20 4.98
C ARG A 9 -10.15 -6.29 5.56
N GLY A 10 -10.21 -5.02 5.22
CA GLY A 10 -9.23 -4.07 5.71
C GLY A 10 -9.80 -2.67 5.88
N GLU A 11 -10.50 -2.46 7.00
CA GLU A 11 -11.11 -1.16 7.28
C GLU A 11 -10.09 -0.04 7.14
N ASP A 12 -8.92 -0.22 7.76
CA ASP A 12 -7.87 0.78 7.70
C ASP A 12 -7.68 1.28 6.27
N ARG A 13 -7.28 2.55 6.15
CA ARG A 13 -7.06 3.15 4.84
C ARG A 13 -5.64 2.89 4.35
N LYS A 14 -4.67 3.28 5.16
CA LYS A 14 -3.26 3.09 4.81
C LYS A 14 -3.04 1.73 4.16
N LEU A 15 -2.18 1.70 3.14
CA LEU A 15 -1.87 0.46 2.43
C LEU A 15 -0.38 0.19 2.42
N PHE A 16 -0.01 -1.09 2.47
CA PHE A 16 1.39 -1.48 2.46
C PHE A 16 1.83 -1.90 1.06
N VAL A 17 2.81 -1.19 0.51
CA VAL A 17 3.33 -1.49 -0.81
C VAL A 17 4.75 -2.06 -0.74
N GLY A 18 5.02 -3.06 -1.56
CA GLY A 18 6.33 -3.67 -1.58
C GLY A 18 6.87 -3.84 -2.98
N MET A 19 8.02 -4.50 -3.10
CA MET A 19 8.65 -4.74 -4.39
C MET A 19 8.96 -3.42 -5.09
N LEU A 20 9.30 -2.41 -4.31
CA LEU A 20 9.62 -1.09 -4.84
C LEU A 20 11.12 -0.97 -5.13
N GLY A 21 11.47 -0.04 -6.02
CA GLY A 21 12.87 0.16 -6.37
C GLY A 21 13.32 1.58 -6.10
N LYS A 22 14.63 1.75 -5.90
CA LYS A 22 15.19 3.07 -5.64
C LYS A 22 14.68 4.08 -6.65
N GLN A 23 14.60 3.68 -7.91
CA GLN A 23 14.12 4.56 -8.98
C GLN A 23 12.80 5.21 -8.59
N GLN A 24 11.82 4.39 -8.23
CA GLN A 24 10.52 4.89 -7.84
C GLN A 24 10.57 5.55 -6.46
N THR A 25 9.83 6.64 -6.30
CA THR A 25 9.78 7.36 -5.03
C THR A 25 8.37 7.82 -4.70
N ASP A 26 8.19 8.31 -3.48
CA ASP A 26 6.88 8.78 -3.04
C ASP A 26 6.14 9.48 -4.17
N GLU A 27 6.89 10.23 -4.99
CA GLU A 27 6.31 10.94 -6.12
C GLU A 27 5.63 9.99 -7.09
N ASP A 28 6.39 9.02 -7.57
CA ASP A 28 5.86 8.03 -8.52
C ASP A 28 4.70 7.26 -7.90
N VAL A 29 4.95 6.65 -6.75
CA VAL A 29 3.91 5.89 -6.06
C VAL A 29 2.65 6.70 -5.88
N ARG A 30 2.77 7.88 -5.28
CA ARG A 30 1.64 8.76 -5.06
C ARG A 30 0.87 9.00 -6.36
N LYS A 31 1.52 9.64 -7.32
CA LYS A 31 0.90 9.94 -8.61
C LYS A 31 0.52 8.64 -9.33
N MET A 32 1.14 7.54 -8.93
CA MET A 32 0.86 6.25 -9.53
C MET A 32 -0.34 5.58 -8.87
N PHE A 33 -0.64 6.00 -7.65
CA PHE A 33 -1.77 5.44 -6.91
C PHE A 33 -2.98 6.38 -6.97
N GLU A 34 -2.73 7.62 -7.37
CA GLU A 34 -3.80 8.61 -7.47
C GLU A 34 -4.87 8.16 -8.46
N PRO A 35 -4.43 7.60 -9.59
CA PRO A 35 -5.33 7.11 -10.64
C PRO A 35 -6.45 6.24 -10.08
N PHE A 36 -6.29 5.81 -8.83
CA PHE A 36 -7.29 4.97 -8.17
C PHE A 36 -7.86 5.66 -6.94
N GLY A 37 -7.91 7.00 -6.98
CA GLY A 37 -8.42 7.75 -5.86
C GLY A 37 -7.47 8.84 -5.41
N THR A 38 -7.97 9.77 -4.59
CA THR A 38 -7.16 10.87 -4.09
C THR A 38 -6.35 10.45 -2.88
N ILE A 39 -5.06 10.76 -2.90
CA ILE A 39 -4.17 10.41 -1.79
C ILE A 39 -4.03 11.57 -0.82
N ASP A 40 -4.16 11.28 0.47
CA ASP A 40 -4.04 12.30 1.51
C ASP A 40 -2.68 12.23 2.18
N GLU A 41 -2.24 11.01 2.50
CA GLU A 41 -0.94 10.82 3.15
C GLU A 41 -0.14 9.72 2.45
N CYS A 42 1.13 9.99 2.20
CA CYS A 42 2.00 9.03 1.53
C CYS A 42 3.44 9.18 2.02
N THR A 43 3.96 8.13 2.66
CA THR A 43 5.31 8.15 3.17
C THR A 43 6.04 6.85 2.85
N VAL A 44 7.28 6.97 2.40
CA VAL A 44 8.08 5.80 2.06
C VAL A 44 9.04 5.43 3.19
N LEU A 45 9.34 4.14 3.31
CA LEU A 45 10.24 3.66 4.35
C LEU A 45 11.67 3.56 3.83
N ARG A 46 12.58 4.30 4.45
CA ARG A 46 13.98 4.29 4.05
C ARG A 46 14.88 3.89 5.22
N GLY A 47 16.16 3.70 4.93
CA GLY A 47 17.10 3.31 5.97
C GLY A 47 17.75 4.50 6.64
N PRO A 48 19.00 4.32 7.10
CA PRO A 48 19.75 5.38 7.78
C PRO A 48 20.31 6.41 6.80
N ASP A 49 20.79 5.93 5.65
CA ASP A 49 21.34 6.80 4.63
C ASP A 49 20.24 7.52 3.86
N GLY A 50 19.24 6.76 3.43
CA GLY A 50 18.14 7.33 2.69
C GLY A 50 17.85 6.58 1.41
N THR A 51 17.87 5.25 1.48
CA THR A 51 17.60 4.42 0.31
C THR A 51 16.26 3.71 0.44
N SER A 52 15.53 3.64 -0.66
CA SER A 52 14.23 2.98 -0.68
C SER A 52 14.37 1.49 -0.41
N LYS A 53 14.16 1.10 0.84
CA LYS A 53 14.26 -0.31 1.24
C LYS A 53 13.43 -1.19 0.31
N GLY A 54 12.39 -0.61 -0.29
CA GLY A 54 11.55 -1.36 -1.20
C GLY A 54 10.13 -1.50 -0.67
N CYS A 55 9.66 -0.48 0.05
CA CYS A 55 8.31 -0.50 0.61
C CYS A 55 7.90 0.89 1.07
N ALA A 56 6.60 1.18 0.96
CA ALA A 56 6.07 2.47 1.37
C ALA A 56 4.60 2.37 1.74
N PHE A 57 4.13 3.32 2.54
CA PHE A 57 2.74 3.35 2.97
C PHE A 57 1.95 4.42 2.24
N VAL A 58 0.81 4.04 1.69
CA VAL A 58 -0.04 4.98 0.96
C VAL A 58 -1.41 5.10 1.61
N LYS A 59 -1.89 6.34 1.73
CA LYS A 59 -3.19 6.60 2.34
C LYS A 59 -4.13 7.28 1.34
N PHE A 60 -5.32 6.72 1.17
CA PHE A 60 -6.31 7.28 0.26
C PHE A 60 -7.32 8.14 1.00
N GLN A 61 -8.06 8.94 0.25
CA GLN A 61 -9.07 9.83 0.84
C GLN A 61 -10.25 9.03 1.38
N THR A 62 -10.46 7.83 0.83
CA THR A 62 -11.54 6.97 1.25
C THR A 62 -11.17 5.49 1.08
N HIS A 63 -11.82 4.64 1.86
CA HIS A 63 -11.57 3.21 1.81
C HIS A 63 -11.84 2.66 0.40
N ALA A 64 -13.06 2.87 -0.08
CA ALA A 64 -13.45 2.40 -1.40
C ALA A 64 -12.32 2.61 -2.41
N GLU A 65 -11.85 3.85 -2.52
CA GLU A 65 -10.77 4.16 -3.45
C GLU A 65 -9.59 3.21 -3.27
N ALA A 66 -9.05 3.16 -2.06
CA ALA A 66 -7.93 2.30 -1.76
C ALA A 66 -8.09 0.93 -2.43
N GLN A 67 -9.14 0.23 -2.06
CA GLN A 67 -9.42 -1.09 -2.64
C GLN A 67 -9.15 -1.10 -4.14
N ALA A 68 -9.74 -0.14 -4.84
CA ALA A 68 -9.57 -0.03 -6.28
C ALA A 68 -8.13 -0.32 -6.69
N ALA A 69 -7.23 0.60 -6.36
CA ALA A 69 -5.82 0.43 -6.70
C ALA A 69 -5.36 -1.01 -6.46
N ILE A 70 -5.47 -1.46 -5.22
CA ILE A 70 -5.06 -2.82 -4.87
C ILE A 70 -5.63 -3.83 -5.86
N ASN A 71 -6.92 -3.68 -6.17
CA ASN A 71 -7.59 -4.59 -7.10
C ASN A 71 -6.75 -4.78 -8.36
N THR A 72 -6.12 -3.71 -8.82
CA THR A 72 -5.29 -3.78 -10.02
C THR A 72 -3.81 -3.66 -9.67
N LEU A 73 -3.42 -2.49 -9.16
CA LEU A 73 -2.03 -2.26 -8.78
C LEU A 73 -1.39 -3.53 -8.21
N HIS A 74 -2.13 -4.23 -7.37
CA HIS A 74 -1.64 -5.47 -6.77
C HIS A 74 -1.01 -6.37 -7.82
N SER A 75 0.26 -6.70 -7.63
CA SER A 75 0.98 -7.55 -8.55
C SER A 75 0.56 -7.26 -10.00
N SER A 76 0.65 -6.00 -10.38
CA SER A 76 0.27 -5.59 -11.73
C SER A 76 1.51 -5.41 -12.61
N ARG A 77 2.29 -4.39 -12.32
CA ARG A 77 3.50 -4.11 -13.09
C ARG A 77 4.74 -4.63 -12.35
N THR A 78 5.88 -4.56 -13.03
CA THR A 78 7.13 -5.04 -12.44
C THR A 78 8.21 -3.96 -12.53
N LEU A 79 8.18 -3.01 -11.60
CA LEU A 79 9.16 -1.93 -11.58
C LEU A 79 10.56 -2.45 -11.89
N PRO A 80 11.35 -1.65 -12.62
CA PRO A 80 12.71 -2.00 -13.00
C PRO A 80 13.52 -2.55 -11.82
N GLY A 81 14.04 -3.77 -11.99
CA GLY A 81 14.83 -4.38 -10.93
C GLY A 81 13.98 -4.77 -9.73
N ALA A 82 12.92 -5.54 -9.99
CA ALA A 82 12.04 -5.99 -8.93
C ALA A 82 11.61 -7.44 -9.14
N SER A 83 12.08 -8.33 -8.27
CA SER A 83 11.74 -9.75 -8.37
C SER A 83 10.35 -9.94 -8.95
N SER A 84 9.33 -9.70 -8.12
CA SER A 84 7.95 -9.85 -8.54
C SER A 84 7.34 -8.50 -8.89
N SER A 85 6.05 -8.51 -9.19
CA SER A 85 5.34 -7.28 -9.56
C SER A 85 5.11 -6.41 -8.31
N LEU A 86 4.53 -5.23 -8.54
CA LEU A 86 4.26 -4.31 -7.44
C LEU A 86 3.24 -4.89 -6.47
N VAL A 87 3.72 -5.35 -5.33
CA VAL A 87 2.85 -5.93 -4.31
C VAL A 87 2.13 -4.84 -3.51
N VAL A 88 0.81 -4.80 -3.63
CA VAL A 88 0.00 -3.81 -2.92
C VAL A 88 -1.06 -4.49 -2.07
N LYS A 89 -1.17 -4.05 -0.81
CA LYS A 89 -2.15 -4.60 0.10
C LYS A 89 -2.48 -3.61 1.22
N PHE A 90 -3.35 -4.01 2.13
CA PHE A 90 -3.75 -3.16 3.24
C PHE A 90 -2.68 -3.17 4.33
N ALA A 91 -2.57 -2.06 5.06
CA ALA A 91 -1.60 -1.94 6.13
C ALA A 91 -2.11 -2.56 7.42
N ASP A 92 -2.03 -3.89 7.50
CA ASP A 92 -2.49 -4.60 8.68
C ASP A 92 -1.55 -4.38 9.85
N THR A 93 -2.09 -4.41 11.07
CA THR A 93 -1.31 -4.21 12.27
C THR A 93 -1.59 -5.28 13.31
N GLU A 94 -0.58 -6.06 13.66
CA GLU A 94 -0.72 -7.13 14.64
C GLU A 94 -1.05 -6.56 16.01
N LYS A 95 -1.93 -7.26 16.74
CA LYS A 95 -2.32 -6.82 18.08
C LYS A 95 -1.95 -7.87 19.12
N GLU A 96 -1.86 -7.43 20.38
CA GLU A 96 -1.51 -8.32 21.47
C GLU A 96 -2.64 -8.41 22.49
N SER A 97 -3.01 -9.63 22.85
CA SER A 97 -4.09 -9.85 23.81
C SER A 97 -4.04 -11.28 24.37
N GLY A 98 -4.58 -11.46 25.57
CA GLY A 98 -4.59 -12.77 26.18
C GLY A 98 -5.42 -13.77 25.40
N PRO A 99 -4.97 -15.03 25.38
CA PRO A 99 -5.67 -16.11 24.67
C PRO A 99 -6.86 -16.64 25.45
N SER A 100 -8.01 -16.01 25.26
CA SER A 100 -9.24 -16.41 25.95
C SER A 100 -10.03 -17.41 25.10
N SER A 101 -9.78 -18.69 25.34
CA SER A 101 -10.47 -19.75 24.59
C SER A 101 -11.91 -19.36 24.30
N GLY A 102 -12.65 -19.04 25.36
CA GLY A 102 -14.05 -18.66 25.20
C GLY A 102 -14.82 -18.73 26.51
N GLY A 1 -37.62 -6.61 -11.46
CA GLY A 1 -37.71 -6.27 -10.05
C GLY A 1 -36.84 -7.15 -9.18
N SER A 2 -35.91 -6.54 -8.46
CA SER A 2 -35.00 -7.28 -7.59
C SER A 2 -34.27 -6.35 -6.63
N SER A 3 -33.84 -6.89 -5.50
CA SER A 3 -33.12 -6.10 -4.51
C SER A 3 -32.22 -6.98 -3.65
N GLY A 4 -30.95 -6.58 -3.51
CA GLY A 4 -30.02 -7.35 -2.72
C GLY A 4 -29.67 -6.68 -1.41
N SER A 5 -28.48 -6.98 -0.89
CA SER A 5 -28.03 -6.39 0.37
C SER A 5 -26.51 -6.28 0.40
N SER A 6 -26.02 -5.17 0.95
CA SER A 6 -24.59 -4.94 1.04
C SER A 6 -24.25 -4.01 2.20
N GLY A 7 -22.99 -3.96 2.57
CA GLY A 7 -22.57 -3.10 3.67
C GLY A 7 -21.07 -3.16 3.91
N SER A 8 -20.30 -2.60 2.98
CA SER A 8 -18.84 -2.60 3.11
C SER A 8 -18.38 -1.62 4.17
N ARG A 9 -17.29 -1.95 4.85
CA ARG A 9 -16.75 -1.10 5.91
C ARG A 9 -15.26 -1.36 6.10
N GLY A 10 -14.48 -0.28 6.19
CA GLY A 10 -13.05 -0.42 6.37
C GLY A 10 -12.54 0.38 7.56
N GLU A 11 -11.52 -0.16 8.24
CA GLU A 11 -10.96 0.51 9.40
C GLU A 11 -9.72 1.32 9.01
N ASP A 12 -8.68 0.63 8.55
CA ASP A 12 -7.45 1.28 8.14
C ASP A 12 -7.43 1.53 6.63
N ARG A 13 -6.94 2.69 6.24
CA ARG A 13 -6.87 3.05 4.83
C ARG A 13 -5.48 2.81 4.27
N LYS A 14 -4.47 3.33 4.98
CA LYS A 14 -3.09 3.17 4.55
C LYS A 14 -2.86 1.81 3.91
N LEU A 15 -2.09 1.78 2.82
CA LEU A 15 -1.80 0.55 2.11
C LEU A 15 -0.30 0.25 2.13
N PHE A 16 0.04 -1.03 2.27
CA PHE A 16 1.44 -1.44 2.30
C PHE A 16 1.90 -1.89 0.91
N VAL A 17 2.81 -1.13 0.33
CA VAL A 17 3.33 -1.46 -1.00
C VAL A 17 4.77 -1.95 -0.92
N GLY A 18 5.04 -3.09 -1.55
CA GLY A 18 6.38 -3.65 -1.53
C GLY A 18 6.96 -3.80 -2.92
N MET A 19 8.10 -4.48 -3.02
CA MET A 19 8.76 -4.69 -4.29
C MET A 19 8.95 -3.38 -5.04
N LEU A 20 9.36 -2.35 -4.30
CA LEU A 20 9.59 -1.03 -4.89
C LEU A 20 11.06 -0.83 -5.22
N GLY A 21 11.32 -0.02 -6.24
CA GLY A 21 12.70 0.25 -6.64
C GLY A 21 13.12 1.67 -6.34
N LYS A 22 14.41 1.85 -6.07
CA LYS A 22 14.95 3.17 -5.76
C LYS A 22 14.34 4.23 -6.67
N GLN A 23 14.23 3.90 -7.96
CA GLN A 23 13.68 4.83 -8.95
C GLN A 23 12.36 5.41 -8.45
N GLN A 24 11.41 4.53 -8.13
CA GLN A 24 10.11 4.96 -7.65
C GLN A 24 10.22 5.64 -6.29
N THR A 25 9.76 6.88 -6.22
CA THR A 25 9.82 7.65 -4.98
C THR A 25 8.43 8.09 -4.54
N ASP A 26 8.32 8.56 -3.30
CA ASP A 26 7.04 9.01 -2.76
C ASP A 26 6.24 9.77 -3.82
N GLU A 27 6.96 10.39 -4.76
CA GLU A 27 6.32 11.16 -5.81
C GLU A 27 5.69 10.22 -6.85
N ASP A 28 6.43 9.19 -7.21
CA ASP A 28 5.95 8.22 -8.20
C ASP A 28 4.73 7.46 -7.66
N VAL A 29 4.93 6.74 -6.56
CA VAL A 29 3.86 5.97 -5.94
C VAL A 29 2.58 6.79 -5.85
N ARG A 30 2.68 7.95 -5.20
CA ARG A 30 1.52 8.83 -5.04
C ARG A 30 0.84 9.09 -6.38
N LYS A 31 1.56 9.73 -7.30
CA LYS A 31 1.02 10.04 -8.62
C LYS A 31 0.62 8.76 -9.34
N MET A 32 1.19 7.63 -8.93
CA MET A 32 0.89 6.35 -9.55
C MET A 32 -0.30 5.69 -8.86
N PHE A 33 -0.61 6.13 -7.65
CA PHE A 33 -1.72 5.58 -6.88
C PHE A 33 -2.92 6.53 -6.92
N GLU A 34 -2.67 7.78 -7.28
CA GLU A 34 -3.73 8.79 -7.35
C GLU A 34 -4.77 8.41 -8.39
N PRO A 35 -4.30 7.91 -9.55
CA PRO A 35 -5.18 7.50 -10.65
C PRO A 35 -6.32 6.61 -10.18
N PHE A 36 -6.19 6.08 -8.96
CA PHE A 36 -7.21 5.21 -8.39
C PHE A 36 -7.79 5.81 -7.12
N GLY A 37 -7.82 7.14 -7.05
CA GLY A 37 -8.35 7.81 -5.88
C GLY A 37 -7.44 8.92 -5.40
N THR A 38 -7.95 9.72 -4.46
CA THR A 38 -7.17 10.84 -3.91
C THR A 38 -6.39 10.41 -2.68
N ILE A 39 -5.09 10.66 -2.69
CA ILE A 39 -4.23 10.30 -1.57
C ILE A 39 -4.12 11.45 -0.57
N ASP A 40 -4.42 11.16 0.68
CA ASP A 40 -4.35 12.17 1.75
C ASP A 40 -2.98 12.16 2.41
N GLU A 41 -2.36 10.99 2.47
CA GLU A 41 -1.05 10.85 3.08
C GLU A 41 -0.17 9.89 2.28
N CYS A 42 1.11 10.25 2.13
CA CYS A 42 2.05 9.42 1.40
C CYS A 42 3.46 9.55 1.97
N THR A 43 4.08 8.41 2.26
CA THR A 43 5.43 8.39 2.82
C THR A 43 6.13 7.08 2.52
N VAL A 44 7.42 7.16 2.23
CA VAL A 44 8.21 5.97 1.93
C VAL A 44 9.14 5.62 3.09
N LEU A 45 9.43 4.33 3.24
CA LEU A 45 10.31 3.86 4.31
C LEU A 45 11.72 3.62 3.79
N ARG A 46 12.69 4.34 4.35
CA ARG A 46 14.07 4.20 3.94
C ARG A 46 14.92 3.59 5.06
N GLY A 47 16.22 3.44 4.81
CA GLY A 47 17.11 2.88 5.81
C GLY A 47 18.06 3.91 6.38
N PRO A 48 19.11 3.44 7.07
CA PRO A 48 20.11 4.30 7.68
C PRO A 48 20.61 5.39 6.73
N ASP A 49 21.23 4.97 5.64
CA ASP A 49 21.75 5.90 4.64
C ASP A 49 20.62 6.76 4.06
N GLY A 50 19.51 6.11 3.71
CA GLY A 50 18.38 6.82 3.15
C GLY A 50 17.92 6.23 1.84
N THR A 51 18.33 5.00 1.56
CA THR A 51 17.96 4.32 0.33
C THR A 51 16.59 3.67 0.45
N SER A 52 15.82 3.71 -0.64
CA SER A 52 14.48 3.14 -0.65
C SER A 52 14.52 1.68 -0.21
N LYS A 53 14.20 1.43 1.04
CA LYS A 53 14.19 0.07 1.59
C LYS A 53 13.47 -0.89 0.64
N GLY A 54 12.48 -0.38 -0.06
CA GLY A 54 11.72 -1.19 -1.00
C GLY A 54 10.25 -1.29 -0.64
N CYS A 55 9.80 -0.38 0.22
CA CYS A 55 8.41 -0.37 0.65
C CYS A 55 7.97 1.04 1.02
N ALA A 56 6.68 1.33 0.83
CA ALA A 56 6.13 2.64 1.15
C ALA A 56 4.68 2.53 1.61
N PHE A 57 4.18 3.60 2.24
CA PHE A 57 2.81 3.62 2.72
C PHE A 57 1.98 4.64 1.95
N VAL A 58 0.80 4.21 1.49
CA VAL A 58 -0.09 5.09 0.74
C VAL A 58 -1.46 5.16 1.39
N LYS A 59 -1.85 6.36 1.80
CA LYS A 59 -3.15 6.57 2.43
C LYS A 59 -4.14 7.22 1.46
N PHE A 60 -5.31 6.62 1.33
CA PHE A 60 -6.34 7.14 0.45
C PHE A 60 -7.39 7.95 1.22
N GLN A 61 -8.10 8.81 0.51
CA GLN A 61 -9.13 9.64 1.14
C GLN A 61 -10.30 8.78 1.63
N THR A 62 -10.56 7.68 0.93
CA THR A 62 -11.63 6.78 1.30
C THR A 62 -11.23 5.32 1.11
N HIS A 63 -11.93 4.42 1.80
CA HIS A 63 -11.63 3.00 1.70
C HIS A 63 -11.93 2.48 0.31
N ALA A 64 -13.07 2.89 -0.24
CA ALA A 64 -13.47 2.46 -1.58
C ALA A 64 -12.33 2.64 -2.58
N GLU A 65 -11.66 3.78 -2.50
CA GLU A 65 -10.55 4.08 -3.39
C GLU A 65 -9.36 3.16 -3.11
N ALA A 66 -8.98 3.07 -1.85
CA ALA A 66 -7.86 2.23 -1.45
C ALA A 66 -7.99 0.82 -2.04
N GLN A 67 -9.20 0.28 -2.01
CA GLN A 67 -9.45 -1.05 -2.53
C GLN A 67 -9.34 -1.06 -4.06
N ALA A 68 -9.84 0.00 -4.70
CA ALA A 68 -9.78 0.11 -6.14
C ALA A 68 -8.37 -0.09 -6.67
N ALA A 69 -7.42 0.61 -6.06
CA ALA A 69 -6.01 0.50 -6.47
C ALA A 69 -5.55 -0.96 -6.44
N ILE A 70 -5.54 -1.56 -5.26
CA ILE A 70 -5.12 -2.94 -5.10
C ILE A 70 -5.73 -3.83 -6.19
N ASN A 71 -7.06 -3.80 -6.31
CA ASN A 71 -7.74 -4.59 -7.31
C ASN A 71 -6.93 -4.69 -8.59
N THR A 72 -6.31 -3.59 -8.98
CA THR A 72 -5.49 -3.54 -10.18
C THR A 72 -4.00 -3.48 -9.85
N LEU A 73 -3.58 -2.33 -9.32
CA LEU A 73 -2.18 -2.14 -8.94
C LEU A 73 -1.57 -3.43 -8.40
N HIS A 74 -2.31 -4.10 -7.53
CA HIS A 74 -1.85 -5.36 -6.95
C HIS A 74 -1.37 -6.32 -8.03
N SER A 75 -0.10 -6.70 -7.95
CA SER A 75 0.48 -7.61 -8.93
C SER A 75 0.14 -7.18 -10.34
N SER A 76 0.30 -5.91 -10.63
CA SER A 76 0.01 -5.36 -11.95
C SER A 76 1.26 -5.28 -12.81
N ARG A 77 2.12 -4.30 -12.51
CA ARG A 77 3.36 -4.13 -13.26
C ARG A 77 4.54 -4.74 -12.51
N THR A 78 5.68 -4.83 -13.18
CA THR A 78 6.87 -5.40 -12.58
C THR A 78 8.06 -4.46 -12.71
N LEU A 79 8.12 -3.46 -11.84
CA LEU A 79 9.20 -2.48 -11.86
C LEU A 79 10.55 -3.17 -12.04
N PRO A 80 11.51 -2.44 -12.64
CA PRO A 80 12.86 -2.96 -12.88
C PRO A 80 13.67 -3.10 -11.60
N GLY A 81 14.27 -4.26 -11.42
CA GLY A 81 15.07 -4.50 -10.23
C GLY A 81 14.25 -5.09 -9.09
N ALA A 82 13.08 -5.62 -9.42
CA ALA A 82 12.21 -6.22 -8.42
C ALA A 82 11.83 -7.64 -8.79
N SER A 83 12.33 -8.61 -8.00
CA SER A 83 12.05 -10.01 -8.26
C SER A 83 10.66 -10.19 -8.86
N SER A 84 9.64 -10.08 -8.03
CA SER A 84 8.26 -10.23 -8.48
C SER A 84 7.63 -8.88 -8.80
N SER A 85 6.35 -8.88 -9.14
CA SER A 85 5.64 -7.66 -9.48
C SER A 85 5.44 -6.79 -8.24
N LEU A 86 4.77 -5.66 -8.43
CA LEU A 86 4.51 -4.73 -7.32
C LEU A 86 3.46 -5.29 -6.38
N VAL A 87 3.87 -5.61 -5.15
CA VAL A 87 2.96 -6.14 -4.15
C VAL A 87 2.21 -5.03 -3.43
N VAL A 88 0.90 -4.95 -3.69
CA VAL A 88 0.07 -3.92 -3.07
C VAL A 88 -1.01 -4.55 -2.20
N LYS A 89 -0.97 -4.23 -0.91
CA LYS A 89 -1.95 -4.76 0.03
C LYS A 89 -2.26 -3.75 1.13
N PHE A 90 -3.11 -4.14 2.08
CA PHE A 90 -3.48 -3.27 3.18
C PHE A 90 -2.38 -3.23 4.24
N ALA A 91 -2.36 -2.14 5.01
CA ALA A 91 -1.36 -1.99 6.06
C ALA A 91 -1.68 -2.86 7.27
N ASP A 92 -0.67 -3.13 8.08
CA ASP A 92 -0.84 -3.97 9.27
C ASP A 92 -1.86 -5.07 9.01
N THR A 93 -1.65 -5.82 7.94
CA THR A 93 -2.56 -6.91 7.58
C THR A 93 -2.53 -8.01 8.63
N GLU A 94 -3.68 -8.24 9.27
CA GLU A 94 -3.79 -9.27 10.29
C GLU A 94 -3.24 -10.60 9.79
N LYS A 95 -3.61 -10.96 8.57
CA LYS A 95 -3.15 -12.21 7.98
C LYS A 95 -1.66 -12.17 7.70
N GLU A 96 -0.90 -12.99 8.43
CA GLU A 96 0.55 -13.04 8.26
C GLU A 96 0.96 -14.31 7.51
N SER A 97 2.16 -14.29 6.94
CA SER A 97 2.67 -15.43 6.19
C SER A 97 2.43 -16.73 6.95
N GLY A 98 1.87 -17.71 6.26
CA GLY A 98 1.58 -18.99 6.87
C GLY A 98 2.56 -20.07 6.46
N PRO A 99 2.93 -20.94 7.42
CA PRO A 99 3.88 -22.04 7.17
C PRO A 99 3.56 -22.79 5.88
N SER A 100 4.56 -22.90 5.01
CA SER A 100 4.38 -23.60 3.74
C SER A 100 5.54 -24.55 3.49
N SER A 101 5.27 -25.60 2.71
CA SER A 101 6.29 -26.60 2.40
C SER A 101 5.99 -27.29 1.07
N GLY A 102 7.01 -27.43 0.23
CA GLY A 102 6.82 -28.06 -1.06
C GLY A 102 5.87 -27.30 -1.96
N GLY A 1 -29.03 -8.70 -9.26
CA GLY A 1 -30.36 -8.55 -8.71
C GLY A 1 -30.41 -8.87 -7.23
N SER A 2 -29.40 -8.42 -6.50
CA SER A 2 -29.33 -8.66 -5.05
C SER A 2 -29.15 -7.36 -4.30
N SER A 3 -29.70 -7.30 -3.08
CA SER A 3 -29.60 -6.11 -2.26
C SER A 3 -28.98 -6.44 -0.90
N GLY A 4 -27.78 -5.92 -0.66
CA GLY A 4 -27.09 -6.17 0.59
C GLY A 4 -25.58 -6.10 0.45
N SER A 5 -24.89 -5.98 1.58
CA SER A 5 -23.43 -5.90 1.58
C SER A 5 -22.82 -7.11 2.28
N SER A 6 -21.93 -7.80 1.57
CA SER A 6 -21.27 -8.98 2.12
C SER A 6 -19.94 -9.23 1.42
N GLY A 7 -18.90 -9.49 2.22
CA GLY A 7 -17.58 -9.74 1.66
C GLY A 7 -16.47 -9.45 2.65
N SER A 8 -15.34 -8.97 2.14
CA SER A 8 -14.19 -8.65 2.97
C SER A 8 -14.01 -7.14 3.10
N ARG A 9 -14.50 -6.57 4.19
CA ARG A 9 -14.41 -5.14 4.42
C ARG A 9 -13.09 -4.80 5.11
N GLY A 10 -12.65 -3.55 4.96
CA GLY A 10 -11.41 -3.13 5.57
C GLY A 10 -11.35 -1.62 5.76
N GLU A 11 -11.87 -1.15 6.89
CA GLU A 11 -11.88 0.27 7.20
C GLU A 11 -10.52 0.89 6.92
N ASP A 12 -9.48 0.31 7.51
CA ASP A 12 -8.12 0.82 7.34
C ASP A 12 -7.94 1.37 5.92
N ARG A 13 -7.28 2.52 5.83
CA ARG A 13 -7.04 3.16 4.54
C ARG A 13 -5.60 2.93 4.08
N LYS A 14 -4.66 3.07 5.01
CA LYS A 14 -3.25 2.88 4.71
C LYS A 14 -3.03 1.58 3.93
N LEU A 15 -2.19 1.63 2.91
CA LEU A 15 -1.90 0.46 2.10
C LEU A 15 -0.40 0.19 2.06
N PHE A 16 -0.03 -1.08 2.23
CA PHE A 16 1.37 -1.47 2.22
C PHE A 16 1.81 -1.86 0.81
N VAL A 17 2.82 -1.16 0.29
CA VAL A 17 3.34 -1.42 -1.05
C VAL A 17 4.75 -1.99 -0.98
N GLY A 18 4.99 -3.06 -1.73
CA GLY A 18 6.30 -3.69 -1.76
C GLY A 18 6.83 -3.86 -3.16
N MET A 19 8.01 -4.48 -3.27
CA MET A 19 8.63 -4.71 -4.57
C MET A 19 8.88 -3.39 -5.30
N LEU A 20 9.16 -2.34 -4.54
CA LEU A 20 9.41 -1.02 -5.12
C LEU A 20 10.88 -0.87 -5.48
N GLY A 21 11.19 0.15 -6.28
CA GLY A 21 12.55 0.40 -6.69
C GLY A 21 13.07 1.74 -6.22
N LYS A 22 14.37 1.81 -5.95
CA LYS A 22 15.00 3.04 -5.49
C LYS A 22 14.69 4.20 -6.43
N GLN A 23 14.82 3.96 -7.72
CA GLN A 23 14.55 4.99 -8.72
C GLN A 23 13.25 5.74 -8.39
N GLN A 24 12.19 5.00 -8.14
CA GLN A 24 10.90 5.60 -7.80
C GLN A 24 11.00 6.44 -6.54
N THR A 25 10.10 7.41 -6.41
CA THR A 25 10.09 8.29 -5.25
C THR A 25 8.68 8.46 -4.70
N ASP A 26 8.58 8.83 -3.42
CA ASP A 26 7.29 9.02 -2.78
C ASP A 26 6.33 9.77 -3.71
N GLU A 27 6.89 10.54 -4.63
CA GLU A 27 6.08 11.30 -5.58
C GLU A 27 5.46 10.38 -6.63
N ASP A 28 6.31 9.55 -7.25
CA ASP A 28 5.84 8.62 -8.27
C ASP A 28 4.64 7.83 -7.79
N VAL A 29 4.87 6.94 -6.82
CA VAL A 29 3.80 6.11 -6.27
C VAL A 29 2.51 6.91 -6.13
N ARG A 30 2.61 8.09 -5.51
CA ARG A 30 1.45 8.95 -5.31
C ARG A 30 0.68 9.14 -6.62
N LYS A 31 1.32 9.82 -7.57
CA LYS A 31 0.70 10.08 -8.86
C LYS A 31 0.36 8.77 -9.58
N MET A 32 1.01 7.69 -9.16
CA MET A 32 0.76 6.38 -9.75
C MET A 32 -0.43 5.69 -9.08
N PHE A 33 -0.74 6.12 -7.87
CA PHE A 33 -1.86 5.55 -7.12
C PHE A 33 -3.06 6.49 -7.13
N GLU A 34 -2.81 7.76 -7.46
CA GLU A 34 -3.86 8.76 -7.50
C GLU A 34 -4.97 8.35 -8.46
N PRO A 35 -4.56 7.82 -9.64
CA PRO A 35 -5.50 7.38 -10.67
C PRO A 35 -6.62 6.50 -10.10
N PHE A 36 -6.42 6.02 -8.89
CA PHE A 36 -7.41 5.17 -8.24
C PHE A 36 -7.92 5.81 -6.95
N GLY A 37 -7.96 7.14 -6.93
CA GLY A 37 -8.42 7.86 -5.76
C GLY A 37 -7.41 8.87 -5.25
N THR A 38 -7.90 9.90 -4.57
CA THR A 38 -7.03 10.93 -4.03
C THR A 38 -6.22 10.42 -2.84
N ILE A 39 -4.93 10.73 -2.81
CA ILE A 39 -4.06 10.30 -1.73
C ILE A 39 -3.88 11.40 -0.70
N ASP A 40 -4.32 11.15 0.53
CA ASP A 40 -4.20 12.12 1.59
C ASP A 40 -2.76 12.18 2.13
N GLU A 41 -2.21 11.01 2.45
CA GLU A 41 -0.85 10.92 2.96
C GLU A 41 -0.05 9.88 2.21
N CYS A 42 1.26 10.10 2.10
CA CYS A 42 2.14 9.17 1.40
C CYS A 42 3.57 9.30 1.90
N THR A 43 4.09 8.23 2.49
CA THR A 43 5.44 8.22 3.02
C THR A 43 6.16 6.92 2.67
N VAL A 44 7.41 7.04 2.22
CA VAL A 44 8.20 5.88 1.87
C VAL A 44 9.11 5.45 3.02
N LEU A 45 9.35 4.15 3.12
CA LEU A 45 10.20 3.60 4.17
C LEU A 45 11.63 3.43 3.69
N ARG A 46 12.58 3.96 4.46
CA ARG A 46 13.99 3.85 4.09
C ARG A 46 14.83 3.42 5.30
N GLY A 47 16.14 3.37 5.11
CA GLY A 47 17.02 2.96 6.19
C GLY A 47 18.02 4.05 6.56
N PRO A 48 18.96 3.72 7.45
CA PRO A 48 19.99 4.66 7.92
C PRO A 48 20.62 5.43 6.76
N ASP A 49 20.99 4.72 5.71
CA ASP A 49 21.60 5.34 4.54
C ASP A 49 20.54 5.83 3.57
N GLY A 50 19.47 6.40 4.10
CA GLY A 50 18.40 6.92 3.28
C GLY A 50 18.15 6.05 2.06
N THR A 51 18.40 4.76 2.19
CA THR A 51 18.19 3.82 1.10
C THR A 51 16.76 3.29 1.07
N SER A 52 16.21 3.17 -0.13
CA SER A 52 14.84 2.67 -0.29
C SER A 52 14.75 1.19 0.07
N LYS A 53 14.35 0.92 1.31
CA LYS A 53 14.22 -0.45 1.78
C LYS A 53 13.44 -1.30 0.78
N GLY A 54 12.56 -0.65 0.03
CA GLY A 54 11.76 -1.36 -0.96
C GLY A 54 10.31 -1.49 -0.55
N CYS A 55 9.81 -0.48 0.16
CA CYS A 55 8.42 -0.48 0.62
C CYS A 55 7.99 0.92 1.02
N ALA A 56 6.70 1.21 0.87
CA ALA A 56 6.15 2.51 1.23
C ALA A 56 4.71 2.39 1.71
N PHE A 57 4.21 3.45 2.33
CA PHE A 57 2.85 3.47 2.84
C PHE A 57 2.00 4.52 2.13
N VAL A 58 0.89 4.09 1.56
CA VAL A 58 -0.01 4.98 0.84
C VAL A 58 -1.36 5.11 1.55
N LYS A 59 -1.71 6.33 1.93
CA LYS A 59 -2.97 6.58 2.62
C LYS A 59 -3.98 7.25 1.68
N PHE A 60 -5.00 6.50 1.29
CA PHE A 60 -6.03 7.02 0.39
C PHE A 60 -7.03 7.89 1.16
N GLN A 61 -7.82 8.65 0.41
CA GLN A 61 -8.81 9.53 1.03
C GLN A 61 -9.99 8.73 1.56
N THR A 62 -10.26 7.58 0.94
CA THR A 62 -11.36 6.73 1.35
C THR A 62 -11.02 5.26 1.15
N HIS A 63 -11.67 4.38 1.92
CA HIS A 63 -11.44 2.95 1.83
C HIS A 63 -11.69 2.45 0.42
N ALA A 64 -12.91 2.68 -0.07
CA ALA A 64 -13.29 2.24 -1.42
C ALA A 64 -12.14 2.46 -2.40
N GLU A 65 -11.67 3.69 -2.50
CA GLU A 65 -10.58 4.02 -3.41
C GLU A 65 -9.37 3.13 -3.16
N ALA A 66 -9.05 2.92 -1.88
CA ALA A 66 -7.92 2.08 -1.50
C ALA A 66 -8.05 0.68 -2.10
N GLN A 67 -9.26 0.14 -2.08
CA GLN A 67 -9.53 -1.18 -2.61
C GLN A 67 -9.34 -1.21 -4.13
N ALA A 68 -9.79 -0.14 -4.78
CA ALA A 68 -9.68 -0.04 -6.24
C ALA A 68 -8.24 -0.25 -6.69
N ALA A 69 -7.32 0.54 -6.14
CA ALA A 69 -5.92 0.43 -6.48
C ALA A 69 -5.42 -1.01 -6.36
N ILE A 70 -5.43 -1.53 -5.14
CA ILE A 70 -4.98 -2.89 -4.89
C ILE A 70 -5.59 -3.86 -5.91
N ASN A 71 -6.91 -3.91 -5.95
CA ASN A 71 -7.61 -4.80 -6.88
C ASN A 71 -6.85 -4.92 -8.19
N THR A 72 -6.29 -3.80 -8.65
CA THR A 72 -5.54 -3.77 -9.90
C THR A 72 -4.04 -3.65 -9.64
N LEU A 73 -3.62 -2.48 -9.16
CA LEU A 73 -2.21 -2.24 -8.88
C LEU A 73 -1.55 -3.49 -8.30
N HIS A 74 -2.27 -4.18 -7.41
CA HIS A 74 -1.75 -5.39 -6.79
C HIS A 74 -1.21 -6.36 -7.84
N SER A 75 0.05 -6.74 -7.70
CA SER A 75 0.69 -7.66 -8.64
C SER A 75 0.30 -7.32 -10.08
N SER A 76 0.45 -6.05 -10.44
CA SER A 76 0.11 -5.60 -11.78
C SER A 76 1.35 -5.49 -12.66
N ARG A 77 2.15 -4.45 -12.43
CA ARG A 77 3.38 -4.24 -13.19
C ARG A 77 4.59 -4.74 -12.42
N THR A 78 5.77 -4.55 -13.00
CA THR A 78 7.01 -4.98 -12.37
C THR A 78 8.11 -3.94 -12.55
N LEU A 79 8.43 -3.23 -11.47
CA LEU A 79 9.46 -2.20 -11.51
C LEU A 79 10.85 -2.83 -11.63
N PRO A 80 11.73 -2.17 -12.39
CA PRO A 80 13.11 -2.63 -12.59
C PRO A 80 13.78 -3.06 -11.28
N GLY A 81 14.21 -4.30 -11.22
CA GLY A 81 14.87 -4.80 -10.02
C GLY A 81 13.89 -5.17 -8.93
N ALA A 82 12.79 -5.84 -9.32
CA ALA A 82 11.77 -6.24 -8.36
C ALA A 82 11.37 -7.70 -8.58
N SER A 83 11.79 -8.56 -7.66
CA SER A 83 11.47 -9.99 -7.75
C SER A 83 10.12 -10.20 -8.43
N SER A 84 9.05 -9.92 -7.70
CA SER A 84 7.70 -10.09 -8.23
C SER A 84 7.12 -8.76 -8.69
N SER A 85 5.86 -8.77 -9.11
CA SER A 85 5.20 -7.56 -9.57
C SER A 85 4.77 -6.69 -8.39
N LEU A 86 4.61 -5.39 -8.65
CA LEU A 86 4.21 -4.45 -7.61
C LEU A 86 3.24 -5.10 -6.63
N VAL A 87 3.73 -5.40 -5.43
CA VAL A 87 2.90 -6.02 -4.40
C VAL A 87 2.16 -4.97 -3.58
N VAL A 88 0.87 -4.84 -3.83
CA VAL A 88 0.05 -3.87 -3.12
C VAL A 88 -1.05 -4.57 -2.31
N LYS A 89 -1.10 -4.26 -1.02
CA LYS A 89 -2.10 -4.86 -0.14
C LYS A 89 -2.34 -3.98 1.09
N PHE A 90 -3.53 -4.09 1.66
CA PHE A 90 -3.89 -3.30 2.84
C PHE A 90 -2.80 -3.42 3.91
N ALA A 91 -2.55 -2.31 4.60
CA ALA A 91 -1.54 -2.29 5.66
C ALA A 91 -2.08 -2.88 6.94
N ASP A 92 -1.17 -3.39 7.78
CA ASP A 92 -1.56 -3.99 9.06
C ASP A 92 -1.33 -3.02 10.21
N THR A 93 -2.43 -2.58 10.83
CA THR A 93 -2.34 -1.64 11.94
C THR A 93 -2.89 -2.26 13.22
N GLU A 94 -2.72 -1.57 14.33
CA GLU A 94 -3.20 -2.06 15.63
C GLU A 94 -3.08 -3.57 15.71
N LYS A 95 -1.96 -4.10 15.22
CA LYS A 95 -1.72 -5.54 15.24
C LYS A 95 -1.19 -5.99 16.60
N GLU A 96 -1.01 -5.02 17.50
CA GLU A 96 -0.50 -5.32 18.84
C GLU A 96 -1.51 -6.14 19.64
N SER A 97 -1.03 -7.22 20.23
CA SER A 97 -1.89 -8.10 21.02
C SER A 97 -1.06 -9.11 21.81
N GLY A 98 -1.26 -9.12 23.12
CA GLY A 98 -0.53 -10.04 23.97
C GLY A 98 -1.17 -10.23 25.33
N PRO A 99 -1.11 -11.46 25.86
CA PRO A 99 -1.70 -11.78 27.16
C PRO A 99 -0.82 -11.35 28.33
N SER A 100 -0.14 -10.21 28.15
CA SER A 100 0.73 -9.68 29.19
C SER A 100 0.72 -8.15 29.19
N SER A 101 1.08 -7.57 30.33
CA SER A 101 1.10 -6.12 30.46
C SER A 101 2.32 -5.66 31.26
N GLY A 102 2.95 -4.58 30.80
CA GLY A 102 4.12 -4.06 31.48
C GLY A 102 5.23 -3.70 30.51
N GLY A 1 -9.20 -27.15 -0.63
CA GLY A 1 -10.22 -27.80 0.17
C GLY A 1 -11.04 -26.82 0.99
N SER A 2 -11.78 -25.96 0.29
CA SER A 2 -12.61 -24.95 0.96
C SER A 2 -13.63 -24.36 0.00
N SER A 3 -14.61 -23.65 0.55
CA SER A 3 -15.66 -23.04 -0.26
C SER A 3 -15.60 -21.52 -0.15
N GLY A 4 -16.36 -20.84 -1.01
CA GLY A 4 -16.37 -19.39 -1.00
C GLY A 4 -16.47 -18.82 0.40
N SER A 5 -15.37 -18.27 0.89
CA SER A 5 -15.34 -17.69 2.24
C SER A 5 -15.15 -16.18 2.18
N SER A 6 -15.70 -15.47 3.16
CA SER A 6 -15.60 -14.03 3.22
C SER A 6 -14.13 -13.59 3.24
N GLY A 7 -13.42 -13.97 4.29
CA GLY A 7 -12.03 -13.61 4.42
C GLY A 7 -11.78 -12.64 5.55
N SER A 8 -10.85 -11.71 5.33
CA SER A 8 -10.52 -10.72 6.35
C SER A 8 -11.03 -9.33 5.94
N ARG A 9 -11.06 -8.42 6.90
CA ARG A 9 -11.52 -7.06 6.64
C ARG A 9 -11.24 -6.15 7.84
N GLY A 10 -11.54 -4.87 7.68
CA GLY A 10 -11.31 -3.92 8.75
C GLY A 10 -11.31 -2.48 8.27
N GLU A 11 -11.51 -1.54 9.20
CA GLU A 11 -11.52 -0.12 8.85
C GLU A 11 -10.11 0.44 8.81
N ASP A 12 -9.53 0.47 7.61
CA ASP A 12 -8.18 0.98 7.43
C ASP A 12 -7.90 1.29 5.96
N ARG A 13 -7.76 2.57 5.65
CA ARG A 13 -7.50 3.00 4.28
C ARG A 13 -6.04 2.75 3.90
N LYS A 14 -5.14 3.15 4.79
CA LYS A 14 -3.71 2.97 4.56
C LYS A 14 -3.44 1.65 3.83
N LEU A 15 -2.46 1.68 2.92
CA LEU A 15 -2.10 0.48 2.16
C LEU A 15 -0.60 0.21 2.25
N PHE A 16 -0.23 -1.06 2.17
CA PHE A 16 1.17 -1.45 2.24
C PHE A 16 1.69 -1.85 0.85
N VAL A 17 2.62 -1.05 0.33
CA VAL A 17 3.21 -1.31 -0.97
C VAL A 17 4.60 -1.91 -0.84
N GLY A 18 4.89 -2.90 -1.69
CA GLY A 18 6.20 -3.53 -1.66
C GLY A 18 6.80 -3.71 -3.04
N MET A 19 7.96 -4.36 -3.10
CA MET A 19 8.63 -4.59 -4.37
C MET A 19 8.88 -3.27 -5.10
N LEU A 20 9.36 -2.28 -4.37
CA LEU A 20 9.64 -0.97 -4.95
C LEU A 20 11.13 -0.82 -5.26
N GLY A 21 11.46 0.15 -6.11
CA GLY A 21 12.84 0.38 -6.46
C GLY A 21 13.35 1.73 -5.98
N LYS A 22 14.66 1.84 -5.81
CA LYS A 22 15.27 3.08 -5.35
C LYS A 22 14.96 4.22 -6.29
N GLN A 23 14.54 3.88 -7.52
CA GLN A 23 14.21 4.89 -8.52
C GLN A 23 12.87 5.55 -8.21
N GLN A 24 11.86 4.72 -7.95
CA GLN A 24 10.53 5.22 -7.65
C GLN A 24 10.51 5.92 -6.29
N THR A 25 9.81 7.05 -6.22
CA THR A 25 9.71 7.82 -4.99
C THR A 25 8.26 8.20 -4.69
N ASP A 26 8.04 8.76 -3.51
CA ASP A 26 6.70 9.17 -3.11
C ASP A 26 5.92 9.74 -4.29
N GLU A 27 6.56 10.65 -5.02
CA GLU A 27 5.92 11.27 -6.18
C GLU A 27 5.37 10.22 -7.13
N ASP A 28 6.26 9.38 -7.65
CA ASP A 28 5.87 8.32 -8.57
C ASP A 28 4.71 7.50 -8.00
N VAL A 29 4.97 6.80 -6.91
CA VAL A 29 3.94 5.98 -6.27
C VAL A 29 2.62 6.73 -6.15
N ARG A 30 2.66 7.87 -5.45
CA ARG A 30 1.46 8.69 -5.26
C ARG A 30 0.76 8.93 -6.59
N LYS A 31 1.47 9.59 -7.51
CA LYS A 31 0.91 9.88 -8.83
C LYS A 31 0.52 8.61 -9.56
N MET A 32 1.14 7.50 -9.17
CA MET A 32 0.86 6.20 -9.79
C MET A 32 -0.33 5.53 -9.13
N PHE A 33 -0.64 5.96 -7.91
CA PHE A 33 -1.76 5.39 -7.16
C PHE A 33 -2.95 6.35 -7.16
N GLU A 34 -2.72 7.58 -7.59
CA GLU A 34 -3.77 8.58 -7.64
C GLU A 34 -4.86 8.17 -8.62
N PRO A 35 -4.46 7.65 -9.78
CA PRO A 35 -5.38 7.21 -10.83
C PRO A 35 -6.50 6.34 -10.27
N PHE A 36 -6.32 5.86 -9.05
CA PHE A 36 -7.32 5.00 -8.40
C PHE A 36 -7.84 5.66 -7.13
N GLY A 37 -7.88 6.99 -7.12
CA GLY A 37 -8.36 7.71 -5.96
C GLY A 37 -7.40 8.79 -5.51
N THR A 38 -7.86 9.64 -4.59
CA THR A 38 -7.03 10.73 -4.09
C THR A 38 -6.22 10.29 -2.88
N ILE A 39 -4.94 10.63 -2.88
CA ILE A 39 -4.05 10.27 -1.78
C ILE A 39 -3.88 11.43 -0.81
N ASP A 40 -4.30 11.22 0.44
CA ASP A 40 -4.20 12.25 1.47
C ASP A 40 -2.78 12.30 2.05
N GLU A 41 -2.20 11.12 2.30
CA GLU A 41 -0.86 11.04 2.84
C GLU A 41 -0.07 9.90 2.19
N CYS A 42 1.25 9.98 2.28
CA CYS A 42 2.11 8.96 1.70
C CYS A 42 3.53 9.07 2.24
N THR A 43 4.00 7.99 2.87
CA THR A 43 5.35 7.97 3.44
C THR A 43 6.11 6.73 3.00
N VAL A 44 7.30 6.95 2.44
CA VAL A 44 8.13 5.84 1.98
C VAL A 44 9.16 5.45 3.03
N LEU A 45 9.35 4.15 3.21
CA LEU A 45 10.30 3.63 4.18
C LEU A 45 11.69 3.49 3.56
N ARG A 46 12.71 3.96 4.28
CA ARG A 46 14.09 3.88 3.80
C ARG A 46 15.03 3.45 4.92
N GLY A 47 16.29 3.27 4.57
CA GLY A 47 17.28 2.86 5.57
C GLY A 47 17.85 4.04 6.34
N PRO A 48 18.98 3.81 7.02
CA PRO A 48 19.65 4.84 7.81
C PRO A 48 20.43 5.82 6.93
N ASP A 49 20.58 5.49 5.66
CA ASP A 49 21.30 6.33 4.72
C ASP A 49 20.34 7.09 3.81
N GLY A 50 19.33 6.38 3.32
CA GLY A 50 18.35 6.99 2.44
C GLY A 50 17.80 6.01 1.42
N THR A 51 18.59 5.03 1.05
CA THR A 51 18.19 4.04 0.07
C THR A 51 16.81 3.46 0.41
N SER A 52 15.96 3.34 -0.60
CA SER A 52 14.61 2.81 -0.40
C SER A 52 14.66 1.33 -0.08
N LYS A 53 14.19 0.96 1.11
CA LYS A 53 14.17 -0.43 1.53
C LYS A 53 13.40 -1.30 0.54
N GLY A 54 12.30 -0.75 0.04
CA GLY A 54 11.48 -1.49 -0.91
C GLY A 54 10.03 -1.59 -0.48
N CYS A 55 9.51 -0.52 0.11
CA CYS A 55 8.13 -0.50 0.60
C CYS A 55 7.73 0.91 1.02
N ALA A 56 6.46 1.24 0.80
CA ALA A 56 5.94 2.56 1.17
C ALA A 56 4.48 2.48 1.59
N PHE A 57 4.10 3.30 2.56
CA PHE A 57 2.72 3.33 3.04
C PHE A 57 1.93 4.44 2.37
N VAL A 58 0.89 4.06 1.64
CA VAL A 58 0.04 5.02 0.95
C VAL A 58 -1.28 5.21 1.68
N LYS A 59 -1.77 6.45 1.71
CA LYS A 59 -3.02 6.76 2.38
C LYS A 59 -4.00 7.41 1.40
N PHE A 60 -5.11 6.73 1.14
CA PHE A 60 -6.12 7.24 0.22
C PHE A 60 -7.15 8.09 0.96
N GLN A 61 -7.92 8.87 0.21
CA GLN A 61 -8.95 9.72 0.80
C GLN A 61 -9.99 8.90 1.55
N THR A 62 -10.33 7.74 0.99
CA THR A 62 -11.32 6.87 1.60
C THR A 62 -10.96 5.41 1.39
N HIS A 63 -11.10 4.61 2.45
CA HIS A 63 -10.80 3.18 2.37
C HIS A 63 -11.16 2.61 1.01
N ALA A 64 -12.38 2.92 0.56
CA ALA A 64 -12.86 2.45 -0.73
C ALA A 64 -11.78 2.57 -1.80
N GLU A 65 -11.52 3.81 -2.22
CA GLU A 65 -10.51 4.07 -3.24
C GLU A 65 -9.31 3.15 -3.08
N ALA A 66 -8.75 3.13 -1.87
CA ALA A 66 -7.59 2.29 -1.58
C ALA A 66 -7.75 0.90 -2.20
N GLN A 67 -8.95 0.34 -2.08
CA GLN A 67 -9.23 -0.99 -2.62
C GLN A 67 -9.08 -1.00 -4.14
N ALA A 68 -9.80 -0.10 -4.81
CA ALA A 68 -9.73 -0.01 -6.26
C ALA A 68 -8.30 -0.20 -6.76
N ALA A 69 -7.36 0.49 -6.12
CA ALA A 69 -5.96 0.39 -6.50
C ALA A 69 -5.47 -1.05 -6.41
N ILE A 70 -5.53 -1.62 -5.21
CA ILE A 70 -5.09 -3.00 -4.99
C ILE A 70 -5.66 -3.93 -6.06
N ASN A 71 -6.99 -3.98 -6.14
CA ASN A 71 -7.66 -4.83 -7.12
C ASN A 71 -6.85 -4.93 -8.41
N THR A 72 -6.27 -3.80 -8.82
CA THR A 72 -5.47 -3.76 -10.03
C THR A 72 -3.98 -3.64 -9.71
N LEU A 73 -3.57 -2.46 -9.25
CA LEU A 73 -2.17 -2.23 -8.92
C LEU A 73 -1.53 -3.48 -8.33
N HIS A 74 -2.30 -4.20 -7.51
CA HIS A 74 -1.80 -5.42 -6.88
C HIS A 74 -1.30 -6.40 -7.94
N SER A 75 0.01 -6.62 -7.97
CA SER A 75 0.62 -7.53 -8.93
C SER A 75 0.31 -7.10 -10.36
N SER A 76 0.53 -5.82 -10.65
CA SER A 76 0.27 -5.28 -11.97
C SER A 76 1.56 -5.16 -12.78
N ARG A 77 2.38 -4.17 -12.44
CA ARG A 77 3.64 -3.95 -13.13
C ARG A 77 4.81 -4.54 -12.32
N THR A 78 5.99 -4.55 -12.94
CA THR A 78 7.17 -5.08 -12.28
C THR A 78 8.33 -4.09 -12.35
N LEU A 79 8.23 -3.02 -11.57
CA LEU A 79 9.27 -1.99 -11.54
C LEU A 79 10.65 -2.60 -11.73
N PRO A 80 11.51 -1.91 -12.49
CA PRO A 80 12.87 -2.37 -12.77
C PRO A 80 13.60 -2.81 -11.51
N GLY A 81 14.14 -4.03 -11.53
CA GLY A 81 14.86 -4.54 -10.37
C GLY A 81 13.93 -4.98 -9.26
N ALA A 82 12.87 -5.70 -9.62
CA ALA A 82 11.91 -6.17 -8.64
C ALA A 82 11.50 -7.61 -8.93
N SER A 83 11.95 -8.53 -8.07
CA SER A 83 11.63 -9.95 -8.23
C SER A 83 10.26 -10.13 -8.87
N SER A 84 9.21 -9.92 -8.07
CA SER A 84 7.85 -10.06 -8.54
C SER A 84 7.24 -8.70 -8.88
N SER A 85 5.95 -8.70 -9.23
CA SER A 85 5.26 -7.47 -9.57
C SER A 85 5.03 -6.60 -8.33
N LEU A 86 4.47 -5.42 -8.53
CA LEU A 86 4.20 -4.50 -7.44
C LEU A 86 3.24 -5.12 -6.43
N VAL A 87 3.75 -5.46 -5.25
CA VAL A 87 2.95 -6.05 -4.20
C VAL A 87 2.19 -4.99 -3.42
N VAL A 88 0.88 -4.94 -3.59
CA VAL A 88 0.04 -3.98 -2.90
C VAL A 88 -1.07 -4.66 -2.11
N LYS A 89 -1.14 -4.39 -0.82
CA LYS A 89 -2.15 -4.97 0.04
C LYS A 89 -2.39 -4.11 1.28
N PHE A 90 -3.63 -4.12 1.77
CA PHE A 90 -3.98 -3.35 2.95
C PHE A 90 -2.89 -3.44 4.01
N ALA A 91 -2.91 -2.50 4.96
CA ALA A 91 -1.93 -2.48 6.03
C ALA A 91 -2.60 -2.48 7.40
N ASP A 92 -2.54 -3.60 8.09
CA ASP A 92 -3.14 -3.73 9.41
C ASP A 92 -2.16 -3.29 10.50
N THR A 93 -1.05 -4.01 10.63
CA THR A 93 -0.05 -3.70 11.62
C THR A 93 0.08 -2.19 11.83
N GLU A 94 0.41 -1.80 13.05
CA GLU A 94 0.56 -0.39 13.38
C GLU A 94 1.93 -0.11 13.99
N LYS A 95 2.31 -0.92 14.98
CA LYS A 95 3.60 -0.77 15.65
C LYS A 95 4.19 -2.13 16.01
N GLU A 96 5.51 -2.22 15.97
CA GLU A 96 6.20 -3.46 16.29
C GLU A 96 6.29 -3.66 17.80
N SER A 97 6.80 -2.66 18.49
CA SER A 97 6.94 -2.72 19.95
C SER A 97 6.34 -1.48 20.61
N GLY A 98 5.78 -1.66 21.80
CA GLY A 98 5.18 -0.55 22.51
C GLY A 98 4.96 -0.86 23.98
N PRO A 99 3.89 -0.31 24.56
CA PRO A 99 3.55 -0.51 25.96
C PRO A 99 2.97 -1.90 26.23
N SER A 100 2.55 -2.13 27.48
CA SER A 100 1.97 -3.41 27.86
C SER A 100 0.72 -3.21 28.71
N SER A 101 -0.18 -4.18 28.67
CA SER A 101 -1.42 -4.12 29.44
C SER A 101 -2.06 -5.49 29.56
N GLY A 102 -2.61 -5.78 30.74
CA GLY A 102 -3.24 -7.06 30.97
C GLY A 102 -2.24 -8.17 31.24
N GLY A 1 -31.27 -0.15 -7.17
CA GLY A 1 -30.00 -0.84 -7.32
C GLY A 1 -29.84 -1.98 -6.33
N SER A 2 -29.66 -3.19 -6.85
CA SER A 2 -29.50 -4.36 -6.00
C SER A 2 -28.02 -4.68 -5.79
N SER A 3 -27.73 -5.39 -4.70
CA SER A 3 -26.36 -5.75 -4.38
C SER A 3 -26.31 -6.68 -3.17
N GLY A 4 -25.22 -7.45 -3.07
CA GLY A 4 -25.08 -8.37 -1.95
C GLY A 4 -24.15 -7.85 -0.88
N SER A 5 -23.68 -8.74 -0.01
CA SER A 5 -22.79 -8.36 1.07
C SER A 5 -21.35 -8.25 0.57
N SER A 6 -20.56 -7.39 1.22
CA SER A 6 -19.16 -7.20 0.84
C SER A 6 -18.24 -7.74 1.92
N GLY A 7 -18.52 -7.41 3.17
CA GLY A 7 -17.70 -7.86 4.28
C GLY A 7 -16.92 -6.74 4.92
N SER A 8 -17.25 -6.44 6.17
CA SER A 8 -16.58 -5.37 6.91
C SER A 8 -15.55 -5.94 7.88
N ARG A 9 -14.32 -6.11 7.41
CA ARG A 9 -13.26 -6.65 8.24
C ARG A 9 -12.06 -5.69 8.28
N GLY A 10 -11.92 -4.97 9.39
CA GLY A 10 -10.83 -4.04 9.53
C GLY A 10 -10.88 -2.91 8.51
N GLU A 11 -11.10 -1.70 8.98
CA GLU A 11 -11.19 -0.53 8.11
C GLU A 11 -9.92 0.30 8.18
N ASP A 12 -8.99 0.04 7.27
CA ASP A 12 -7.73 0.77 7.23
C ASP A 12 -7.42 1.25 5.81
N ARG A 13 -7.41 2.57 5.64
CA ARG A 13 -7.14 3.16 4.32
C ARG A 13 -5.68 2.95 3.94
N LYS A 14 -4.77 3.30 4.85
CA LYS A 14 -3.34 3.16 4.61
C LYS A 14 -3.02 1.79 4.00
N LEU A 15 -2.34 1.79 2.87
CA LEU A 15 -1.98 0.55 2.19
C LEU A 15 -0.47 0.33 2.25
N PHE A 16 -0.07 -0.94 2.33
CA PHE A 16 1.35 -1.29 2.38
C PHE A 16 1.86 -1.70 1.02
N VAL A 17 2.71 -0.86 0.43
CA VAL A 17 3.28 -1.14 -0.89
C VAL A 17 4.64 -1.81 -0.76
N GLY A 18 4.96 -2.68 -1.73
CA GLY A 18 6.24 -3.37 -1.71
C GLY A 18 6.78 -3.61 -3.10
N MET A 19 7.94 -4.25 -3.18
CA MET A 19 8.56 -4.56 -4.46
C MET A 19 8.87 -3.28 -5.23
N LEU A 20 9.29 -2.24 -4.51
CA LEU A 20 9.62 -0.97 -5.12
C LEU A 20 11.09 -0.92 -5.55
N GLY A 21 11.45 0.12 -6.27
CA GLY A 21 12.83 0.26 -6.73
C GLY A 21 13.56 1.37 -6.01
N LYS A 22 14.88 1.43 -6.22
CA LYS A 22 15.70 2.45 -5.58
C LYS A 22 15.56 3.79 -6.29
N GLN A 23 14.80 3.80 -7.38
CA GLN A 23 14.58 5.02 -8.15
C GLN A 23 13.26 5.67 -7.76
N GLN A 24 12.19 4.91 -7.85
CA GLN A 24 10.87 5.43 -7.50
C GLN A 24 10.90 6.21 -6.20
N THR A 25 9.97 7.14 -6.04
CA THR A 25 9.90 7.96 -4.83
C THR A 25 8.45 8.17 -4.39
N ASP A 26 8.27 8.86 -3.28
CA ASP A 26 6.94 9.13 -2.75
C ASP A 26 6.06 9.78 -3.81
N GLU A 27 6.68 10.47 -4.75
CA GLU A 27 5.96 11.15 -5.82
C GLU A 27 5.36 10.13 -6.78
N ASP A 28 6.22 9.27 -7.33
CA ASP A 28 5.79 8.25 -8.27
C ASP A 28 4.62 7.45 -7.71
N VAL A 29 4.86 6.78 -6.59
CA VAL A 29 3.82 5.97 -5.95
C VAL A 29 2.53 6.76 -5.80
N ARG A 30 2.65 8.04 -5.44
CA ARG A 30 1.50 8.90 -5.25
C ARG A 30 0.76 9.11 -6.58
N LYS A 31 1.46 9.72 -7.54
CA LYS A 31 0.88 9.98 -8.85
C LYS A 31 0.48 8.68 -9.54
N MET A 32 1.07 7.58 -9.10
CA MET A 32 0.77 6.27 -9.67
C MET A 32 -0.43 5.64 -8.97
N PHE A 33 -0.73 6.11 -7.76
CA PHE A 33 -1.84 5.59 -6.99
C PHE A 33 -3.04 6.52 -7.06
N GLU A 34 -2.82 7.73 -7.58
CA GLU A 34 -3.89 8.71 -7.70
C GLU A 34 -4.94 8.26 -8.71
N PRO A 35 -4.47 7.68 -9.83
CA PRO A 35 -5.36 7.20 -10.89
C PRO A 35 -6.49 6.33 -10.34
N PHE A 36 -6.35 5.90 -9.10
CA PHE A 36 -7.35 5.06 -8.45
C PHE A 36 -7.94 5.75 -7.23
N GLY A 37 -7.99 7.07 -7.27
CA GLY A 37 -8.52 7.84 -6.15
C GLY A 37 -7.57 8.92 -5.68
N THR A 38 -8.00 9.70 -4.69
CA THR A 38 -7.18 10.78 -4.15
C THR A 38 -6.36 10.29 -2.97
N ILE A 39 -5.10 10.71 -2.91
CA ILE A 39 -4.21 10.33 -1.83
C ILE A 39 -4.12 11.43 -0.77
N ASP A 40 -4.37 11.05 0.48
CA ASP A 40 -4.32 12.00 1.58
C ASP A 40 -2.91 12.06 2.17
N GLU A 41 -2.20 10.94 2.14
CA GLU A 41 -0.84 10.87 2.67
C GLU A 41 -0.04 9.80 1.96
N CYS A 42 1.29 9.90 2.05
CA CYS A 42 2.18 8.94 1.41
C CYS A 42 3.62 9.14 1.88
N THR A 43 4.21 8.08 2.42
CA THR A 43 5.58 8.14 2.91
C THR A 43 6.33 6.85 2.59
N VAL A 44 7.59 7.00 2.18
CA VAL A 44 8.43 5.85 1.84
C VAL A 44 9.30 5.43 3.01
N LEU A 45 9.50 4.13 3.15
CA LEU A 45 10.31 3.59 4.24
C LEU A 45 11.74 3.29 3.77
N ARG A 46 12.71 3.94 4.41
CA ARG A 46 14.11 3.74 4.05
C ARG A 46 14.92 3.29 5.26
N GLY A 47 16.15 2.86 5.01
CA GLY A 47 17.01 2.41 6.10
C GLY A 47 17.88 3.52 6.65
N PRO A 48 18.68 3.20 7.67
CA PRO A 48 19.57 4.16 8.32
C PRO A 48 20.35 5.00 7.31
N ASP A 49 20.85 4.34 6.27
CA ASP A 49 21.61 5.03 5.23
C ASP A 49 20.72 5.98 4.45
N GLY A 50 19.50 5.54 4.14
CA GLY A 50 18.58 6.36 3.39
C GLY A 50 18.16 5.73 2.08
N THR A 51 18.62 4.50 1.84
CA THR A 51 18.29 3.78 0.61
C THR A 51 16.92 3.14 0.70
N SER A 52 16.16 3.23 -0.39
CA SER A 52 14.82 2.66 -0.44
C SER A 52 14.85 1.18 -0.07
N LYS A 53 14.12 0.82 0.98
CA LYS A 53 14.06 -0.56 1.44
C LYS A 53 13.23 -1.41 0.48
N GLY A 54 12.29 -0.78 -0.20
CA GLY A 54 11.43 -1.49 -1.13
C GLY A 54 9.99 -1.56 -0.67
N CYS A 55 9.58 -0.56 0.10
CA CYS A 55 8.20 -0.52 0.61
C CYS A 55 7.82 0.90 1.00
N ALA A 56 6.54 1.22 0.85
CA ALA A 56 6.03 2.55 1.18
C ALA A 56 4.58 2.48 1.64
N PHE A 57 4.15 3.51 2.38
CA PHE A 57 2.79 3.57 2.89
C PHE A 57 1.97 4.59 2.11
N VAL A 58 0.89 4.12 1.49
CA VAL A 58 0.01 4.99 0.70
C VAL A 58 -1.37 5.10 1.33
N LYS A 59 -1.72 6.30 1.79
CA LYS A 59 -3.01 6.54 2.41
C LYS A 59 -3.96 7.23 1.45
N PHE A 60 -5.02 6.53 1.05
CA PHE A 60 -6.00 7.09 0.12
C PHE A 60 -6.97 8.00 0.86
N GLN A 61 -7.85 8.66 0.10
CA GLN A 61 -8.84 9.57 0.68
C GLN A 61 -9.95 8.78 1.37
N THR A 62 -10.35 7.67 0.77
CA THR A 62 -11.40 6.83 1.33
C THR A 62 -11.10 5.36 1.12
N HIS A 63 -11.55 4.52 2.05
CA HIS A 63 -11.34 3.08 1.96
C HIS A 63 -11.54 2.59 0.54
N ALA A 64 -12.78 2.71 0.05
CA ALA A 64 -13.10 2.28 -1.30
C ALA A 64 -11.93 2.50 -2.26
N GLU A 65 -11.51 3.75 -2.38
CA GLU A 65 -10.40 4.10 -3.26
C GLU A 65 -9.20 3.18 -3.01
N ALA A 66 -8.86 2.99 -1.75
CA ALA A 66 -7.74 2.14 -1.37
C ALA A 66 -7.90 0.74 -1.95
N GLN A 67 -9.11 0.20 -1.86
CA GLN A 67 -9.39 -1.13 -2.39
C GLN A 67 -9.24 -1.17 -3.90
N ALA A 68 -9.67 -0.10 -4.56
CA ALA A 68 -9.57 -0.01 -6.01
C ALA A 68 -8.16 -0.32 -6.49
N ALA A 69 -7.22 0.55 -6.15
CA ALA A 69 -5.83 0.38 -6.54
C ALA A 69 -5.41 -1.08 -6.44
N ILE A 70 -5.54 -1.66 -5.24
CA ILE A 70 -5.18 -3.04 -5.01
C ILE A 70 -5.71 -3.94 -6.13
N ASN A 71 -7.03 -3.97 -6.26
CA ASN A 71 -7.68 -4.80 -7.28
C ASN A 71 -6.83 -4.83 -8.56
N THR A 72 -6.30 -3.67 -8.94
CA THR A 72 -5.48 -3.56 -10.14
C THR A 72 -3.99 -3.55 -9.79
N LEU A 73 -3.53 -2.43 -9.26
CA LEU A 73 -2.13 -2.28 -8.87
C LEU A 73 -1.56 -3.61 -8.37
N HIS A 74 -2.08 -4.07 -7.23
CA HIS A 74 -1.63 -5.33 -6.64
C HIS A 74 -1.30 -6.35 -7.72
N SER A 75 -0.02 -6.66 -7.87
CA SER A 75 0.42 -7.61 -8.88
C SER A 75 0.02 -7.17 -10.28
N SER A 76 0.27 -5.90 -10.58
CA SER A 76 -0.06 -5.34 -11.88
C SER A 76 1.16 -5.31 -12.80
N ARG A 77 2.06 -4.37 -12.55
CA ARG A 77 3.28 -4.24 -13.33
C ARG A 77 4.47 -4.87 -12.63
N THR A 78 5.65 -4.74 -13.23
CA THR A 78 6.87 -5.30 -12.66
C THR A 78 7.96 -4.24 -12.55
N LEU A 79 7.81 -3.34 -11.58
CA LEU A 79 8.79 -2.28 -11.37
C LEU A 79 10.20 -2.78 -11.67
N PRO A 80 11.08 -1.84 -12.08
CA PRO A 80 12.48 -2.16 -12.40
C PRO A 80 13.30 -2.49 -11.16
N GLY A 81 13.86 -3.70 -11.15
CA GLY A 81 14.66 -4.14 -10.01
C GLY A 81 13.84 -4.82 -8.95
N ALA A 82 12.71 -5.39 -9.34
CA ALA A 82 11.83 -6.08 -8.40
C ALA A 82 11.48 -7.48 -8.92
N SER A 83 12.05 -8.49 -8.27
CA SER A 83 11.80 -9.88 -8.66
C SER A 83 10.40 -10.03 -9.23
N SER A 84 9.40 -10.02 -8.36
CA SER A 84 8.02 -10.17 -8.78
C SER A 84 7.38 -8.81 -9.06
N SER A 85 6.08 -8.82 -9.34
CA SER A 85 5.36 -7.58 -9.63
C SER A 85 5.18 -6.75 -8.36
N LEU A 86 4.63 -5.55 -8.52
CA LEU A 86 4.40 -4.65 -7.40
C LEU A 86 3.45 -5.29 -6.39
N VAL A 87 3.77 -5.13 -5.10
CA VAL A 87 2.94 -5.69 -4.04
C VAL A 87 2.15 -4.59 -3.33
N VAL A 88 0.83 -4.67 -3.40
CA VAL A 88 -0.04 -3.68 -2.76
C VAL A 88 -1.14 -4.36 -1.96
N LYS A 89 -1.02 -4.32 -0.63
CA LYS A 89 -2.02 -4.93 0.24
C LYS A 89 -2.25 -4.05 1.47
N PHE A 90 -3.46 -4.13 2.02
CA PHE A 90 -3.82 -3.35 3.19
C PHE A 90 -2.76 -3.49 4.28
N ALA A 91 -2.62 -2.44 5.08
CA ALA A 91 -1.64 -2.44 6.17
C ALA A 91 -2.28 -2.81 7.49
N ASP A 92 -1.47 -2.85 8.55
CA ASP A 92 -1.97 -3.19 9.88
C ASP A 92 -1.92 -1.99 10.81
N THR A 93 -2.37 -2.18 12.04
CA THR A 93 -2.37 -1.10 13.03
C THR A 93 -1.05 -1.03 13.77
N GLU A 94 -0.65 0.19 14.16
CA GLU A 94 0.59 0.39 14.88
C GLU A 94 0.47 -0.07 16.33
N LYS A 95 -0.57 0.40 17.01
CA LYS A 95 -0.79 0.03 18.40
C LYS A 95 -2.28 0.13 18.75
N GLU A 96 -2.66 -0.50 19.85
CA GLU A 96 -4.05 -0.48 20.29
C GLU A 96 -4.48 0.93 20.70
N SER A 97 -5.33 1.54 19.89
CA SER A 97 -5.81 2.89 20.15
C SER A 97 -7.27 2.87 20.58
N GLY A 98 -7.56 3.52 21.71
CA GLY A 98 -8.93 3.56 22.21
C GLY A 98 -9.25 4.88 22.90
N PRO A 99 -10.34 4.89 23.68
CA PRO A 99 -10.78 6.07 24.41
C PRO A 99 -9.94 6.34 25.66
N SER A 100 -9.01 7.28 25.55
CA SER A 100 -8.14 7.62 26.68
C SER A 100 -8.90 8.44 27.72
N SER A 101 -8.55 8.25 28.99
CA SER A 101 -9.19 8.98 30.08
C SER A 101 -10.71 8.91 29.95
N GLY A 102 -11.22 7.74 29.61
CA GLY A 102 -12.65 7.56 29.45
C GLY A 102 -13.04 6.11 29.20
N GLY A 1 -24.47 -4.54 -12.53
CA GLY A 1 -24.97 -4.52 -11.18
C GLY A 1 -23.92 -4.90 -10.16
N SER A 2 -23.95 -4.26 -9.00
CA SER A 2 -22.99 -4.53 -7.94
C SER A 2 -23.68 -4.65 -6.58
N SER A 3 -23.08 -5.39 -5.67
CA SER A 3 -23.64 -5.58 -4.34
C SER A 3 -22.82 -4.83 -3.29
N GLY A 4 -23.49 -4.41 -2.22
CA GLY A 4 -22.81 -3.69 -1.16
C GLY A 4 -22.62 -4.53 0.08
N SER A 5 -21.66 -5.45 0.04
CA SER A 5 -21.39 -6.33 1.17
C SER A 5 -21.30 -5.52 2.47
N SER A 6 -21.20 -6.24 3.58
CA SER A 6 -21.11 -5.59 4.89
C SER A 6 -20.33 -6.46 5.87
N GLY A 7 -20.04 -5.91 7.05
CA GLY A 7 -19.31 -6.65 8.05
C GLY A 7 -17.85 -6.25 8.11
N SER A 8 -17.48 -5.46 9.12
CA SER A 8 -16.11 -5.01 9.27
C SER A 8 -15.79 -4.73 10.74
N ARG A 9 -14.51 -4.61 11.05
CA ARG A 9 -14.08 -4.34 12.41
C ARG A 9 -13.34 -3.00 12.50
N GLY A 10 -12.32 -2.84 11.66
CA GLY A 10 -11.55 -1.61 11.66
C GLY A 10 -10.78 -1.41 10.37
N GLU A 11 -11.44 -1.63 9.25
CA GLU A 11 -10.81 -1.47 7.94
C GLU A 11 -10.13 -0.11 7.82
N ASP A 12 -8.82 -0.12 7.64
CA ASP A 12 -8.06 1.12 7.50
C ASP A 12 -7.95 1.55 6.04
N ARG A 13 -7.54 2.78 5.82
CA ARG A 13 -7.39 3.31 4.46
C ARG A 13 -5.97 3.12 3.95
N LYS A 14 -5.00 3.29 4.84
CA LYS A 14 -3.60 3.14 4.48
C LYS A 14 -3.37 1.83 3.74
N LEU A 15 -2.38 1.83 2.84
CA LEU A 15 -2.06 0.64 2.06
C LEU A 15 -0.56 0.37 2.08
N PHE A 16 -0.19 -0.88 2.30
CA PHE A 16 1.22 -1.28 2.34
C PHE A 16 1.70 -1.67 0.96
N VAL A 17 2.73 -0.98 0.47
CA VAL A 17 3.29 -1.26 -0.84
C VAL A 17 4.69 -1.86 -0.72
N GLY A 18 4.98 -2.83 -1.58
CA GLY A 18 6.28 -3.47 -1.56
C GLY A 18 6.86 -3.67 -2.95
N MET A 19 7.95 -4.41 -3.03
CA MET A 19 8.61 -4.67 -4.31
C MET A 19 8.90 -3.36 -5.04
N LEU A 20 9.28 -2.34 -4.29
CA LEU A 20 9.58 -1.03 -4.87
C LEU A 20 11.05 -0.93 -5.25
N GLY A 21 11.38 0.05 -6.09
CA GLY A 21 12.75 0.24 -6.50
C GLY A 21 13.34 1.56 -6.03
N LYS A 22 14.66 1.67 -6.07
CA LYS A 22 15.34 2.89 -5.64
C LYS A 22 14.96 4.06 -6.54
N GLN A 23 14.95 3.82 -7.85
CA GLN A 23 14.61 4.85 -8.82
C GLN A 23 13.31 5.55 -8.42
N GLN A 24 12.26 4.77 -8.24
CA GLN A 24 10.96 5.31 -7.87
C GLN A 24 11.02 6.02 -6.52
N THR A 25 10.16 7.00 -6.33
CA THR A 25 10.12 7.75 -5.08
C THR A 25 8.69 7.99 -4.63
N ASP A 26 8.53 8.72 -3.52
CA ASP A 26 7.21 9.01 -2.98
C ASP A 26 6.34 9.71 -4.03
N GLU A 27 6.98 10.47 -4.91
CA GLU A 27 6.26 11.20 -5.96
C GLU A 27 5.61 10.23 -6.94
N ASP A 28 6.37 9.21 -7.34
CA ASP A 28 5.87 8.21 -8.28
C ASP A 28 4.68 7.46 -7.69
N VAL A 29 4.96 6.59 -6.73
CA VAL A 29 3.92 5.79 -6.08
C VAL A 29 2.69 6.64 -5.79
N ARG A 30 2.91 7.92 -5.47
CA ARG A 30 1.82 8.84 -5.17
C ARG A 30 0.97 9.08 -6.41
N LYS A 31 1.58 9.66 -7.45
CA LYS A 31 0.86 9.95 -8.68
C LYS A 31 0.46 8.66 -9.39
N MET A 32 1.08 7.55 -8.99
CA MET A 32 0.77 6.25 -9.58
C MET A 32 -0.43 5.61 -8.90
N PHE A 33 -0.68 6.02 -7.65
CA PHE A 33 -1.79 5.48 -6.88
C PHE A 33 -2.99 6.43 -6.91
N GLU A 34 -2.74 7.66 -7.33
CA GLU A 34 -3.80 8.67 -7.41
C GLU A 34 -4.90 8.22 -8.37
N PRO A 35 -4.49 7.66 -9.51
CA PRO A 35 -5.43 7.19 -10.54
C PRO A 35 -6.55 6.33 -9.95
N PHE A 36 -6.36 5.89 -8.71
CA PHE A 36 -7.35 5.06 -8.03
C PHE A 36 -7.87 5.75 -6.77
N GLY A 37 -7.90 7.08 -6.80
CA GLY A 37 -8.38 7.84 -5.66
C GLY A 37 -7.38 8.89 -5.21
N THR A 38 -7.87 9.93 -4.55
CA THR A 38 -7.02 11.01 -4.07
C THR A 38 -6.27 10.59 -2.81
N ILE A 39 -4.95 10.55 -2.90
CA ILE A 39 -4.12 10.17 -1.77
C ILE A 39 -4.07 11.28 -0.72
N ASP A 40 -4.39 10.94 0.52
CA ASP A 40 -4.37 11.90 1.61
C ASP A 40 -3.01 11.96 2.28
N GLU A 41 -2.27 10.85 2.21
CA GLU A 41 -0.95 10.76 2.81
C GLU A 41 -0.08 9.74 2.09
N CYS A 42 1.23 9.98 2.07
CA CYS A 42 2.16 9.08 1.41
C CYS A 42 3.57 9.27 1.97
N THR A 43 4.12 8.19 2.53
CA THR A 43 5.46 8.24 3.11
C THR A 43 6.20 6.92 2.85
N VAL A 44 7.42 7.03 2.35
CA VAL A 44 8.24 5.85 2.07
C VAL A 44 9.04 5.43 3.30
N LEU A 45 9.32 4.14 3.40
CA LEU A 45 10.08 3.62 4.52
C LEU A 45 11.53 3.35 4.12
N ARG A 46 12.46 3.98 4.85
CA ARG A 46 13.89 3.82 4.56
C ARG A 46 14.66 3.52 5.85
N GLY A 47 15.92 3.13 5.69
CA GLY A 47 16.76 2.83 6.84
C GLY A 47 17.21 4.07 7.57
N PRO A 48 18.25 3.94 8.40
CA PRO A 48 18.80 5.05 9.18
C PRO A 48 19.67 5.97 8.33
N ASP A 49 20.17 5.45 7.22
CA ASP A 49 21.02 6.23 6.33
C ASP A 49 20.17 6.91 5.24
N GLY A 50 19.21 6.17 4.70
CA GLY A 50 18.36 6.71 3.66
C GLY A 50 18.06 5.71 2.56
N THR A 51 18.87 4.66 2.49
CA THR A 51 18.68 3.63 1.48
C THR A 51 17.28 3.04 1.54
N SER A 52 16.53 3.20 0.46
CA SER A 52 15.17 2.69 0.40
C SER A 52 15.13 1.20 0.71
N LYS A 53 14.33 0.82 1.70
CA LYS A 53 14.20 -0.57 2.09
C LYS A 53 13.42 -1.37 1.05
N GLY A 54 12.47 -0.70 0.40
CA GLY A 54 11.67 -1.37 -0.62
C GLY A 54 10.21 -1.47 -0.22
N CYS A 55 9.67 -0.40 0.34
CA CYS A 55 8.27 -0.38 0.76
C CYS A 55 7.83 1.05 1.12
N ALA A 56 6.54 1.30 1.04
CA ALA A 56 5.99 2.61 1.36
C ALA A 56 4.53 2.51 1.78
N PHE A 57 4.07 3.48 2.57
CA PHE A 57 2.70 3.51 3.04
C PHE A 57 1.88 4.55 2.29
N VAL A 58 0.92 4.10 1.50
CA VAL A 58 0.07 5.00 0.73
C VAL A 58 -1.33 5.07 1.32
N LYS A 59 -1.79 6.29 1.62
CA LYS A 59 -3.11 6.50 2.19
C LYS A 59 -4.06 7.11 1.16
N PHE A 60 -5.28 6.60 1.12
CA PHE A 60 -6.28 7.11 0.19
C PHE A 60 -7.34 7.94 0.91
N GLN A 61 -8.05 8.77 0.16
CA GLN A 61 -9.09 9.61 0.73
C GLN A 61 -10.19 8.78 1.36
N THR A 62 -10.39 7.58 0.83
CA THR A 62 -11.42 6.67 1.34
C THR A 62 -11.02 5.22 1.14
N HIS A 63 -11.79 4.31 1.73
CA HIS A 63 -11.51 2.88 1.61
C HIS A 63 -11.76 2.39 0.19
N ALA A 64 -13.01 2.50 -0.26
CA ALA A 64 -13.38 2.07 -1.61
C ALA A 64 -12.27 2.39 -2.61
N GLU A 65 -11.75 3.60 -2.54
CA GLU A 65 -10.67 4.02 -3.44
C GLU A 65 -9.41 3.22 -3.19
N ALA A 66 -9.00 3.14 -1.93
CA ALA A 66 -7.80 2.39 -1.56
C ALA A 66 -7.85 0.97 -2.08
N GLN A 67 -9.00 0.32 -1.90
CA GLN A 67 -9.18 -1.06 -2.36
C GLN A 67 -9.12 -1.14 -3.88
N ALA A 68 -9.73 -0.17 -4.54
CA ALA A 68 -9.75 -0.13 -5.99
C ALA A 68 -8.35 -0.34 -6.56
N ALA A 69 -7.39 0.42 -6.05
CA ALA A 69 -6.00 0.30 -6.51
C ALA A 69 -5.50 -1.13 -6.42
N ILE A 70 -5.60 -1.72 -5.24
CA ILE A 70 -5.16 -3.09 -5.02
C ILE A 70 -5.70 -4.02 -6.12
N ASN A 71 -7.02 -4.06 -6.24
CA ASN A 71 -7.66 -4.91 -7.25
C ASN A 71 -6.82 -4.96 -8.52
N THR A 72 -6.27 -3.81 -8.90
CA THR A 72 -5.45 -3.72 -10.10
C THR A 72 -3.97 -3.62 -9.76
N LEU A 73 -3.58 -2.47 -9.22
CA LEU A 73 -2.19 -2.24 -8.85
C LEU A 73 -1.55 -3.52 -8.32
N HIS A 74 -2.24 -4.20 -7.43
CA HIS A 74 -1.74 -5.45 -6.85
C HIS A 74 -1.28 -6.41 -7.95
N SER A 75 0.01 -6.74 -7.92
CA SER A 75 0.58 -7.63 -8.92
C SER A 75 0.23 -7.18 -10.34
N SER A 76 0.41 -5.90 -10.59
CA SER A 76 0.11 -5.33 -11.90
C SER A 76 1.37 -5.19 -12.74
N ARG A 77 2.19 -4.19 -12.41
CA ARG A 77 3.42 -3.95 -13.14
C ARG A 77 4.62 -4.52 -12.37
N THR A 78 5.80 -4.45 -12.98
CA THR A 78 7.02 -4.95 -12.36
C THR A 78 8.16 -3.94 -12.46
N LEU A 79 8.16 -2.97 -11.55
CA LEU A 79 9.20 -1.93 -11.54
C LEU A 79 10.57 -2.54 -11.83
N PRO A 80 11.38 -1.79 -12.59
CA PRO A 80 12.73 -2.24 -12.96
C PRO A 80 13.52 -2.76 -11.76
N GLY A 81 13.94 -4.02 -11.83
CA GLY A 81 14.69 -4.62 -10.75
C GLY A 81 13.81 -5.02 -9.58
N ALA A 82 12.72 -5.71 -9.87
CA ALA A 82 11.80 -6.16 -8.85
C ALA A 82 11.39 -7.62 -9.05
N SER A 83 11.92 -8.50 -8.21
CA SER A 83 11.63 -9.92 -8.31
C SER A 83 10.21 -10.15 -8.85
N SER A 84 9.21 -9.91 -8.01
CA SER A 84 7.83 -10.09 -8.40
C SER A 84 7.19 -8.76 -8.79
N SER A 85 5.89 -8.78 -9.05
CA SER A 85 5.16 -7.57 -9.44
C SER A 85 4.93 -6.68 -8.23
N LEU A 86 4.41 -5.47 -8.49
CA LEU A 86 4.14 -4.53 -7.41
C LEU A 86 3.22 -5.14 -6.37
N VAL A 87 3.74 -5.32 -5.16
CA VAL A 87 2.97 -5.89 -4.06
C VAL A 87 2.19 -4.81 -3.32
N VAL A 88 0.90 -4.73 -3.58
CA VAL A 88 0.04 -3.75 -2.95
C VAL A 88 -1.02 -4.42 -2.08
N LYS A 89 -0.97 -4.16 -0.78
CA LYS A 89 -1.93 -4.74 0.16
C LYS A 89 -2.10 -3.84 1.38
N PHE A 90 -3.35 -3.70 1.83
CA PHE A 90 -3.64 -2.87 3.00
C PHE A 90 -2.55 -2.99 4.05
N ALA A 91 -2.39 -1.94 4.84
CA ALA A 91 -1.38 -1.92 5.90
C ALA A 91 -1.99 -2.25 7.25
N ASP A 92 -1.14 -2.55 8.23
CA ASP A 92 -1.60 -2.87 9.57
C ASP A 92 -0.45 -2.75 10.58
N THR A 93 -0.59 -1.80 11.51
CA THR A 93 0.42 -1.58 12.53
C THR A 93 -0.18 -1.61 13.93
N GLU A 94 0.55 -2.18 14.87
CA GLU A 94 0.08 -2.27 16.26
C GLU A 94 0.99 -1.48 17.19
N LYS A 95 0.45 -0.42 17.78
CA LYS A 95 1.21 0.42 18.69
C LYS A 95 0.71 0.27 20.13
N GLU A 96 1.63 0.18 21.06
CA GLU A 96 1.28 0.04 22.47
C GLU A 96 2.21 0.85 23.36
N SER A 97 1.68 1.33 24.48
CA SER A 97 2.46 2.13 25.42
C SER A 97 2.61 1.41 26.76
N GLY A 98 3.56 1.88 27.57
CA GLY A 98 3.78 1.27 28.86
C GLY A 98 3.61 2.26 30.01
N PRO A 99 2.41 2.25 30.61
CA PRO A 99 2.09 3.15 31.73
C PRO A 99 2.76 2.72 33.03
N SER A 100 3.35 3.68 33.73
CA SER A 100 4.03 3.40 35.00
C SER A 100 4.05 4.64 35.89
N SER A 101 4.09 4.42 37.20
CA SER A 101 4.11 5.51 38.16
C SER A 101 4.59 5.03 39.52
N GLY A 102 4.79 5.96 40.44
CA GLY A 102 5.24 5.61 41.78
C GLY A 102 4.22 5.93 42.85
N GLY A 1 -28.00 -6.85 -7.57
CA GLY A 1 -28.08 -7.69 -6.39
C GLY A 1 -27.31 -7.12 -5.22
N SER A 2 -27.24 -7.88 -4.12
CA SER A 2 -26.54 -7.43 -2.93
C SER A 2 -25.12 -8.00 -2.89
N SER A 3 -24.20 -7.33 -3.57
CA SER A 3 -22.81 -7.77 -3.63
C SER A 3 -21.97 -7.05 -2.56
N GLY A 4 -20.78 -7.58 -2.31
CA GLY A 4 -19.91 -6.98 -1.31
C GLY A 4 -20.25 -7.42 0.09
N SER A 5 -19.80 -8.60 0.48
CA SER A 5 -20.06 -9.14 1.80
C SER A 5 -19.01 -8.67 2.81
N SER A 6 -19.35 -8.73 4.08
CA SER A 6 -18.44 -8.31 5.15
C SER A 6 -17.29 -9.30 5.29
N GLY A 7 -16.12 -8.78 5.67
CA GLY A 7 -14.96 -9.64 5.84
C GLY A 7 -14.36 -9.53 7.22
N SER A 8 -13.04 -9.40 7.29
CA SER A 8 -12.34 -9.29 8.57
C SER A 8 -12.26 -7.84 9.02
N ARG A 9 -11.89 -7.64 10.28
CA ARG A 9 -11.78 -6.29 10.84
C ARG A 9 -10.57 -5.57 10.26
N GLY A 10 -10.84 -4.50 9.50
CA GLY A 10 -9.76 -3.74 8.90
C GLY A 10 -9.89 -2.25 9.14
N GLU A 11 -10.65 -1.57 8.28
CA GLU A 11 -10.85 -0.14 8.40
C GLU A 11 -9.52 0.61 8.40
N ASP A 12 -8.58 0.12 7.60
CA ASP A 12 -7.26 0.72 7.49
C ASP A 12 -7.04 1.33 6.11
N ARG A 13 -7.36 2.62 5.97
CA ARG A 13 -7.20 3.30 4.69
C ARG A 13 -5.79 3.12 4.15
N LYS A 14 -4.80 3.22 5.03
CA LYS A 14 -3.40 3.06 4.63
C LYS A 14 -3.18 1.70 3.95
N LEU A 15 -2.25 1.68 3.01
CA LEU A 15 -1.93 0.44 2.28
C LEU A 15 -0.44 0.18 2.28
N PHE A 16 -0.06 -1.09 2.41
CA PHE A 16 1.34 -1.48 2.42
C PHE A 16 1.80 -1.88 1.02
N VAL A 17 2.76 -1.13 0.48
CA VAL A 17 3.30 -1.39 -0.85
C VAL A 17 4.67 -2.03 -0.77
N GLY A 18 4.91 -3.02 -1.62
CA GLY A 18 6.19 -3.71 -1.63
C GLY A 18 6.75 -3.88 -3.03
N MET A 19 7.96 -4.42 -3.12
CA MET A 19 8.60 -4.65 -4.41
C MET A 19 8.84 -3.32 -5.13
N LEU A 20 9.31 -2.33 -4.40
CA LEU A 20 9.57 -1.01 -4.97
C LEU A 20 11.06 -0.84 -5.27
N GLY A 21 11.37 0.15 -6.10
CA GLY A 21 12.76 0.40 -6.45
C GLY A 21 13.18 1.83 -6.16
N LYS A 22 14.48 2.05 -6.00
CA LYS A 22 15.01 3.38 -5.73
C LYS A 22 14.43 4.41 -6.69
N GLN A 23 14.21 4.00 -7.94
CA GLN A 23 13.66 4.88 -8.95
C GLN A 23 12.31 5.45 -8.51
N GLN A 24 11.45 4.59 -7.98
CA GLN A 24 10.14 5.00 -7.52
C GLN A 24 10.24 5.74 -6.19
N THR A 25 9.57 6.89 -6.10
CA THR A 25 9.58 7.68 -4.88
C THR A 25 8.18 8.16 -4.52
N ASP A 26 8.04 8.72 -3.31
CA ASP A 26 6.75 9.22 -2.86
C ASP A 26 5.97 9.84 -4.01
N GLU A 27 6.67 10.57 -4.86
CA GLU A 27 6.04 11.23 -6.00
C GLU A 27 5.45 10.21 -6.96
N ASP A 28 6.27 9.27 -7.40
CA ASP A 28 5.83 8.23 -8.33
C ASP A 28 4.64 7.47 -7.76
N VAL A 29 4.86 6.75 -6.67
CA VAL A 29 3.80 5.99 -6.03
C VAL A 29 2.54 6.82 -5.87
N ARG A 30 2.69 8.01 -5.31
CA ARG A 30 1.56 8.91 -5.09
C ARG A 30 0.78 9.12 -6.40
N LYS A 31 1.43 9.77 -7.36
CA LYS A 31 0.81 10.04 -8.65
C LYS A 31 0.44 8.74 -9.36
N MET A 32 1.07 7.65 -8.94
CA MET A 32 0.79 6.34 -9.54
C MET A 32 -0.42 5.69 -8.89
N PHE A 33 -0.73 6.12 -7.66
CA PHE A 33 -1.88 5.57 -6.94
C PHE A 33 -3.06 6.53 -7.00
N GLU A 34 -2.80 7.76 -7.43
CA GLU A 34 -3.84 8.77 -7.53
C GLU A 34 -4.95 8.33 -8.49
N PRO A 35 -4.54 7.75 -9.62
CA PRO A 35 -5.47 7.27 -10.65
C PRO A 35 -6.61 6.44 -10.05
N PHE A 36 -6.44 6.02 -8.80
CA PHE A 36 -7.44 5.21 -8.12
C PHE A 36 -7.96 5.93 -6.88
N GLY A 37 -7.99 7.27 -6.94
CA GLY A 37 -8.46 8.05 -5.82
C GLY A 37 -7.44 9.07 -5.35
N THR A 38 -7.90 10.06 -4.61
CA THR A 38 -7.02 11.10 -4.08
C THR A 38 -6.20 10.60 -2.90
N ILE A 39 -4.91 10.85 -2.93
CA ILE A 39 -4.02 10.43 -1.85
C ILE A 39 -3.79 11.55 -0.85
N ASP A 40 -4.07 11.27 0.43
CA ASP A 40 -3.88 12.26 1.48
C ASP A 40 -2.51 12.10 2.13
N GLU A 41 -2.08 10.86 2.33
CA GLU A 41 -0.79 10.59 2.94
C GLU A 41 0.02 9.62 2.09
N CYS A 42 1.34 9.71 2.20
CA CYS A 42 2.23 8.83 1.44
C CYS A 42 3.67 8.98 1.92
N THR A 43 4.22 7.90 2.47
CA THR A 43 5.59 7.91 2.97
C THR A 43 6.35 6.68 2.51
N VAL A 44 7.59 6.89 2.06
CA VAL A 44 8.42 5.79 1.59
C VAL A 44 9.45 5.38 2.63
N LEU A 45 9.47 4.10 2.97
CA LEU A 45 10.41 3.58 3.97
C LEU A 45 11.77 3.32 3.34
N ARG A 46 12.82 3.81 3.98
CA ARG A 46 14.18 3.62 3.50
C ARG A 46 15.15 3.38 4.65
N GLY A 47 16.35 2.92 4.33
CA GLY A 47 17.35 2.65 5.35
C GLY A 47 18.64 3.42 5.10
N PRO A 48 19.77 2.81 5.51
CA PRO A 48 21.09 3.41 5.35
C PRO A 48 21.29 4.00 3.96
N ASP A 49 22.20 4.97 3.86
CA ASP A 49 22.49 5.62 2.58
C ASP A 49 21.19 5.99 1.86
N GLY A 50 20.22 6.48 2.62
CA GLY A 50 18.94 6.86 2.03
C GLY A 50 18.53 5.95 0.90
N THR A 51 18.74 4.64 1.09
CA THR A 51 18.38 3.65 0.08
C THR A 51 16.98 3.10 0.32
N SER A 52 16.16 3.10 -0.74
CA SER A 52 14.80 2.59 -0.64
C SER A 52 14.79 1.10 -0.34
N LYS A 53 14.34 0.74 0.86
CA LYS A 53 14.27 -0.66 1.27
C LYS A 53 13.38 -1.45 0.33
N GLY A 54 12.50 -0.76 -0.38
CA GLY A 54 11.60 -1.42 -1.31
C GLY A 54 10.19 -1.55 -0.75
N CYS A 55 9.73 -0.51 -0.08
CA CYS A 55 8.39 -0.51 0.51
C CYS A 55 7.95 0.90 0.87
N ALA A 56 6.65 1.15 0.82
CA ALA A 56 6.11 2.46 1.14
C ALA A 56 4.62 2.36 1.49
N PHE A 57 4.14 3.32 2.28
CA PHE A 57 2.74 3.34 2.70
C PHE A 57 1.95 4.38 1.89
N VAL A 58 0.79 3.98 1.39
CA VAL A 58 -0.06 4.87 0.61
C VAL A 58 -1.46 4.96 1.20
N LYS A 59 -1.88 6.19 1.51
CA LYS A 59 -3.21 6.41 2.07
C LYS A 59 -4.15 7.02 1.04
N PHE A 60 -5.42 6.64 1.13
CA PHE A 60 -6.43 7.15 0.19
C PHE A 60 -7.48 7.98 0.93
N GLN A 61 -8.03 8.96 0.22
CA GLN A 61 -9.04 9.84 0.81
C GLN A 61 -10.14 9.02 1.50
N THR A 62 -10.41 7.83 0.96
CA THR A 62 -11.43 6.95 1.51
C THR A 62 -11.12 5.49 1.23
N HIS A 63 -11.40 4.63 2.20
CA HIS A 63 -11.15 3.19 2.04
C HIS A 63 -11.57 2.72 0.65
N ALA A 64 -12.79 3.05 0.26
CA ALA A 64 -13.32 2.65 -1.04
C ALA A 64 -12.23 2.74 -2.11
N GLU A 65 -11.72 3.95 -2.35
CA GLU A 65 -10.68 4.14 -3.34
C GLU A 65 -9.55 3.13 -3.17
N ALA A 66 -8.94 3.14 -1.99
CA ALA A 66 -7.84 2.22 -1.70
C ALA A 66 -8.08 0.86 -2.34
N GLN A 67 -9.24 0.27 -2.05
CA GLN A 67 -9.58 -1.04 -2.58
C GLN A 67 -9.36 -1.07 -4.09
N ALA A 68 -10.03 -0.17 -4.81
CA ALA A 68 -9.91 -0.10 -6.26
C ALA A 68 -8.46 -0.33 -6.70
N ALA A 69 -7.57 0.57 -6.30
CA ALA A 69 -6.16 0.46 -6.65
C ALA A 69 -5.67 -0.98 -6.53
N ILE A 70 -5.69 -1.50 -5.30
CA ILE A 70 -5.25 -2.86 -5.06
C ILE A 70 -5.73 -3.80 -6.16
N ASN A 71 -7.04 -3.96 -6.26
CA ASN A 71 -7.63 -4.84 -7.28
C ASN A 71 -6.81 -4.81 -8.56
N THR A 72 -6.31 -3.63 -8.92
CA THR A 72 -5.50 -3.46 -10.12
C THR A 72 -4.02 -3.37 -9.78
N LEU A 73 -3.62 -2.24 -9.20
CA LEU A 73 -2.23 -2.03 -8.83
C LEU A 73 -1.61 -3.31 -8.28
N HIS A 74 -2.34 -3.97 -7.38
CA HIS A 74 -1.85 -5.21 -6.78
C HIS A 74 -1.28 -6.15 -7.85
N SER A 75 0.01 -6.45 -7.73
CA SER A 75 0.67 -7.33 -8.68
C SER A 75 0.30 -6.96 -10.11
N SER A 76 0.48 -5.68 -10.46
CA SER A 76 0.16 -5.20 -11.80
C SER A 76 1.41 -5.16 -12.68
N ARG A 77 2.27 -4.19 -12.41
CA ARG A 77 3.51 -4.04 -13.18
C ARG A 77 4.69 -4.64 -12.43
N THR A 78 5.84 -4.72 -13.10
CA THR A 78 7.04 -5.27 -12.49
C THR A 78 8.20 -4.28 -12.58
N LEU A 79 8.30 -3.41 -11.59
CA LEU A 79 9.37 -2.41 -11.55
C LEU A 79 10.73 -3.06 -11.81
N PRO A 80 11.67 -2.27 -12.33
CA PRO A 80 13.02 -2.73 -12.64
C PRO A 80 13.84 -2.97 -11.38
N GLY A 81 14.38 -4.18 -11.25
CA GLY A 81 15.19 -4.52 -10.09
C GLY A 81 14.36 -5.09 -8.96
N ALA A 82 13.16 -5.56 -9.28
CA ALA A 82 12.27 -6.14 -8.28
C ALA A 82 11.88 -7.57 -8.65
N SER A 83 12.36 -8.52 -7.86
CA SER A 83 12.07 -9.93 -8.11
C SER A 83 10.68 -10.11 -8.72
N SER A 84 9.66 -9.98 -7.88
CA SER A 84 8.28 -10.12 -8.34
C SER A 84 7.68 -8.76 -8.70
N SER A 85 6.41 -8.76 -9.07
CA SER A 85 5.72 -7.53 -9.45
C SER A 85 5.36 -6.71 -8.22
N LEU A 86 4.84 -5.51 -8.45
CA LEU A 86 4.44 -4.63 -7.36
C LEU A 86 3.47 -5.32 -6.41
N VAL A 87 3.86 -5.41 -5.14
CA VAL A 87 3.02 -6.06 -4.14
C VAL A 87 2.23 -5.02 -3.33
N VAL A 88 0.95 -4.89 -3.65
CA VAL A 88 0.09 -3.93 -2.96
C VAL A 88 -0.97 -4.65 -2.14
N LYS A 89 -0.99 -4.37 -0.85
CA LYS A 89 -1.96 -4.98 0.06
C LYS A 89 -2.25 -4.07 1.24
N PHE A 90 -3.37 -4.33 1.93
CA PHE A 90 -3.77 -3.53 3.08
C PHE A 90 -2.71 -3.61 4.18
N ALA A 91 -2.50 -2.48 4.85
CA ALA A 91 -1.52 -2.41 5.93
C ALA A 91 -2.13 -2.81 7.26
N ASP A 92 -1.39 -3.57 8.05
CA ASP A 92 -1.85 -4.00 9.37
C ASP A 92 -0.69 -4.37 10.27
N THR A 93 -0.81 -4.03 11.55
CA THR A 93 0.23 -4.32 12.52
C THR A 93 -0.14 -5.52 13.39
N GLU A 94 0.69 -6.56 13.34
CA GLU A 94 0.46 -7.77 14.12
C GLU A 94 0.88 -7.57 15.56
N LYS A 95 0.61 -8.57 16.40
CA LYS A 95 0.97 -8.51 17.81
C LYS A 95 2.17 -9.38 18.11
N GLU A 96 2.68 -9.28 19.33
CA GLU A 96 3.85 -10.07 19.74
C GLU A 96 3.44 -11.18 20.70
N SER A 97 4.06 -12.35 20.54
CA SER A 97 3.76 -13.49 21.40
C SER A 97 5.03 -14.15 21.89
N GLY A 98 5.25 -14.10 23.20
CA GLY A 98 6.43 -14.69 23.78
C GLY A 98 6.12 -15.53 25.01
N PRO A 99 5.88 -16.83 24.79
CA PRO A 99 5.55 -17.77 25.87
C PRO A 99 6.79 -18.18 26.67
N SER A 100 7.89 -17.46 26.46
CA SER A 100 9.14 -17.76 27.15
C SER A 100 8.92 -17.85 28.66
N SER A 101 8.28 -16.83 29.22
CA SER A 101 8.00 -16.79 30.64
C SER A 101 6.50 -16.73 30.92
N GLY A 102 5.84 -15.73 30.34
CA GLY A 102 4.41 -15.59 30.53
C GLY A 102 3.89 -14.27 29.98
N GLY A 1 -19.17 -23.91 -6.13
CA GLY A 1 -17.96 -23.12 -6.39
C GLY A 1 -17.11 -22.96 -5.15
N SER A 2 -15.87 -22.51 -5.33
CA SER A 2 -14.95 -22.32 -4.22
C SER A 2 -15.04 -20.90 -3.69
N SER A 3 -16.00 -20.65 -2.80
CA SER A 3 -16.19 -19.33 -2.21
C SER A 3 -14.96 -18.91 -1.41
N GLY A 4 -14.33 -17.82 -1.83
CA GLY A 4 -13.16 -17.32 -1.13
C GLY A 4 -13.07 -15.81 -1.12
N SER A 5 -13.44 -15.20 -0.01
CA SER A 5 -13.42 -13.75 0.12
C SER A 5 -12.11 -13.29 0.75
N SER A 6 -11.17 -12.88 -0.10
CA SER A 6 -9.87 -12.40 0.37
C SER A 6 -10.03 -11.21 1.31
N GLY A 7 -9.51 -11.35 2.53
CA GLY A 7 -9.60 -10.29 3.51
C GLY A 7 -10.59 -10.59 4.61
N SER A 8 -10.13 -10.53 5.86
CA SER A 8 -10.99 -10.80 7.01
C SER A 8 -11.20 -9.54 7.84
N ARG A 9 -10.10 -8.90 8.20
CA ARG A 9 -10.15 -7.68 9.01
C ARG A 9 -9.36 -6.55 8.35
N GLY A 10 -10.07 -5.50 7.93
CA GLY A 10 -9.41 -4.37 7.31
C GLY A 10 -10.20 -3.09 7.44
N GLU A 11 -9.94 -2.35 8.51
CA GLU A 11 -10.64 -1.09 8.76
C GLU A 11 -9.66 0.08 8.80
N ASP A 12 -8.94 0.28 7.70
CA ASP A 12 -7.97 1.37 7.61
C ASP A 12 -7.84 1.86 6.17
N ARG A 13 -7.23 3.03 6.02
CA ARG A 13 -7.04 3.62 4.69
C ARG A 13 -5.63 3.39 4.19
N LYS A 14 -4.68 3.29 5.11
CA LYS A 14 -3.28 3.07 4.77
C LYS A 14 -3.11 1.75 4.03
N LEU A 15 -2.21 1.74 3.05
CA LEU A 15 -1.94 0.53 2.28
C LEU A 15 -0.46 0.18 2.31
N PHE A 16 -0.17 -1.11 2.46
CA PHE A 16 1.21 -1.58 2.50
C PHE A 16 1.73 -1.90 1.10
N VAL A 17 2.82 -1.25 0.72
CA VAL A 17 3.41 -1.46 -0.60
C VAL A 17 4.81 -2.07 -0.48
N GLY A 18 5.17 -2.92 -1.45
CA GLY A 18 6.47 -3.55 -1.43
C GLY A 18 7.05 -3.71 -2.82
N MET A 19 8.22 -4.32 -2.90
CA MET A 19 8.89 -4.53 -4.18
C MET A 19 9.11 -3.21 -4.90
N LEU A 20 9.40 -2.17 -4.14
CA LEU A 20 9.64 -0.84 -4.71
C LEU A 20 11.12 -0.66 -5.05
N GLY A 21 11.38 0.20 -6.04
CA GLY A 21 12.75 0.45 -6.46
C GLY A 21 13.19 1.87 -6.19
N LYS A 22 14.48 2.04 -5.95
CA LYS A 22 15.03 3.37 -5.67
C LYS A 22 14.40 4.43 -6.57
N GLN A 23 13.99 4.01 -7.76
CA GLN A 23 13.38 4.92 -8.72
C GLN A 23 12.01 5.39 -8.22
N GLN A 24 11.18 4.44 -7.79
CA GLN A 24 9.85 4.76 -7.29
C GLN A 24 9.93 5.39 -5.90
N THR A 25 9.59 6.67 -5.83
CA THR A 25 9.62 7.39 -4.57
C THR A 25 8.26 7.97 -4.23
N ASP A 26 8.15 8.59 -3.05
CA ASP A 26 6.90 9.18 -2.61
C ASP A 26 6.19 9.88 -3.77
N GLU A 27 6.97 10.52 -4.63
CA GLU A 27 6.42 11.22 -5.79
C GLU A 27 5.77 10.25 -6.76
N ASP A 28 6.54 9.29 -7.25
CA ASP A 28 6.05 8.30 -8.19
C ASP A 28 4.83 7.58 -7.62
N VAL A 29 5.05 6.82 -6.55
CA VAL A 29 3.98 6.07 -5.90
C VAL A 29 2.70 6.89 -5.86
N ARG A 30 2.78 8.09 -5.31
CA ARG A 30 1.62 8.97 -5.20
C ARG A 30 0.93 9.13 -6.55
N LYS A 31 1.67 9.66 -7.52
CA LYS A 31 1.13 9.86 -8.87
C LYS A 31 0.75 8.54 -9.51
N MET A 32 1.31 7.45 -8.99
CA MET A 32 1.02 6.12 -9.51
C MET A 32 -0.22 5.53 -8.84
N PHE A 33 -0.54 6.02 -7.65
CA PHE A 33 -1.69 5.55 -6.90
C PHE A 33 -2.88 6.50 -7.07
N GLU A 34 -2.58 7.72 -7.53
CA GLU A 34 -3.62 8.72 -7.72
C GLU A 34 -4.66 8.23 -8.74
N PRO A 35 -4.19 7.61 -9.82
CA PRO A 35 -5.05 7.09 -10.88
C PRO A 35 -6.22 6.27 -10.32
N PHE A 36 -6.12 5.89 -9.04
CA PHE A 36 -7.16 5.12 -8.39
C PHE A 36 -7.76 5.87 -7.22
N GLY A 37 -7.78 7.20 -7.33
CA GLY A 37 -8.33 8.03 -6.27
C GLY A 37 -7.35 9.07 -5.79
N THR A 38 -7.76 9.87 -4.80
CA THR A 38 -6.91 10.91 -4.25
C THR A 38 -6.18 10.43 -3.00
N ILE A 39 -4.90 10.78 -2.90
CA ILE A 39 -4.10 10.37 -1.75
C ILE A 39 -3.98 11.51 -0.75
N ASP A 40 -4.32 11.22 0.50
CA ASP A 40 -4.25 12.22 1.57
C ASP A 40 -2.87 12.22 2.22
N GLU A 41 -2.28 11.04 2.35
CA GLU A 41 -0.97 10.90 2.97
C GLU A 41 -0.10 9.91 2.18
N CYS A 42 1.21 10.08 2.29
CA CYS A 42 2.15 9.21 1.59
C CYS A 42 3.53 9.27 2.23
N THR A 43 4.15 8.10 2.38
CA THR A 43 5.48 8.02 2.98
C THR A 43 6.18 6.72 2.59
N VAL A 44 7.48 6.82 2.30
CA VAL A 44 8.26 5.65 1.92
C VAL A 44 9.24 5.27 3.02
N LEU A 45 9.44 3.97 3.20
CA LEU A 45 10.37 3.47 4.22
C LEU A 45 11.76 3.26 3.64
N ARG A 46 12.75 3.91 4.24
CA ARG A 46 14.13 3.80 3.78
C ARG A 46 15.06 3.45 4.94
N GLY A 47 16.34 3.33 4.64
CA GLY A 47 17.32 3.00 5.67
C GLY A 47 17.95 4.23 6.29
N PRO A 48 19.20 4.10 6.73
CA PRO A 48 19.95 5.20 7.36
C PRO A 48 20.46 6.20 6.33
N ASP A 49 21.10 5.70 5.29
CA ASP A 49 21.64 6.55 4.24
C ASP A 49 20.52 7.26 3.48
N GLY A 50 19.48 6.51 3.11
CA GLY A 50 18.36 7.07 2.40
C GLY A 50 18.00 6.25 1.17
N THR A 51 18.20 4.95 1.24
CA THR A 51 17.88 4.06 0.14
C THR A 51 16.53 3.39 0.33
N SER A 52 15.70 3.41 -0.71
CA SER A 52 14.37 2.81 -0.65
C SER A 52 14.47 1.32 -0.37
N LYS A 53 14.32 0.95 0.89
CA LYS A 53 14.39 -0.45 1.29
C LYS A 53 13.59 -1.34 0.34
N GLY A 54 12.43 -0.84 -0.08
CA GLY A 54 11.59 -1.59 -1.00
C GLY A 54 10.16 -1.71 -0.50
N CYS A 55 9.66 -0.64 0.10
CA CYS A 55 8.29 -0.64 0.62
C CYS A 55 7.87 0.77 1.01
N ALA A 56 6.57 1.05 0.87
CA ALA A 56 6.04 2.37 1.21
C ALA A 56 4.56 2.27 1.59
N PHE A 57 4.10 3.25 2.35
CA PHE A 57 2.71 3.28 2.80
C PHE A 57 1.93 4.40 2.09
N VAL A 58 0.80 4.04 1.51
CA VAL A 58 -0.04 5.00 0.81
C VAL A 58 -1.40 5.16 1.48
N LYS A 59 -1.86 6.39 1.60
CA LYS A 59 -3.15 6.68 2.23
C LYS A 59 -4.10 7.34 1.24
N PHE A 60 -5.20 6.66 0.94
CA PHE A 60 -6.19 7.18 0.01
C PHE A 60 -7.24 8.03 0.73
N GLN A 61 -8.00 8.80 -0.03
CA GLN A 61 -9.03 9.65 0.55
C GLN A 61 -10.17 8.82 1.12
N THR A 62 -10.47 7.70 0.47
CA THR A 62 -11.54 6.82 0.91
C THR A 62 -11.16 5.35 0.72
N HIS A 63 -11.53 4.52 1.70
CA HIS A 63 -11.23 3.09 1.64
C HIS A 63 -11.51 2.53 0.24
N ALA A 64 -12.60 3.01 -0.37
CA ALA A 64 -12.97 2.54 -1.70
C ALA A 64 -11.83 2.71 -2.69
N GLU A 65 -11.37 3.95 -2.86
CA GLU A 65 -10.28 4.25 -3.78
C GLU A 65 -9.10 3.33 -3.53
N ALA A 66 -8.80 3.07 -2.26
CA ALA A 66 -7.70 2.21 -1.88
C ALA A 66 -7.86 0.81 -2.48
N GLN A 67 -9.09 0.32 -2.48
CA GLN A 67 -9.39 -1.01 -3.04
C GLN A 67 -9.23 -1.01 -4.55
N ALA A 68 -9.76 0.01 -5.21
CA ALA A 68 -9.67 0.13 -6.66
C ALA A 68 -8.22 0.15 -7.11
N ALA A 69 -7.32 0.52 -6.21
CA ALA A 69 -5.90 0.58 -6.52
C ALA A 69 -5.23 -0.78 -6.30
N ILE A 70 -5.45 -1.35 -5.12
CA ILE A 70 -4.86 -2.64 -4.78
C ILE A 70 -5.37 -3.74 -5.72
N ASN A 71 -6.49 -3.47 -6.38
CA ASN A 71 -7.07 -4.44 -7.31
C ASN A 71 -6.37 -4.37 -8.67
N THR A 72 -5.79 -3.21 -8.97
CA THR A 72 -5.09 -3.02 -10.23
C THR A 72 -3.57 -2.90 -10.01
N LEU A 73 -3.18 -2.76 -8.75
CA LEU A 73 -1.77 -2.64 -8.40
C LEU A 73 -1.21 -3.96 -7.90
N HIS A 74 -1.80 -4.47 -6.82
CA HIS A 74 -1.35 -5.73 -6.24
C HIS A 74 -0.93 -6.71 -7.33
N SER A 75 0.28 -7.24 -7.20
CA SER A 75 0.80 -8.19 -8.18
C SER A 75 0.29 -7.86 -9.58
N SER A 76 0.25 -6.58 -9.90
CA SER A 76 -0.22 -6.13 -11.20
C SER A 76 0.95 -5.81 -12.13
N ARG A 77 1.62 -4.70 -11.85
CA ARG A 77 2.77 -4.28 -12.66
C ARG A 77 4.08 -4.64 -11.97
N THR A 78 5.16 -4.66 -12.75
CA THR A 78 6.47 -4.99 -12.22
C THR A 78 7.48 -3.88 -12.47
N LEU A 79 7.66 -3.02 -11.47
CA LEU A 79 8.58 -1.90 -11.58
C LEU A 79 9.94 -2.37 -12.12
N PRO A 80 10.55 -1.54 -12.98
CA PRO A 80 11.85 -1.83 -13.58
C PRO A 80 12.87 -2.31 -12.55
N GLY A 81 13.27 -3.57 -12.65
CA GLY A 81 14.24 -4.11 -11.73
C GLY A 81 13.61 -4.57 -10.43
N ALA A 82 12.51 -5.31 -10.53
CA ALA A 82 11.81 -5.81 -9.36
C ALA A 82 11.44 -7.28 -9.53
N SER A 83 12.13 -8.14 -8.77
CA SER A 83 11.88 -9.57 -8.84
C SER A 83 10.41 -9.86 -9.15
N SER A 84 9.56 -9.69 -8.14
CA SER A 84 8.13 -9.92 -8.31
C SER A 84 7.38 -8.62 -8.53
N SER A 85 6.13 -8.73 -8.99
CA SER A 85 5.30 -7.55 -9.24
C SER A 85 5.12 -6.73 -7.97
N LEU A 86 4.71 -5.47 -8.14
CA LEU A 86 4.50 -4.59 -7.01
C LEU A 86 3.51 -5.19 -6.01
N VAL A 87 3.99 -5.46 -4.80
CA VAL A 87 3.15 -6.04 -3.76
C VAL A 87 2.39 -4.96 -3.01
N VAL A 88 1.06 -5.00 -3.09
CA VAL A 88 0.22 -4.03 -2.42
C VAL A 88 -0.94 -4.71 -1.71
N LYS A 89 -1.16 -4.35 -0.45
CA LYS A 89 -2.25 -4.93 0.34
C LYS A 89 -2.47 -4.12 1.62
N PHE A 90 -3.68 -4.22 2.16
CA PHE A 90 -4.03 -3.51 3.39
C PHE A 90 -3.01 -3.80 4.50
N ALA A 91 -2.41 -2.74 5.02
CA ALA A 91 -1.42 -2.88 6.10
C ALA A 91 -1.95 -3.78 7.21
N ASP A 92 -1.20 -4.83 7.52
CA ASP A 92 -1.58 -5.77 8.57
C ASP A 92 -1.06 -5.30 9.93
N THR A 93 -1.11 -4.00 10.16
CA THR A 93 -0.64 -3.43 11.42
C THR A 93 -1.45 -3.94 12.60
N GLU A 94 -2.72 -4.25 12.33
CA GLU A 94 -3.60 -4.76 13.38
C GLU A 94 -3.02 -6.00 14.03
N LYS A 95 -2.98 -6.00 15.36
CA LYS A 95 -2.44 -7.12 16.12
C LYS A 95 -3.08 -7.21 17.51
N GLU A 96 -3.09 -8.40 18.08
CA GLU A 96 -3.67 -8.62 19.40
C GLU A 96 -5.15 -8.22 19.41
N SER A 97 -5.86 -8.59 18.36
CA SER A 97 -7.28 -8.27 18.25
C SER A 97 -8.07 -9.48 17.76
N GLY A 98 -8.89 -10.03 18.64
CA GLY A 98 -9.69 -11.19 18.29
C GLY A 98 -11.11 -11.10 18.82
N PRO A 99 -12.01 -10.51 18.02
CA PRO A 99 -13.42 -10.34 18.40
C PRO A 99 -14.22 -11.63 18.26
N SER A 100 -13.91 -12.40 17.21
CA SER A 100 -14.60 -13.65 16.95
C SER A 100 -14.42 -14.62 18.12
N SER A 101 -15.33 -15.59 18.23
CA SER A 101 -15.27 -16.56 19.30
C SER A 101 -14.72 -17.90 18.81
N GLY A 102 -15.37 -18.45 17.78
CA GLY A 102 -14.93 -19.72 17.22
C GLY A 102 -16.07 -20.70 17.05
N GLY A 1 -5.53 -16.57 -12.81
CA GLY A 1 -6.05 -15.60 -13.75
C GLY A 1 -6.11 -14.20 -13.17
N SER A 2 -6.60 -14.09 -11.95
CA SER A 2 -6.71 -12.80 -11.28
C SER A 2 -6.69 -12.96 -9.76
N SER A 3 -6.16 -11.95 -9.07
CA SER A 3 -6.07 -11.99 -7.62
C SER A 3 -7.45 -11.81 -6.99
N GLY A 4 -7.85 -12.78 -6.17
CA GLY A 4 -9.15 -12.72 -5.52
C GLY A 4 -9.38 -11.39 -4.82
N SER A 5 -10.65 -11.04 -4.64
CA SER A 5 -11.01 -9.79 -4.00
C SER A 5 -11.29 -10.00 -2.51
N SER A 6 -10.95 -9.00 -1.70
CA SER A 6 -11.15 -9.08 -0.26
C SER A 6 -11.15 -7.69 0.37
N GLY A 7 -11.68 -7.59 1.59
CA GLY A 7 -11.74 -6.32 2.27
C GLY A 7 -11.30 -6.42 3.72
N SER A 8 -10.34 -5.59 4.11
CA SER A 8 -9.84 -5.61 5.48
C SER A 8 -10.99 -5.57 6.48
N ARG A 9 -11.79 -4.51 6.43
CA ARG A 9 -12.93 -4.35 7.32
C ARG A 9 -12.46 -4.06 8.75
N GLY A 10 -11.46 -3.19 8.87
CA GLY A 10 -10.94 -2.84 10.17
C GLY A 10 -10.74 -1.34 10.34
N GLU A 11 -11.75 -0.57 9.93
CA GLU A 11 -11.68 0.89 10.03
C GLU A 11 -10.27 1.39 9.71
N ASP A 12 -9.70 0.87 8.62
CA ASP A 12 -8.37 1.27 8.21
C ASP A 12 -8.35 1.67 6.74
N ARG A 13 -7.38 2.49 6.36
CA ARG A 13 -7.26 2.95 4.98
C ARG A 13 -5.85 2.72 4.45
N LYS A 14 -4.86 3.15 5.22
CA LYS A 14 -3.46 2.99 4.84
C LYS A 14 -3.25 1.66 4.10
N LEU A 15 -2.24 1.63 3.23
CA LEU A 15 -1.94 0.43 2.47
C LEU A 15 -0.43 0.18 2.43
N PHE A 16 -0.05 -1.09 2.39
CA PHE A 16 1.36 -1.47 2.35
C PHE A 16 1.79 -1.79 0.92
N VAL A 17 2.80 -1.08 0.44
CA VAL A 17 3.31 -1.30 -0.91
C VAL A 17 4.73 -1.84 -0.88
N GLY A 18 4.92 -3.02 -1.48
CA GLY A 18 6.24 -3.63 -1.51
C GLY A 18 6.76 -3.82 -2.91
N MET A 19 7.94 -4.45 -3.04
CA MET A 19 8.54 -4.69 -4.34
C MET A 19 8.83 -3.37 -5.06
N LEU A 20 9.16 -2.34 -4.28
CA LEU A 20 9.46 -1.03 -4.84
C LEU A 20 10.95 -0.92 -5.18
N GLY A 21 11.29 0.05 -6.03
CA GLY A 21 12.67 0.25 -6.41
C GLY A 21 13.17 1.64 -6.05
N LYS A 22 14.49 1.77 -5.92
CA LYS A 22 15.09 3.05 -5.57
C LYS A 22 14.64 4.15 -6.52
N GLN A 23 14.77 3.89 -7.81
CA GLN A 23 14.37 4.85 -8.84
C GLN A 23 13.05 5.52 -8.46
N GLN A 24 12.03 4.71 -8.19
CA GLN A 24 10.72 5.22 -7.81
C GLN A 24 10.77 5.90 -6.45
N THR A 25 9.95 6.93 -6.27
CA THR A 25 9.90 7.66 -5.01
C THR A 25 8.46 7.99 -4.62
N ASP A 26 8.30 8.62 -3.46
CA ASP A 26 6.97 9.01 -2.98
C ASP A 26 6.17 9.68 -4.08
N GLU A 27 6.79 10.65 -4.76
CA GLU A 27 6.14 11.37 -5.83
C GLU A 27 5.53 10.41 -6.85
N ASP A 28 6.35 9.47 -7.32
CA ASP A 28 5.90 8.49 -8.30
C ASP A 28 4.72 7.67 -7.76
N VAL A 29 5.01 6.85 -6.75
CA VAL A 29 3.98 6.01 -6.14
C VAL A 29 2.68 6.78 -5.97
N ARG A 30 2.77 7.98 -5.41
CA ARG A 30 1.60 8.81 -5.19
C ARG A 30 0.86 9.07 -6.49
N LYS A 31 1.56 9.66 -7.46
CA LYS A 31 0.98 9.97 -8.76
C LYS A 31 0.57 8.68 -9.48
N MET A 32 1.16 7.56 -9.08
CA MET A 32 0.86 6.27 -9.68
C MET A 32 -0.35 5.63 -9.01
N PHE A 33 -0.63 6.05 -7.79
CA PHE A 33 -1.76 5.51 -7.03
C PHE A 33 -2.97 6.44 -7.11
N GLU A 34 -2.73 7.67 -7.56
CA GLU A 34 -3.80 8.66 -7.69
C GLU A 34 -4.85 8.19 -8.70
N PRO A 35 -4.38 7.64 -9.83
CA PRO A 35 -5.25 7.15 -10.89
C PRO A 35 -6.37 6.27 -10.36
N PHE A 36 -6.24 5.84 -9.12
CA PHE A 36 -7.26 4.99 -8.49
C PHE A 36 -7.86 5.68 -7.26
N GLY A 37 -7.92 7.00 -7.30
CA GLY A 37 -8.47 7.76 -6.20
C GLY A 37 -7.51 8.81 -5.68
N THR A 38 -7.97 9.60 -4.71
CA THR A 38 -7.14 10.65 -4.13
C THR A 38 -6.40 10.15 -2.91
N ILE A 39 -5.11 10.50 -2.82
CA ILE A 39 -4.28 10.08 -1.69
C ILE A 39 -4.19 11.19 -0.65
N ASP A 40 -4.57 10.86 0.57
CA ASP A 40 -4.53 11.83 1.67
C ASP A 40 -3.10 12.00 2.19
N GLU A 41 -2.42 10.87 2.38
CA GLU A 41 -1.05 10.89 2.89
C GLU A 41 -0.21 9.81 2.21
N CYS A 42 1.10 10.02 2.18
CA CYS A 42 2.01 9.06 1.56
C CYS A 42 3.44 9.28 2.05
N THR A 43 4.09 8.20 2.47
CA THR A 43 5.46 8.28 2.96
C THR A 43 6.23 7.00 2.64
N VAL A 44 7.46 7.17 2.18
CA VAL A 44 8.31 6.02 1.83
C VAL A 44 9.29 5.70 2.96
N LEU A 45 9.45 4.42 3.25
CA LEU A 45 10.36 3.98 4.30
C LEU A 45 11.77 3.81 3.76
N ARG A 46 12.76 4.09 4.60
CA ARG A 46 14.16 3.97 4.22
C ARG A 46 15.00 3.40 5.36
N GLY A 47 16.24 3.02 5.05
CA GLY A 47 17.12 2.47 6.06
C GLY A 47 17.86 3.54 6.83
N PRO A 48 19.08 3.21 7.29
CA PRO A 48 19.92 4.14 8.06
C PRO A 48 20.59 5.18 7.16
N ASP A 49 21.18 4.72 6.07
CA ASP A 49 21.87 5.61 5.13
C ASP A 49 20.88 6.58 4.50
N GLY A 50 19.70 6.08 4.15
CA GLY A 50 18.70 6.93 3.54
C GLY A 50 18.30 6.45 2.16
N THR A 51 18.24 5.13 1.98
CA THR A 51 17.88 4.54 0.69
C THR A 51 16.53 3.85 0.78
N SER A 52 15.82 3.80 -0.35
CA SER A 52 14.51 3.17 -0.40
C SER A 52 14.60 1.68 -0.03
N LYS A 53 14.33 1.39 1.24
CA LYS A 53 14.39 0.01 1.72
C LYS A 53 13.63 -0.93 0.79
N GLY A 54 12.61 -0.39 0.12
CA GLY A 54 11.83 -1.20 -0.80
C GLY A 54 10.39 -1.34 -0.36
N CYS A 55 9.89 -0.34 0.35
CA CYS A 55 8.51 -0.36 0.83
C CYS A 55 8.03 1.06 1.15
N ALA A 56 6.73 1.29 0.96
CA ALA A 56 6.15 2.59 1.22
C ALA A 56 4.71 2.46 1.72
N PHE A 57 4.23 3.48 2.42
CA PHE A 57 2.87 3.49 2.95
C PHE A 57 2.01 4.54 2.25
N VAL A 58 0.85 4.11 1.77
CA VAL A 58 -0.06 5.02 1.07
C VAL A 58 -1.40 5.09 1.79
N LYS A 59 -1.87 6.31 2.05
CA LYS A 59 -3.15 6.52 2.72
C LYS A 59 -4.15 7.20 1.79
N PHE A 60 -5.11 6.44 1.32
CA PHE A 60 -6.14 6.97 0.42
C PHE A 60 -7.16 7.80 1.19
N GLN A 61 -7.76 8.77 0.51
CA GLN A 61 -8.76 9.63 1.14
C GLN A 61 -9.86 8.80 1.80
N THR A 62 -10.20 7.68 1.18
CA THR A 62 -11.24 6.81 1.70
C THR A 62 -10.90 5.34 1.43
N HIS A 63 -11.63 4.44 2.10
CA HIS A 63 -11.41 3.01 1.92
C HIS A 63 -11.72 2.57 0.49
N ALA A 64 -12.92 2.91 0.03
CA ALA A 64 -13.34 2.56 -1.32
C ALA A 64 -12.16 2.63 -2.29
N GLU A 65 -11.68 3.83 -2.54
CA GLU A 65 -10.55 4.03 -3.46
C GLU A 65 -9.42 3.07 -3.14
N ALA A 66 -8.96 3.09 -1.89
CA ALA A 66 -7.88 2.20 -1.46
C ALA A 66 -8.05 0.81 -2.04
N GLN A 67 -9.29 0.33 -2.08
CA GLN A 67 -9.57 -1.00 -2.62
C GLN A 67 -9.43 -1.02 -4.14
N ALA A 68 -9.85 0.06 -4.78
CA ALA A 68 -9.77 0.17 -6.23
C ALA A 68 -8.35 -0.11 -6.72
N ALA A 69 -7.40 0.68 -6.22
CA ALA A 69 -6.00 0.51 -6.61
C ALA A 69 -5.55 -0.94 -6.47
N ILE A 70 -5.53 -1.42 -5.23
CA ILE A 70 -5.11 -2.80 -4.96
C ILE A 70 -5.71 -3.76 -5.98
N ASN A 71 -7.04 -3.78 -6.06
CA ASN A 71 -7.73 -4.65 -7.00
C ASN A 71 -7.00 -4.71 -8.34
N THR A 72 -6.48 -3.57 -8.77
CA THR A 72 -5.75 -3.49 -10.03
C THR A 72 -4.25 -3.46 -9.79
N LEU A 73 -3.74 -2.34 -9.30
CA LEU A 73 -2.32 -2.19 -9.03
C LEU A 73 -1.71 -3.50 -8.54
N HIS A 74 -2.32 -4.07 -7.50
CA HIS A 74 -1.85 -5.33 -6.93
C HIS A 74 -1.43 -6.29 -8.03
N SER A 75 -0.15 -6.66 -8.03
CA SER A 75 0.39 -7.57 -9.03
C SER A 75 0.04 -7.11 -10.44
N SER A 76 0.27 -5.82 -10.70
CA SER A 76 -0.03 -5.24 -12.01
C SER A 76 1.24 -5.15 -12.86
N ARG A 77 2.11 -4.21 -12.51
CA ARG A 77 3.36 -4.01 -13.24
C ARG A 77 4.53 -4.66 -12.51
N THR A 78 5.68 -4.67 -13.14
CA THR A 78 6.88 -5.27 -12.56
C THR A 78 8.05 -4.29 -12.59
N LEU A 79 8.04 -3.32 -11.69
CA LEU A 79 9.10 -2.33 -11.62
C LEU A 79 10.47 -2.98 -11.83
N PRO A 80 11.42 -2.19 -12.35
CA PRO A 80 12.78 -2.66 -12.62
C PRO A 80 13.58 -2.88 -11.34
N GLY A 81 14.19 -4.06 -11.23
CA GLY A 81 14.97 -4.37 -10.05
C GLY A 81 14.14 -5.03 -8.96
N ALA A 82 12.97 -5.53 -9.32
CA ALA A 82 12.07 -6.18 -8.37
C ALA A 82 11.73 -7.60 -8.81
N SER A 83 12.24 -8.58 -8.08
CA SER A 83 11.99 -9.98 -8.39
C SER A 83 10.62 -10.16 -9.02
N SER A 84 9.58 -10.10 -8.19
CA SER A 84 8.21 -10.25 -8.67
C SER A 84 7.56 -8.90 -8.93
N SER A 85 6.32 -8.93 -9.40
CA SER A 85 5.59 -7.70 -9.70
C SER A 85 5.39 -6.87 -8.43
N LEU A 86 4.68 -5.75 -8.57
CA LEU A 86 4.42 -4.86 -7.44
C LEU A 86 3.43 -5.50 -6.47
N VAL A 87 3.77 -5.50 -5.18
CA VAL A 87 2.92 -6.07 -4.15
C VAL A 87 2.17 -4.98 -3.39
N VAL A 88 0.92 -4.76 -3.77
CA VAL A 88 0.10 -3.75 -3.12
C VAL A 88 -1.03 -4.39 -2.30
N LYS A 89 -1.08 -4.05 -1.02
CA LYS A 89 -2.11 -4.59 -0.13
C LYS A 89 -2.38 -3.64 1.02
N PHE A 90 -3.30 -4.03 1.90
CA PHE A 90 -3.66 -3.21 3.06
C PHE A 90 -2.53 -3.22 4.09
N ALA A 91 -2.48 -2.16 4.89
CA ALA A 91 -1.45 -2.04 5.93
C ALA A 91 -2.00 -2.51 7.28
N ASP A 92 -1.34 -3.51 7.86
CA ASP A 92 -1.75 -4.05 9.15
C ASP A 92 -1.29 -3.14 10.29
N THR A 93 -2.22 -2.80 11.18
CA THR A 93 -1.90 -1.94 12.31
C THR A 93 -1.43 -2.76 13.51
N GLU A 94 -0.87 -2.07 14.50
CA GLU A 94 -0.37 -2.73 15.71
C GLU A 94 -0.31 -1.75 16.88
N LYS A 95 -1.00 -2.09 17.95
CA LYS A 95 -1.02 -1.24 19.15
C LYS A 95 -1.49 -2.04 20.36
N GLU A 96 -0.74 -1.93 21.45
CA GLU A 96 -1.08 -2.63 22.69
C GLU A 96 -2.31 -2.01 23.34
N SER A 97 -3.18 -2.87 23.89
CA SER A 97 -4.40 -2.41 24.53
C SER A 97 -4.17 -2.21 26.03
N GLY A 98 -5.15 -1.60 26.69
CA GLY A 98 -5.03 -1.36 28.12
C GLY A 98 -6.38 -1.16 28.79
N PRO A 99 -6.93 -2.25 29.35
CA PRO A 99 -8.23 -2.22 30.03
C PRO A 99 -8.16 -1.54 31.39
N SER A 100 -7.11 -1.85 32.15
CA SER A 100 -6.92 -1.28 33.48
C SER A 100 -5.45 -0.96 33.73
N SER A 101 -5.19 0.22 34.28
CA SER A 101 -3.83 0.64 34.58
C SER A 101 -3.68 1.04 36.04
N GLY A 102 -2.50 0.79 36.60
CA GLY A 102 -2.26 1.13 37.99
C GLY A 102 -1.33 0.14 38.67
N GLY A 1 -12.52 -28.07 -10.52
CA GLY A 1 -12.12 -26.70 -10.21
C GLY A 1 -13.23 -25.91 -9.56
N SER A 2 -13.57 -24.78 -10.17
CA SER A 2 -14.62 -23.91 -9.64
C SER A 2 -14.41 -23.65 -8.15
N SER A 3 -13.16 -23.39 -7.77
CA SER A 3 -12.83 -23.12 -6.38
C SER A 3 -12.31 -21.70 -6.21
N GLY A 4 -12.94 -20.96 -5.31
CA GLY A 4 -12.53 -19.59 -5.07
C GLY A 4 -12.62 -19.20 -3.60
N SER A 5 -11.71 -18.34 -3.15
CA SER A 5 -11.68 -17.90 -1.78
C SER A 5 -11.41 -16.40 -1.67
N SER A 6 -12.30 -15.69 -1.00
CA SER A 6 -12.17 -14.24 -0.84
C SER A 6 -12.22 -13.85 0.63
N GLY A 7 -11.97 -12.58 0.90
CA GLY A 7 -12.00 -12.09 2.27
C GLY A 7 -10.61 -11.77 2.80
N SER A 8 -10.11 -10.59 2.47
CA SER A 8 -8.78 -10.18 2.90
C SER A 8 -8.87 -9.40 4.22
N ARG A 9 -8.20 -9.92 5.25
CA ARG A 9 -8.20 -9.28 6.56
C ARG A 9 -7.26 -8.08 6.57
N GLY A 10 -7.83 -6.89 6.67
CA GLY A 10 -7.03 -5.69 6.70
C GLY A 10 -7.82 -4.45 6.31
N GLU A 11 -8.86 -4.15 7.09
CA GLU A 11 -9.69 -2.98 6.82
C GLU A 11 -9.05 -1.70 7.35
N ASP A 12 -8.40 -0.96 6.45
CA ASP A 12 -7.75 0.29 6.83
C ASP A 12 -7.25 1.03 5.60
N ARG A 13 -7.60 2.31 5.50
CA ARG A 13 -7.19 3.13 4.36
C ARG A 13 -5.71 2.90 4.04
N LYS A 14 -4.87 3.02 5.05
CA LYS A 14 -3.43 2.84 4.88
C LYS A 14 -3.13 1.52 4.17
N LEU A 15 -2.47 1.60 3.03
CA LEU A 15 -2.12 0.41 2.25
C LEU A 15 -0.62 0.16 2.30
N PHE A 16 -0.23 -1.11 2.43
CA PHE A 16 1.17 -1.48 2.48
C PHE A 16 1.68 -1.87 1.09
N VAL A 17 2.59 -1.06 0.55
CA VAL A 17 3.15 -1.31 -0.76
C VAL A 17 4.57 -1.87 -0.67
N GLY A 18 4.87 -2.86 -1.49
CA GLY A 18 6.20 -3.46 -1.48
C GLY A 18 6.78 -3.62 -2.87
N MET A 19 7.88 -4.37 -2.97
CA MET A 19 8.52 -4.61 -4.24
C MET A 19 8.82 -3.29 -4.96
N LEU A 20 9.20 -2.27 -4.18
CA LEU A 20 9.51 -0.96 -4.74
C LEU A 20 11.01 -0.83 -5.04
N GLY A 21 11.34 0.09 -5.92
CA GLY A 21 12.74 0.31 -6.28
C GLY A 21 13.28 1.63 -5.78
N LYS A 22 14.59 1.70 -5.59
CA LYS A 22 15.22 2.92 -5.12
C LYS A 22 14.89 4.10 -6.02
N GLN A 23 14.99 3.89 -7.33
CA GLN A 23 14.69 4.93 -8.31
C GLN A 23 13.38 5.63 -7.97
N GLN A 24 12.29 4.88 -8.02
CA GLN A 24 10.97 5.43 -7.73
C GLN A 24 11.00 6.29 -6.48
N THR A 25 10.12 7.28 -6.41
CA THR A 25 10.06 8.18 -5.26
C THR A 25 8.62 8.36 -4.78
N ASP A 26 8.45 9.10 -3.70
CA ASP A 26 7.12 9.35 -3.15
C ASP A 26 6.19 9.91 -4.21
N GLU A 27 6.74 10.73 -5.10
CA GLU A 27 5.95 11.33 -6.17
C GLU A 27 5.42 10.26 -7.12
N ASP A 28 6.28 9.31 -7.48
CA ASP A 28 5.89 8.23 -8.38
C ASP A 28 4.70 7.46 -7.83
N VAL A 29 4.95 6.63 -6.81
CA VAL A 29 3.90 5.84 -6.19
C VAL A 29 2.62 6.64 -6.03
N ARG A 30 2.75 7.85 -5.50
CA ARG A 30 1.60 8.73 -5.29
C ARG A 30 0.84 8.93 -6.59
N LYS A 31 1.45 9.63 -7.53
CA LYS A 31 0.83 9.90 -8.82
C LYS A 31 0.45 8.60 -9.52
N MET A 32 1.10 7.51 -9.13
CA MET A 32 0.83 6.21 -9.72
C MET A 32 -0.38 5.55 -9.05
N PHE A 33 -0.66 5.96 -7.82
CA PHE A 33 -1.79 5.41 -7.07
C PHE A 33 -2.97 6.37 -7.08
N GLU A 34 -2.74 7.58 -7.59
CA GLU A 34 -3.79 8.59 -7.66
C GLU A 34 -4.91 8.15 -8.60
N PRO A 35 -4.53 7.56 -9.75
CA PRO A 35 -5.48 7.09 -10.75
C PRO A 35 -6.60 6.25 -10.13
N PHE A 36 -6.40 5.82 -8.89
CA PHE A 36 -7.39 5.02 -8.18
C PHE A 36 -7.89 5.73 -6.94
N GLY A 37 -7.92 7.06 -7.00
CA GLY A 37 -8.38 7.84 -5.87
C GLY A 37 -7.37 8.88 -5.43
N THR A 38 -7.81 9.81 -4.60
CA THR A 38 -6.93 10.88 -4.10
C THR A 38 -6.10 10.40 -2.92
N ILE A 39 -4.81 10.74 -2.94
CA ILE A 39 -3.92 10.34 -1.87
C ILE A 39 -3.75 11.46 -0.84
N ASP A 40 -4.12 11.17 0.40
CA ASP A 40 -4.02 12.16 1.47
C ASP A 40 -2.62 12.17 2.07
N GLU A 41 -2.07 10.98 2.30
CA GLU A 41 -0.73 10.85 2.87
C GLU A 41 0.06 9.75 2.16
N CYS A 42 1.34 10.01 1.93
CA CYS A 42 2.21 9.05 1.26
C CYS A 42 3.65 9.21 1.71
N THR A 43 4.24 8.12 2.20
CA THR A 43 5.62 8.13 2.68
C THR A 43 6.31 6.80 2.42
N VAL A 44 7.55 6.86 1.96
CA VAL A 44 8.32 5.66 1.66
C VAL A 44 9.21 5.28 2.84
N LEU A 45 9.07 4.05 3.30
CA LEU A 45 9.87 3.55 4.42
C LEU A 45 11.34 3.48 4.06
N ARG A 46 12.14 4.33 4.69
CA ARG A 46 13.59 4.37 4.43
C ARG A 46 14.38 4.06 5.70
N GLY A 47 15.70 4.03 5.57
CA GLY A 47 16.54 3.75 6.72
C GLY A 47 17.37 4.95 7.14
N PRO A 48 18.32 4.73 8.06
CA PRO A 48 19.20 5.78 8.56
C PRO A 48 19.76 6.66 7.43
N ASP A 49 20.56 6.06 6.56
CA ASP A 49 21.15 6.78 5.45
C ASP A 49 20.07 7.29 4.50
N GLY A 50 19.04 6.47 4.28
CA GLY A 50 17.96 6.85 3.39
C GLY A 50 17.80 5.89 2.23
N THR A 51 18.02 4.61 2.49
CA THR A 51 17.90 3.59 1.45
C THR A 51 16.47 3.07 1.36
N SER A 52 15.90 3.14 0.15
CA SER A 52 14.54 2.68 -0.07
C SER A 52 14.40 1.20 0.25
N LYS A 53 13.99 0.90 1.48
CA LYS A 53 13.83 -0.48 1.91
C LYS A 53 12.99 -1.27 0.91
N GLY A 54 12.23 -0.56 0.08
CA GLY A 54 11.40 -1.22 -0.92
C GLY A 54 9.96 -1.32 -0.48
N CYS A 55 9.52 -0.40 0.37
CA CYS A 55 8.16 -0.40 0.85
C CYS A 55 7.71 1.02 1.22
N ALA A 56 6.47 1.35 0.86
CA ALA A 56 5.92 2.67 1.14
C ALA A 56 4.45 2.58 1.55
N PHE A 57 4.05 3.45 2.48
CA PHE A 57 2.68 3.47 2.96
C PHE A 57 1.85 4.51 2.23
N VAL A 58 0.73 4.08 1.66
CA VAL A 58 -0.15 4.98 0.91
C VAL A 58 -1.51 5.08 1.59
N LYS A 59 -1.88 6.29 1.99
CA LYS A 59 -3.16 6.53 2.64
C LYS A 59 -4.13 7.24 1.70
N PHE A 60 -5.06 6.47 1.13
CA PHE A 60 -6.04 7.03 0.20
C PHE A 60 -7.04 7.91 0.95
N GLN A 61 -7.87 8.63 0.20
CA GLN A 61 -8.87 9.52 0.77
C GLN A 61 -9.91 8.71 1.55
N THR A 62 -10.26 7.54 1.03
CA THR A 62 -11.24 6.69 1.67
C THR A 62 -10.92 5.22 1.45
N HIS A 63 -11.68 4.34 2.10
CA HIS A 63 -11.47 2.90 1.98
C HIS A 63 -11.65 2.44 0.54
N ALA A 64 -12.87 2.62 0.02
CA ALA A 64 -13.17 2.24 -1.36
C ALA A 64 -11.98 2.49 -2.28
N GLU A 65 -11.62 3.76 -2.42
CA GLU A 65 -10.50 4.14 -3.27
C GLU A 65 -9.29 3.25 -3.01
N ALA A 66 -9.00 3.03 -1.74
CA ALA A 66 -7.86 2.19 -1.36
C ALA A 66 -7.96 0.81 -1.99
N GLN A 67 -9.17 0.28 -2.07
CA GLN A 67 -9.39 -1.04 -2.65
C GLN A 67 -9.16 -1.01 -4.14
N ALA A 68 -9.77 -0.04 -4.82
CA ALA A 68 -9.63 0.09 -6.27
C ALA A 68 -8.20 -0.21 -6.71
N ALA A 69 -7.25 0.49 -6.11
CA ALA A 69 -5.84 0.32 -6.45
C ALA A 69 -5.45 -1.16 -6.39
N ILE A 70 -5.44 -1.72 -5.19
CA ILE A 70 -5.09 -3.13 -5.00
C ILE A 70 -5.74 -4.00 -6.08
N ASN A 71 -7.06 -3.92 -6.17
CA ASN A 71 -7.80 -4.70 -7.15
C ASN A 71 -7.01 -4.83 -8.45
N THR A 72 -6.41 -3.73 -8.89
CA THR A 72 -5.62 -3.72 -10.13
C THR A 72 -4.13 -3.69 -9.82
N LEU A 73 -3.65 -2.54 -9.34
CA LEU A 73 -2.24 -2.37 -9.01
C LEU A 73 -1.66 -3.68 -8.47
N HIS A 74 -2.26 -4.18 -7.39
CA HIS A 74 -1.80 -5.42 -6.77
C HIS A 74 -1.30 -6.40 -7.82
N SER A 75 0.02 -6.58 -7.87
CA SER A 75 0.63 -7.49 -8.85
C SER A 75 0.29 -7.06 -10.27
N SER A 76 0.50 -5.79 -10.58
CA SER A 76 0.20 -5.26 -11.90
C SER A 76 1.47 -5.17 -12.74
N ARG A 77 2.31 -4.18 -12.45
CA ARG A 77 3.56 -3.98 -13.18
C ARG A 77 4.73 -4.55 -12.40
N THR A 78 5.92 -4.47 -12.99
CA THR A 78 7.13 -4.99 -12.36
C THR A 78 8.27 -3.99 -12.46
N LEU A 79 8.23 -2.95 -11.63
CA LEU A 79 9.27 -1.93 -11.64
C LEU A 79 10.63 -2.54 -11.90
N PRO A 80 11.47 -1.81 -12.68
CA PRO A 80 12.81 -2.27 -13.03
C PRO A 80 13.59 -2.77 -11.81
N GLY A 81 13.98 -4.04 -11.84
CA GLY A 81 14.72 -4.61 -10.73
C GLY A 81 13.83 -4.98 -9.56
N ALA A 82 12.79 -5.75 -9.84
CA ALA A 82 11.86 -6.18 -8.79
C ALA A 82 11.44 -7.63 -8.98
N SER A 83 11.91 -8.49 -8.07
CA SER A 83 11.58 -9.92 -8.15
C SER A 83 10.19 -10.13 -8.74
N SER A 84 9.17 -9.87 -7.94
CA SER A 84 7.79 -10.03 -8.38
C SER A 84 7.18 -8.69 -8.78
N SER A 85 5.89 -8.72 -9.10
CA SER A 85 5.19 -7.50 -9.51
C SER A 85 4.97 -6.58 -8.30
N LEU A 86 4.49 -5.37 -8.57
CA LEU A 86 4.24 -4.40 -7.52
C LEU A 86 3.23 -4.93 -6.51
N VAL A 87 3.71 -5.26 -5.31
CA VAL A 87 2.85 -5.77 -4.26
C VAL A 87 2.09 -4.66 -3.57
N VAL A 88 0.76 -4.75 -3.57
CA VAL A 88 -0.08 -3.74 -2.94
C VAL A 88 -1.20 -4.38 -2.15
N LYS A 89 -1.17 -4.21 -0.83
CA LYS A 89 -2.19 -4.77 0.05
C LYS A 89 -2.48 -3.84 1.22
N PHE A 90 -3.35 -4.28 2.11
CA PHE A 90 -3.72 -3.49 3.29
C PHE A 90 -2.63 -3.57 4.36
N ALA A 91 -2.40 -2.46 5.04
CA ALA A 91 -1.40 -2.39 6.09
C ALA A 91 -1.91 -3.02 7.38
N ASP A 92 -1.03 -3.76 8.06
CA ASP A 92 -1.40 -4.43 9.30
C ASP A 92 -0.90 -3.63 10.51
N THR A 93 -1.77 -2.79 11.06
CA THR A 93 -1.43 -1.98 12.21
C THR A 93 -2.27 -2.33 13.42
N GLU A 94 -1.75 -2.06 14.61
CA GLU A 94 -2.46 -2.35 15.85
C GLU A 94 -2.44 -1.16 16.79
N LYS A 95 -3.34 -1.16 17.76
CA LYS A 95 -3.43 -0.07 18.73
C LYS A 95 -3.25 -0.59 20.16
N GLU A 96 -2.51 0.16 20.96
CA GLU A 96 -2.26 -0.23 22.35
C GLU A 96 -3.52 -0.82 22.99
N SER A 97 -3.58 -2.14 23.07
CA SER A 97 -4.72 -2.82 23.65
C SER A 97 -4.40 -3.34 25.05
N GLY A 98 -5.44 -3.60 25.84
CA GLY A 98 -5.25 -4.10 27.19
C GLY A 98 -5.96 -3.26 28.22
N PRO A 99 -5.24 -2.31 28.84
CA PRO A 99 -5.81 -1.42 29.86
C PRO A 99 -7.16 -0.84 29.44
N SER A 100 -8.18 -1.08 30.25
CA SER A 100 -9.51 -0.57 29.97
C SER A 100 -10.17 0.00 31.23
N SER A 101 -10.36 1.32 31.24
CA SER A 101 -10.97 1.99 32.38
C SER A 101 -12.44 1.62 32.51
N GLY A 102 -12.93 1.60 33.74
CA GLY A 102 -14.32 1.26 33.99
C GLY A 102 -14.54 -0.24 34.15
N GLY A 1 -30.44 -10.35 -5.06
CA GLY A 1 -30.54 -9.09 -4.34
C GLY A 1 -29.24 -8.70 -3.67
N SER A 2 -29.18 -7.49 -3.14
CA SER A 2 -27.98 -6.99 -2.48
C SER A 2 -28.10 -7.16 -0.95
N SER A 3 -27.34 -8.10 -0.41
CA SER A 3 -27.35 -8.36 1.03
C SER A 3 -25.94 -8.30 1.60
N GLY A 4 -25.64 -7.22 2.33
CA GLY A 4 -24.33 -7.07 2.92
C GLY A 4 -23.99 -5.61 3.18
N SER A 5 -23.23 -5.37 4.25
CA SER A 5 -22.84 -4.01 4.61
C SER A 5 -21.74 -3.50 3.67
N SER A 6 -21.73 -2.19 3.46
CA SER A 6 -20.73 -1.57 2.59
C SER A 6 -20.74 -0.05 2.76
N GLY A 7 -19.56 0.51 2.99
CA GLY A 7 -19.45 1.95 3.16
C GLY A 7 -19.15 2.35 4.60
N SER A 8 -18.06 3.08 4.78
CA SER A 8 -17.65 3.52 6.12
C SER A 8 -16.74 4.74 6.03
N ARG A 9 -16.47 5.34 7.18
CA ARG A 9 -15.61 6.52 7.24
C ARG A 9 -14.22 6.21 6.69
N GLY A 10 -13.60 5.16 7.21
CA GLY A 10 -12.28 4.78 6.76
C GLY A 10 -11.65 3.70 7.63
N GLU A 11 -11.58 2.49 7.10
CA GLU A 11 -11.01 1.37 7.83
C GLU A 11 -9.67 0.96 7.23
N ASP A 12 -8.62 0.98 8.05
CA ASP A 12 -7.28 0.60 7.60
C ASP A 12 -7.01 1.16 6.20
N ARG A 13 -7.25 2.45 6.03
CA ARG A 13 -7.02 3.10 4.74
C ARG A 13 -5.61 2.84 4.23
N LYS A 14 -4.62 3.24 5.02
CA LYS A 14 -3.22 3.05 4.66
C LYS A 14 -3.01 1.69 4.01
N LEU A 15 -2.12 1.62 3.02
CA LEU A 15 -1.83 0.38 2.33
C LEU A 15 -0.33 0.10 2.31
N PHE A 16 0.03 -1.15 2.53
CA PHE A 16 1.44 -1.56 2.54
C PHE A 16 1.90 -1.97 1.14
N VAL A 17 2.72 -1.14 0.53
CA VAL A 17 3.24 -1.42 -0.80
C VAL A 17 4.64 -2.01 -0.74
N GLY A 18 4.86 -3.11 -1.47
CA GLY A 18 6.16 -3.74 -1.48
C GLY A 18 6.72 -3.90 -2.88
N MET A 19 7.89 -4.52 -2.98
CA MET A 19 8.53 -4.73 -4.27
C MET A 19 8.81 -3.39 -4.96
N LEU A 20 9.28 -2.41 -4.19
CA LEU A 20 9.58 -1.09 -4.72
C LEU A 20 11.08 -0.95 -5.00
N GLY A 21 11.44 0.05 -5.79
CA GLY A 21 12.83 0.29 -6.12
C GLY A 21 13.27 1.71 -5.82
N LYS A 22 14.57 1.90 -5.63
CA LYS A 22 15.12 3.21 -5.34
C LYS A 22 14.70 4.22 -6.40
N GLN A 23 14.80 3.83 -7.67
CA GLN A 23 14.43 4.71 -8.77
C GLN A 23 13.11 5.43 -8.48
N GLN A 24 12.10 4.66 -8.11
CA GLN A 24 10.79 5.22 -7.81
C GLN A 24 10.79 5.89 -6.44
N THR A 25 10.05 6.98 -6.31
CA THR A 25 9.96 7.71 -5.05
C THR A 25 8.51 8.05 -4.70
N ASP A 26 8.30 8.56 -3.50
CA ASP A 26 6.97 8.93 -3.05
C ASP A 26 6.21 9.65 -4.15
N GLU A 27 6.90 10.52 -4.89
CA GLU A 27 6.29 11.26 -5.97
C GLU A 27 5.65 10.33 -6.99
N ASP A 28 6.40 9.32 -7.41
CA ASP A 28 5.92 8.35 -8.38
C ASP A 28 4.72 7.57 -7.84
N VAL A 29 4.97 6.78 -6.79
CA VAL A 29 3.91 5.99 -6.18
C VAL A 29 2.61 6.78 -6.08
N ARG A 30 2.66 7.92 -5.40
CA ARG A 30 1.49 8.77 -5.24
C ARG A 30 0.80 8.99 -6.57
N LYS A 31 1.50 9.61 -7.51
CA LYS A 31 0.95 9.89 -8.83
C LYS A 31 0.54 8.59 -9.54
N MET A 32 1.13 7.49 -9.10
CA MET A 32 0.83 6.18 -9.69
C MET A 32 -0.40 5.56 -9.01
N PHE A 33 -0.71 6.03 -7.81
CA PHE A 33 -1.85 5.52 -7.06
C PHE A 33 -3.03 6.48 -7.15
N GLU A 34 -2.77 7.69 -7.63
CA GLU A 34 -3.82 8.70 -7.78
C GLU A 34 -4.87 8.24 -8.77
N PRO A 35 -4.43 7.65 -9.89
CA PRO A 35 -5.33 7.17 -10.94
C PRO A 35 -6.48 6.33 -10.37
N PHE A 36 -6.35 5.92 -9.12
CA PHE A 36 -7.37 5.11 -8.47
C PHE A 36 -7.94 5.84 -7.25
N GLY A 37 -7.97 7.17 -7.32
CA GLY A 37 -8.48 7.96 -6.22
C GLY A 37 -7.50 8.99 -5.73
N THR A 38 -7.92 9.81 -4.77
CA THR A 38 -7.06 10.86 -4.22
C THR A 38 -6.29 10.35 -3.00
N ILE A 39 -5.03 10.75 -2.89
CA ILE A 39 -4.19 10.34 -1.78
C ILE A 39 -4.10 11.43 -0.72
N ASP A 40 -4.26 11.03 0.54
CA ASP A 40 -4.20 11.97 1.64
C ASP A 40 -2.81 11.99 2.26
N GLU A 41 -2.23 10.80 2.46
CA GLU A 41 -0.90 10.69 3.04
C GLU A 41 -0.07 9.65 2.29
N CYS A 42 1.23 9.90 2.23
CA CYS A 42 2.15 8.98 1.54
C CYS A 42 3.58 9.20 2.01
N THR A 43 4.32 8.11 2.20
CA THR A 43 5.70 8.17 2.64
C THR A 43 6.43 6.87 2.39
N VAL A 44 7.69 6.95 1.99
CA VAL A 44 8.49 5.77 1.72
C VAL A 44 9.38 5.41 2.91
N LEU A 45 9.61 4.12 3.11
CA LEU A 45 10.44 3.65 4.21
C LEU A 45 11.85 3.31 3.73
N ARG A 46 12.85 3.80 4.44
CA ARG A 46 14.25 3.54 4.10
C ARG A 46 15.02 2.99 5.29
N GLY A 47 16.24 2.55 5.04
CA GLY A 47 17.07 1.99 6.10
C GLY A 47 18.04 3.01 6.66
N PRO A 48 18.89 2.56 7.60
CA PRO A 48 19.89 3.43 8.24
C PRO A 48 20.64 4.30 7.23
N ASP A 49 21.38 3.66 6.33
CA ASP A 49 22.14 4.37 5.32
C ASP A 49 21.27 5.41 4.62
N GLY A 50 20.12 4.97 4.14
CA GLY A 50 19.21 5.87 3.44
C GLY A 50 18.76 5.33 2.10
N THR A 51 18.68 4.00 1.99
CA THR A 51 18.28 3.36 0.75
C THR A 51 16.83 2.90 0.82
N SER A 52 16.13 2.98 -0.30
CA SER A 52 14.73 2.57 -0.36
C SER A 52 14.58 1.08 -0.09
N LYS A 53 14.34 0.75 1.17
CA LYS A 53 14.18 -0.65 1.57
C LYS A 53 13.42 -1.44 0.51
N GLY A 54 12.40 -0.82 -0.07
CA GLY A 54 11.63 -1.48 -1.10
C GLY A 54 10.14 -1.53 -0.76
N CYS A 55 9.68 -0.55 0.01
CA CYS A 55 8.27 -0.50 0.42
C CYS A 55 7.90 0.90 0.89
N ALA A 56 6.62 1.24 0.75
CA ALA A 56 6.14 2.55 1.16
C ALA A 56 4.69 2.46 1.66
N PHE A 57 4.27 3.49 2.39
CA PHE A 57 2.91 3.54 2.93
C PHE A 57 2.07 4.56 2.19
N VAL A 58 0.95 4.11 1.63
CA VAL A 58 0.05 4.99 0.89
C VAL A 58 -1.34 5.02 1.52
N LYS A 59 -1.83 6.22 1.78
CA LYS A 59 -3.14 6.39 2.40
C LYS A 59 -4.10 7.12 1.44
N PHE A 60 -5.25 6.50 1.18
CA PHE A 60 -6.24 7.09 0.30
C PHE A 60 -7.24 7.94 1.08
N GLN A 61 -8.03 8.74 0.36
CA GLN A 61 -9.02 9.60 0.99
C GLN A 61 -10.20 8.78 1.51
N THR A 62 -10.61 7.78 0.74
CA THR A 62 -11.72 6.91 1.13
C THR A 62 -11.39 5.45 0.89
N HIS A 63 -11.79 4.59 1.82
CA HIS A 63 -11.53 3.16 1.71
C HIS A 63 -11.76 2.68 0.28
N ALA A 64 -12.98 2.91 -0.23
CA ALA A 64 -13.32 2.50 -1.58
C ALA A 64 -12.12 2.66 -2.52
N GLU A 65 -11.71 3.90 -2.75
CA GLU A 65 -10.58 4.18 -3.62
C GLU A 65 -9.41 3.25 -3.32
N ALA A 66 -9.00 3.21 -2.05
CA ALA A 66 -7.90 2.37 -1.62
C ALA A 66 -8.01 0.97 -2.22
N GLN A 67 -9.18 0.36 -2.08
CA GLN A 67 -9.42 -0.98 -2.60
C GLN A 67 -9.28 -1.00 -4.12
N ALA A 68 -9.90 -0.04 -4.79
CA ALA A 68 -9.83 0.05 -6.24
C ALA A 68 -8.40 -0.11 -6.74
N ALA A 69 -7.49 0.67 -6.16
CA ALA A 69 -6.08 0.61 -6.54
C ALA A 69 -5.55 -0.81 -6.45
N ILE A 70 -5.62 -1.40 -5.27
CA ILE A 70 -5.14 -2.76 -5.05
C ILE A 70 -5.75 -3.72 -6.08
N ASN A 71 -7.07 -3.71 -6.18
CA ASN A 71 -7.77 -4.57 -7.12
C ASN A 71 -6.96 -4.76 -8.40
N THR A 72 -6.35 -3.68 -8.88
CA THR A 72 -5.55 -3.72 -10.09
C THR A 72 -4.07 -3.64 -9.76
N LEU A 73 -3.62 -2.49 -9.27
CA LEU A 73 -2.22 -2.29 -8.91
C LEU A 73 -1.63 -3.56 -8.32
N HIS A 74 -2.31 -4.13 -7.33
CA HIS A 74 -1.85 -5.35 -6.68
C HIS A 74 -1.30 -6.34 -7.70
N SER A 75 0.00 -6.59 -7.63
CA SER A 75 0.64 -7.51 -8.56
C SER A 75 0.31 -7.16 -10.01
N SER A 76 0.40 -5.87 -10.34
CA SER A 76 0.10 -5.40 -11.68
C SER A 76 1.38 -5.29 -12.52
N ARG A 77 2.17 -4.27 -12.25
CA ARG A 77 3.42 -4.05 -12.97
C ARG A 77 4.61 -4.54 -12.16
N THR A 78 5.79 -4.47 -12.76
CA THR A 78 7.02 -4.91 -12.09
C THR A 78 8.12 -3.87 -12.20
N LEU A 79 8.07 -2.88 -11.33
CA LEU A 79 9.08 -1.81 -11.33
C LEU A 79 10.45 -2.36 -11.69
N PRO A 80 11.22 -1.57 -12.45
CA PRO A 80 12.57 -1.95 -12.88
C PRO A 80 13.41 -2.49 -11.73
N GLY A 81 13.81 -3.76 -11.84
CA GLY A 81 14.62 -4.37 -10.80
C GLY A 81 13.79 -4.77 -9.59
N ALA A 82 12.71 -5.50 -9.82
CA ALA A 82 11.84 -5.95 -8.74
C ALA A 82 11.43 -7.40 -8.93
N SER A 83 11.96 -8.29 -8.08
CA SER A 83 11.65 -9.71 -8.17
C SER A 83 10.22 -9.92 -8.67
N SER A 84 9.25 -9.68 -7.79
CA SER A 84 7.85 -9.85 -8.14
C SER A 84 7.20 -8.51 -8.46
N SER A 85 5.96 -8.56 -8.94
CA SER A 85 5.23 -7.34 -9.31
C SER A 85 5.01 -6.46 -8.08
N LEU A 86 4.35 -5.33 -8.28
CA LEU A 86 4.08 -4.40 -7.19
C LEU A 86 3.13 -5.02 -6.17
N VAL A 87 3.70 -5.55 -5.09
CA VAL A 87 2.90 -6.16 -4.04
C VAL A 87 2.13 -5.12 -3.25
N VAL A 88 0.86 -4.93 -3.60
CA VAL A 88 0.02 -3.95 -2.93
C VAL A 88 -1.03 -4.65 -2.06
N LYS A 89 -0.91 -4.48 -0.75
CA LYS A 89 -1.85 -5.09 0.19
C LYS A 89 -1.99 -4.24 1.44
N PHE A 90 -3.15 -4.35 2.10
CA PHE A 90 -3.41 -3.59 3.32
C PHE A 90 -2.35 -3.89 4.38
N ALA A 91 -1.82 -2.83 4.98
CA ALA A 91 -0.80 -2.96 6.02
C ALA A 91 -1.24 -3.97 7.08
N ASP A 92 -0.28 -4.44 7.87
CA ASP A 92 -0.56 -5.41 8.93
C ASP A 92 -0.48 -4.75 10.30
N THR A 93 0.71 -4.26 10.64
CA THR A 93 0.92 -3.61 11.94
C THR A 93 -0.09 -2.49 12.16
N GLU A 94 -0.21 -2.04 13.40
CA GLU A 94 -1.14 -0.96 13.75
C GLU A 94 -0.50 0.00 14.74
N LYS A 95 -0.99 1.23 14.76
CA LYS A 95 -0.49 2.26 15.66
C LYS A 95 -1.58 2.74 16.61
N GLU A 96 -1.78 1.99 17.69
CA GLU A 96 -2.80 2.34 18.68
C GLU A 96 -2.29 3.45 19.61
N SER A 97 -3.11 4.49 19.78
CA SER A 97 -2.74 5.61 20.64
C SER A 97 -3.52 5.57 21.95
N GLY A 98 -2.80 5.51 23.06
CA GLY A 98 -3.44 5.46 24.36
C GLY A 98 -3.52 4.06 24.92
N PRO A 99 -3.36 3.93 26.25
CA PRO A 99 -3.41 2.63 26.94
C PRO A 99 -4.84 2.16 27.15
N SER A 100 -5.24 1.14 26.39
CA SER A 100 -6.59 0.59 26.50
C SER A 100 -6.54 -0.91 26.77
N SER A 101 -5.77 -1.63 25.96
CA SER A 101 -5.63 -3.07 26.12
C SER A 101 -4.99 -3.43 27.46
N GLY A 102 -5.52 -4.46 28.11
CA GLY A 102 -4.99 -4.87 29.40
C GLY A 102 -6.06 -5.42 30.32
N GLY A 1 -25.05 -7.97 -17.48
CA GLY A 1 -25.26 -8.20 -16.06
C GLY A 1 -23.97 -8.14 -15.27
N SER A 2 -23.90 -7.19 -14.35
CA SER A 2 -22.71 -7.02 -13.52
C SER A 2 -23.09 -6.71 -12.08
N SER A 3 -22.20 -7.04 -11.15
CA SER A 3 -22.44 -6.80 -9.73
C SER A 3 -22.10 -5.37 -9.35
N GLY A 4 -22.38 -5.00 -8.10
CA GLY A 4 -22.10 -3.66 -7.64
C GLY A 4 -22.80 -3.33 -6.33
N SER A 5 -22.25 -2.37 -5.61
CA SER A 5 -22.83 -1.97 -4.32
C SER A 5 -22.48 -0.52 -3.99
N SER A 6 -23.33 0.12 -3.20
CA SER A 6 -23.12 1.52 -2.82
C SER A 6 -22.66 1.61 -1.37
N GLY A 7 -21.34 1.58 -1.17
CA GLY A 7 -20.79 1.67 0.16
C GLY A 7 -20.29 0.33 0.67
N SER A 8 -18.98 0.20 0.84
CA SER A 8 -18.38 -1.04 1.33
C SER A 8 -17.80 -0.85 2.73
N ARG A 9 -17.57 -1.96 3.42
CA ARG A 9 -17.01 -1.92 4.76
C ARG A 9 -15.49 -1.97 4.72
N GLY A 10 -14.86 -1.23 5.65
CA GLY A 10 -13.41 -1.21 5.70
C GLY A 10 -12.88 0.09 6.29
N GLU A 11 -13.00 0.22 7.62
CA GLU A 11 -12.53 1.42 8.30
C GLU A 11 -11.11 1.77 7.87
N ASP A 12 -10.19 0.83 8.05
CA ASP A 12 -8.80 1.04 7.67
C ASP A 12 -8.68 1.47 6.22
N ARG A 13 -7.71 2.33 5.93
CA ARG A 13 -7.50 2.82 4.57
C ARG A 13 -6.05 2.63 4.15
N LYS A 14 -5.13 3.12 4.96
CA LYS A 14 -3.70 3.00 4.67
C LYS A 14 -3.40 1.67 3.98
N LEU A 15 -2.54 1.73 2.97
CA LEU A 15 -2.17 0.53 2.22
C LEU A 15 -0.66 0.30 2.28
N PHE A 16 -0.26 -0.97 2.35
CA PHE A 16 1.16 -1.31 2.42
C PHE A 16 1.66 -1.80 1.06
N VAL A 17 2.53 -1.00 0.44
CA VAL A 17 3.08 -1.34 -0.87
C VAL A 17 4.48 -1.96 -0.73
N GLY A 18 4.81 -2.85 -1.65
CA GLY A 18 6.11 -3.49 -1.61
C GLY A 18 6.68 -3.74 -3.00
N MET A 19 7.89 -4.29 -3.05
CA MET A 19 8.53 -4.57 -4.33
C MET A 19 8.77 -3.29 -5.12
N LEU A 20 9.27 -2.26 -4.43
CA LEU A 20 9.53 -0.98 -5.08
C LEU A 20 11.02 -0.84 -5.42
N GLY A 21 11.33 0.17 -6.22
CA GLY A 21 12.72 0.39 -6.61
C GLY A 21 13.22 1.77 -6.20
N LYS A 22 14.54 1.90 -6.07
CA LYS A 22 15.14 3.16 -5.68
C LYS A 22 14.71 4.29 -6.62
N GLN A 23 14.90 4.08 -7.92
CA GLN A 23 14.53 5.07 -8.92
C GLN A 23 13.25 5.81 -8.51
N GLN A 24 12.15 5.07 -8.44
CA GLN A 24 10.87 5.66 -8.07
C GLN A 24 11.00 6.46 -6.77
N THR A 25 10.11 7.44 -6.60
CA THR A 25 10.14 8.27 -5.41
C THR A 25 8.72 8.50 -4.88
N ASP A 26 8.62 9.06 -3.66
CA ASP A 26 7.33 9.32 -3.05
C ASP A 26 6.40 10.03 -4.03
N GLU A 27 6.98 10.74 -4.99
CA GLU A 27 6.20 11.46 -5.99
C GLU A 27 5.57 10.49 -6.99
N ASP A 28 6.35 9.52 -7.44
CA ASP A 28 5.88 8.53 -8.40
C ASP A 28 4.72 7.72 -7.80
N VAL A 29 4.98 7.01 -6.72
CA VAL A 29 3.97 6.20 -6.06
C VAL A 29 2.66 6.96 -5.94
N ARG A 30 2.73 8.15 -5.33
CA ARG A 30 1.54 8.98 -5.14
C ARG A 30 0.78 9.14 -6.45
N LYS A 31 1.39 9.82 -7.41
CA LYS A 31 0.78 10.04 -8.71
C LYS A 31 0.45 8.72 -9.39
N MET A 32 1.13 7.66 -8.96
CA MET A 32 0.91 6.33 -9.54
C MET A 32 -0.29 5.65 -8.90
N PHE A 33 -0.64 6.08 -7.69
CA PHE A 33 -1.77 5.51 -6.97
C PHE A 33 -2.95 6.48 -6.98
N GLU A 34 -2.75 7.67 -7.54
CA GLU A 34 -3.80 8.66 -7.61
C GLU A 34 -4.91 8.23 -8.57
N PRO A 35 -4.50 7.65 -9.71
CA PRO A 35 -5.45 7.17 -10.72
C PRO A 35 -6.57 6.33 -10.12
N PHE A 36 -6.37 5.90 -8.88
CA PHE A 36 -7.37 5.08 -8.19
C PHE A 36 -7.88 5.78 -6.94
N GLY A 37 -7.93 7.12 -6.99
CA GLY A 37 -8.40 7.89 -5.86
C GLY A 37 -7.39 8.93 -5.40
N THR A 38 -7.81 9.80 -4.49
CA THR A 38 -6.94 10.84 -3.97
C THR A 38 -6.19 10.37 -2.73
N ILE A 39 -4.90 10.69 -2.67
CA ILE A 39 -4.07 10.30 -1.52
C ILE A 39 -3.91 11.45 -0.54
N ASP A 40 -4.04 11.14 0.75
CA ASP A 40 -3.90 12.15 1.79
C ASP A 40 -2.49 12.18 2.34
N GLU A 41 -1.84 11.02 2.36
CA GLU A 41 -0.47 10.91 2.85
C GLU A 41 0.28 9.80 2.13
N CYS A 42 1.60 9.81 2.27
CA CYS A 42 2.45 8.81 1.63
C CYS A 42 3.89 8.93 2.10
N THR A 43 4.52 7.79 2.38
CA THR A 43 5.90 7.77 2.85
C THR A 43 6.58 6.46 2.49
N VAL A 44 7.77 6.55 1.90
CA VAL A 44 8.52 5.37 1.51
C VAL A 44 9.43 4.90 2.64
N LEU A 45 9.24 3.66 3.06
CA LEU A 45 10.05 3.08 4.14
C LEU A 45 11.50 2.90 3.70
N ARG A 46 12.43 3.24 4.59
CA ARG A 46 13.85 3.11 4.29
C ARG A 46 14.62 2.65 5.52
N GLY A 47 15.89 2.30 5.32
CA GLY A 47 16.71 1.84 6.42
C GLY A 47 17.31 2.99 7.21
N PRO A 48 18.50 2.75 7.79
CA PRO A 48 19.20 3.77 8.59
C PRO A 48 19.88 4.82 7.73
N ASP A 49 20.60 4.36 6.71
CA ASP A 49 21.30 5.27 5.80
C ASP A 49 20.31 6.13 5.02
N GLY A 50 19.32 5.48 4.41
CA GLY A 50 18.32 6.20 3.63
C GLY A 50 18.05 5.55 2.29
N THR A 51 18.05 4.22 2.26
CA THR A 51 17.82 3.49 1.03
C THR A 51 16.40 2.90 1.01
N SER A 52 15.73 3.04 -0.13
CA SER A 52 14.37 2.53 -0.28
C SER A 52 14.36 1.01 -0.26
N LYS A 53 14.02 0.44 0.90
CA LYS A 53 13.96 -1.01 1.06
C LYS A 53 13.10 -1.64 -0.02
N GLY A 54 12.17 -0.86 -0.57
CA GLY A 54 11.28 -1.37 -1.61
C GLY A 54 9.84 -1.42 -1.16
N CYS A 55 9.49 -0.59 -0.18
CA CYS A 55 8.12 -0.54 0.33
C CYS A 55 7.74 0.88 0.74
N ALA A 56 6.44 1.15 0.77
CA ALA A 56 5.95 2.47 1.15
C ALA A 56 4.48 2.40 1.57
N PHE A 57 4.08 3.35 2.41
CA PHE A 57 2.70 3.40 2.89
C PHE A 57 1.90 4.46 2.14
N VAL A 58 0.76 4.06 1.59
CA VAL A 58 -0.10 4.97 0.85
C VAL A 58 -1.45 5.14 1.53
N LYS A 59 -1.78 6.37 1.91
CA LYS A 59 -3.04 6.66 2.57
C LYS A 59 -4.03 7.28 1.59
N PHE A 60 -5.09 6.54 1.28
CA PHE A 60 -6.12 7.02 0.36
C PHE A 60 -7.15 7.86 1.10
N GLN A 61 -7.94 8.62 0.33
CA GLN A 61 -8.97 9.48 0.91
C GLN A 61 -10.08 8.64 1.55
N THR A 62 -10.40 7.51 0.92
CA THR A 62 -11.44 6.62 1.41
C THR A 62 -11.12 5.16 1.09
N HIS A 63 -11.80 4.25 1.78
CA HIS A 63 -11.58 2.82 1.57
C HIS A 63 -11.91 2.44 0.12
N ALA A 64 -13.12 2.73 -0.31
CA ALA A 64 -13.54 2.42 -1.67
C ALA A 64 -12.39 2.58 -2.65
N GLU A 65 -11.74 3.73 -2.62
CA GLU A 65 -10.62 4.01 -3.50
C GLU A 65 -9.48 3.03 -3.26
N ALA A 66 -9.02 2.94 -2.01
CA ALA A 66 -7.94 2.04 -1.65
C ALA A 66 -8.12 0.68 -2.31
N GLN A 67 -9.31 0.12 -2.18
CA GLN A 67 -9.60 -1.19 -2.77
C GLN A 67 -9.40 -1.17 -4.28
N ALA A 68 -9.80 -0.07 -4.91
CA ALA A 68 -9.67 0.08 -6.35
C ALA A 68 -8.24 -0.23 -6.80
N ALA A 69 -7.28 0.47 -6.21
CA ALA A 69 -5.87 0.27 -6.55
C ALA A 69 -5.49 -1.20 -6.44
N ILE A 70 -5.47 -1.72 -5.22
CA ILE A 70 -5.11 -3.11 -4.98
C ILE A 70 -5.72 -4.02 -6.04
N ASN A 71 -7.04 -3.93 -6.21
CA ASN A 71 -7.74 -4.75 -7.19
C ASN A 71 -6.93 -4.88 -8.47
N THR A 72 -6.30 -3.78 -8.88
CA THR A 72 -5.48 -3.77 -10.09
C THR A 72 -3.99 -3.70 -9.75
N LEU A 73 -3.57 -2.55 -9.24
CA LEU A 73 -2.16 -2.36 -8.88
C LEU A 73 -1.56 -3.64 -8.31
N HIS A 74 -2.25 -4.22 -7.33
CA HIS A 74 -1.78 -5.46 -6.71
C HIS A 74 -1.20 -6.41 -7.75
N SER A 75 0.09 -6.69 -7.63
CA SER A 75 0.77 -7.58 -8.57
C SER A 75 0.39 -7.25 -10.02
N SER A 76 0.54 -5.98 -10.37
CA SER A 76 0.22 -5.51 -11.71
C SER A 76 1.48 -5.39 -12.56
N ARG A 77 2.27 -4.36 -12.30
CA ARG A 77 3.50 -4.13 -13.05
C ARG A 77 4.71 -4.61 -12.26
N THR A 78 5.88 -4.56 -12.88
CA THR A 78 7.11 -5.00 -12.23
C THR A 78 8.24 -3.98 -12.45
N LEU A 79 8.32 -2.99 -11.56
CA LEU A 79 9.34 -1.97 -11.65
C LEU A 79 10.71 -2.58 -11.91
N PRO A 80 11.52 -1.90 -12.73
CA PRO A 80 12.88 -2.35 -13.08
C PRO A 80 13.66 -2.80 -11.86
N GLY A 81 14.03 -4.07 -11.83
CA GLY A 81 14.80 -4.61 -10.70
C GLY A 81 13.93 -4.90 -9.50
N ALA A 82 12.89 -5.70 -9.70
CA ALA A 82 11.97 -6.06 -8.62
C ALA A 82 11.58 -7.53 -8.71
N SER A 83 12.06 -8.32 -7.76
CA SER A 83 11.77 -9.75 -7.73
C SER A 83 10.37 -10.02 -8.28
N SER A 84 9.35 -9.72 -7.48
CA SER A 84 7.97 -9.94 -7.88
C SER A 84 7.33 -8.64 -8.37
N SER A 85 6.04 -8.69 -8.68
CA SER A 85 5.32 -7.52 -9.16
C SER A 85 5.05 -6.54 -8.02
N LEU A 86 4.40 -5.43 -8.35
CA LEU A 86 4.08 -4.41 -7.34
C LEU A 86 3.09 -4.95 -6.32
N VAL A 87 3.62 -5.46 -5.21
CA VAL A 87 2.79 -6.00 -4.14
C VAL A 87 2.03 -4.90 -3.42
N VAL A 88 0.70 -4.95 -3.48
CA VAL A 88 -0.14 -3.95 -2.82
C VAL A 88 -1.22 -4.61 -1.98
N LYS A 89 -1.22 -4.30 -0.68
CA LYS A 89 -2.21 -4.87 0.23
C LYS A 89 -2.58 -3.85 1.31
N PHE A 90 -3.47 -4.26 2.22
CA PHE A 90 -3.91 -3.38 3.29
C PHE A 90 -2.93 -3.42 4.47
N ALA A 91 -2.88 -2.33 5.22
CA ALA A 91 -1.99 -2.23 6.36
C ALA A 91 -2.75 -2.45 7.68
N ASP A 92 -2.86 -3.70 8.09
CA ASP A 92 -3.56 -4.03 9.32
C ASP A 92 -2.74 -4.99 10.18
N THR A 93 -1.79 -4.42 10.93
CA THR A 93 -0.93 -5.23 11.79
C THR A 93 -1.46 -5.27 13.22
N GLU A 94 -1.29 -6.42 13.88
CA GLU A 94 -1.76 -6.59 15.24
C GLU A 94 -1.17 -7.86 15.86
N LYS A 95 -0.63 -7.72 17.07
CA LYS A 95 -0.04 -8.84 17.77
C LYS A 95 -0.99 -9.40 18.83
N GLU A 96 -1.56 -10.57 18.54
CA GLU A 96 -2.50 -11.21 19.46
C GLU A 96 -1.83 -11.52 20.79
N SER A 97 -2.57 -11.35 21.87
CA SER A 97 -2.04 -11.61 23.21
C SER A 97 -2.27 -13.06 23.61
N GLY A 98 -3.53 -13.48 23.61
CA GLY A 98 -3.86 -14.84 23.97
C GLY A 98 -4.03 -15.02 25.47
N PRO A 99 -5.28 -14.95 25.95
CA PRO A 99 -5.59 -15.10 27.37
C PRO A 99 -4.86 -16.28 28.01
N SER A 100 -4.55 -16.14 29.29
CA SER A 100 -3.83 -17.19 30.02
C SER A 100 -4.73 -18.41 30.22
N SER A 101 -4.76 -19.29 29.23
CA SER A 101 -5.57 -20.50 29.29
C SER A 101 -5.21 -21.47 28.18
N GLY A 102 -5.57 -22.73 28.36
CA GLY A 102 -5.27 -23.74 27.35
C GLY A 102 -6.10 -25.00 27.53
#